data_1V32
#
_entry.id   1V32
#
_entity_poly.entity_id   1
_entity_poly.type   'polypeptide(L)'
_entity_poly.pdbx_seq_one_letter_code
;GSSGSSGKRFEFVGWGSRQLIEFLHSLGKDTSEMISRYDVSDTIAKYISKEGLLDPSNKKKVVCDKRLVLLFGTRTIFRM
KVYDLLEKHYKENQDSGPSSG
;
_entity_poly.pdbx_strand_id   A
#
# COMPACT_ATOMS: atom_id res chain seq x y z
N GLY A 1 27.71 -13.87 1.83
CA GLY A 1 26.33 -13.91 2.28
C GLY A 1 25.84 -15.36 2.42
N SER A 2 24.86 -15.54 3.28
CA SER A 2 24.31 -16.86 3.52
C SER A 2 23.18 -16.77 4.55
N SER A 3 21.95 -16.74 4.05
CA SER A 3 20.79 -16.66 4.92
C SER A 3 19.61 -17.38 4.26
N GLY A 4 18.60 -17.64 5.08
CA GLY A 4 17.41 -18.33 4.60
C GLY A 4 16.68 -17.48 3.57
N SER A 5 15.37 -17.67 3.51
CA SER A 5 14.54 -16.94 2.58
C SER A 5 13.09 -16.89 3.06
N SER A 6 12.53 -18.07 3.27
CA SER A 6 11.16 -18.18 3.74
C SER A 6 10.74 -19.65 3.83
N GLY A 7 10.13 -19.99 4.95
CA GLY A 7 9.69 -21.36 5.17
C GLY A 7 8.24 -21.39 5.67
N LYS A 8 7.44 -22.21 5.01
CA LYS A 8 6.03 -22.35 5.37
C LYS A 8 5.34 -21.00 5.14
N ARG A 9 4.97 -20.76 3.90
CA ARG A 9 4.29 -19.53 3.54
C ARG A 9 2.88 -19.50 4.15
N PHE A 10 2.46 -18.31 4.57
CA PHE A 10 1.15 -18.14 5.16
C PHE A 10 0.50 -16.84 4.69
N GLU A 11 -0.75 -16.66 5.09
CA GLU A 11 -1.49 -15.47 4.72
C GLU A 11 -0.62 -14.22 4.91
N PHE A 12 -0.74 -13.30 3.97
CA PHE A 12 0.02 -12.07 4.02
C PHE A 12 1.52 -12.35 4.06
N VAL A 13 2.29 -11.29 4.15
CA VAL A 13 3.75 -11.40 4.20
C VAL A 13 4.29 -10.48 5.29
N GLY A 14 4.05 -10.85 6.53
CA GLY A 14 4.50 -10.07 7.66
C GLY A 14 3.34 -9.42 8.40
N TRP A 15 3.18 -8.12 8.17
CA TRP A 15 2.10 -7.37 8.80
C TRP A 15 1.16 -6.88 7.70
N GLY A 16 1.75 -6.47 6.59
CA GLY A 16 0.97 -5.99 5.46
C GLY A 16 0.96 -7.01 4.32
N SER A 17 0.04 -6.80 3.39
CA SER A 17 -0.08 -7.69 2.26
C SER A 17 1.09 -7.47 1.29
N ARG A 18 1.46 -8.55 0.62
CA ARG A 18 2.55 -8.50 -0.33
C ARG A 18 2.43 -7.25 -1.22
N GLN A 19 1.23 -7.03 -1.71
CA GLN A 19 0.97 -5.88 -2.57
C GLN A 19 1.62 -4.63 -1.97
N LEU A 20 1.22 -4.31 -0.75
CA LEU A 20 1.75 -3.15 -0.06
C LEU A 20 3.24 -3.35 0.18
N ILE A 21 3.58 -4.53 0.66
CA ILE A 21 4.98 -4.86 0.93
C ILE A 21 5.82 -4.58 -0.32
N GLU A 22 5.66 -5.44 -1.30
CA GLU A 22 6.40 -5.31 -2.54
C GLU A 22 6.50 -3.83 -2.94
N PHE A 23 5.35 -3.19 -3.00
CA PHE A 23 5.29 -1.79 -3.36
C PHE A 23 6.28 -0.96 -2.54
N LEU A 24 6.31 -1.26 -1.25
CA LEU A 24 7.22 -0.56 -0.35
C LEU A 24 8.66 -1.02 -0.60
N HIS A 25 8.78 -2.30 -0.91
CA HIS A 25 10.09 -2.87 -1.18
C HIS A 25 10.73 -2.15 -2.38
N SER A 26 9.97 -2.06 -3.46
CA SER A 26 10.44 -1.40 -4.66
C SER A 26 10.90 0.02 -4.33
N LEU A 27 9.96 0.81 -3.83
CA LEU A 27 10.25 2.19 -3.47
C LEU A 27 11.59 2.24 -2.72
N GLY A 28 11.86 1.19 -1.97
CA GLY A 28 13.09 1.10 -1.21
C GLY A 28 12.82 1.16 0.30
N LYS A 29 11.56 0.93 0.64
CA LYS A 29 11.15 0.95 2.04
C LYS A 29 11.54 -0.38 2.69
N ASP A 30 12.14 -0.26 3.87
CA ASP A 30 12.57 -1.44 4.61
C ASP A 30 11.41 -1.94 5.48
N THR A 31 10.63 -2.84 4.91
CA THR A 31 9.49 -3.39 5.63
C THR A 31 9.97 -4.34 6.72
N SER A 32 10.73 -3.78 7.65
CA SER A 32 11.27 -4.56 8.75
C SER A 32 10.23 -4.63 9.89
N GLU A 33 9.98 -3.47 10.49
CA GLU A 33 9.02 -3.39 11.57
C GLU A 33 7.75 -2.69 11.11
N MET A 34 6.62 -3.18 11.61
CA MET A 34 5.33 -2.60 11.25
C MET A 34 5.42 -1.08 11.12
N ILE A 35 5.28 -0.61 9.90
CA ILE A 35 5.34 0.81 9.63
C ILE A 35 3.95 1.43 9.84
N SER A 36 3.96 2.70 10.19
CA SER A 36 2.72 3.42 10.44
C SER A 36 2.04 3.76 9.11
N ARG A 37 0.75 3.47 9.05
CA ARG A 37 -0.03 3.74 7.84
C ARG A 37 0.26 5.15 7.33
N TYR A 38 0.04 6.12 8.21
CA TYR A 38 0.26 7.51 7.86
C TYR A 38 1.54 7.66 7.04
N ASP A 39 2.57 6.95 7.47
CA ASP A 39 3.86 7.01 6.79
C ASP A 39 3.69 6.49 5.35
N VAL A 40 3.40 5.20 5.25
CA VAL A 40 3.21 4.58 3.95
C VAL A 40 2.33 5.48 3.08
N SER A 41 1.25 5.95 3.67
CA SER A 41 0.32 6.82 2.97
C SER A 41 1.04 8.10 2.54
N ASP A 42 1.79 8.66 3.48
CA ASP A 42 2.52 9.88 3.20
C ASP A 42 3.47 9.65 2.02
N THR A 43 4.16 8.52 2.06
CA THR A 43 5.09 8.17 1.00
C THR A 43 4.36 8.03 -0.33
N ILE A 44 3.14 7.51 -0.25
CA ILE A 44 2.33 7.31 -1.44
C ILE A 44 1.99 8.67 -2.05
N ALA A 45 1.57 9.59 -1.19
CA ALA A 45 1.22 10.93 -1.64
C ALA A 45 2.41 11.55 -2.34
N LYS A 46 3.60 11.31 -1.79
CA LYS A 46 4.82 11.84 -2.36
C LYS A 46 5.11 11.14 -3.69
N TYR A 47 5.11 9.81 -3.63
CA TYR A 47 5.37 9.02 -4.82
C TYR A 47 4.43 9.40 -5.96
N ILE A 48 3.15 9.53 -5.62
CA ILE A 48 2.14 9.90 -6.60
C ILE A 48 2.62 11.14 -7.37
N SER A 49 3.06 12.13 -6.61
CA SER A 49 3.54 13.37 -7.21
C SER A 49 4.92 13.14 -7.83
N LYS A 50 5.79 12.53 -7.06
CA LYS A 50 7.14 12.25 -7.51
C LYS A 50 7.09 11.73 -8.95
N GLU A 51 6.31 10.68 -9.14
CA GLU A 51 6.16 10.09 -10.45
C GLU A 51 5.30 10.98 -11.35
N GLY A 52 4.21 11.47 -10.77
CA GLY A 52 3.30 12.34 -11.50
C GLY A 52 2.00 11.61 -11.82
N LEU A 53 1.49 10.90 -10.84
CA LEU A 53 0.26 10.15 -11.01
C LEU A 53 -0.93 11.09 -10.81
N LEU A 54 -0.65 12.23 -10.19
CA LEU A 54 -1.68 13.22 -9.93
C LEU A 54 -2.52 13.41 -11.19
N ASP A 55 -3.70 13.99 -11.01
CA ASP A 55 -4.60 14.23 -12.11
C ASP A 55 -4.69 15.74 -12.39
N PRO A 56 -4.75 16.08 -13.70
CA PRO A 56 -4.83 17.48 -14.10
C PRO A 56 -6.23 18.04 -13.85
N SER A 57 -7.22 17.21 -14.13
CA SER A 57 -8.61 17.61 -13.94
C SER A 57 -8.86 17.92 -12.46
N ASN A 58 -8.08 17.27 -11.61
CA ASN A 58 -8.21 17.46 -10.18
C ASN A 58 -7.06 16.77 -9.46
N LYS A 59 -6.13 17.57 -8.97
CA LYS A 59 -4.97 17.04 -8.27
C LYS A 59 -5.44 16.29 -7.02
N LYS A 60 -6.53 16.78 -6.45
CA LYS A 60 -7.08 16.16 -5.26
C LYS A 60 -7.22 14.65 -5.48
N LYS A 61 -7.35 14.28 -6.75
CA LYS A 61 -7.48 12.88 -7.10
C LYS A 61 -6.11 12.31 -7.45
N VAL A 62 -6.09 11.01 -7.70
CA VAL A 62 -4.84 10.33 -8.04
C VAL A 62 -5.11 9.33 -9.15
N VAL A 63 -4.30 9.43 -10.20
CA VAL A 63 -4.43 8.54 -11.34
C VAL A 63 -3.36 7.45 -11.26
N CYS A 64 -3.78 6.27 -10.82
CA CYS A 64 -2.87 5.15 -10.69
C CYS A 64 -2.17 4.94 -12.04
N ASP A 65 -0.93 4.51 -11.97
CA ASP A 65 -0.15 4.26 -13.17
C ASP A 65 0.05 2.75 -13.34
N LYS A 66 0.65 2.15 -12.32
CA LYS A 66 0.90 0.72 -12.35
C LYS A 66 1.09 0.21 -10.92
N ARG A 67 2.15 0.70 -10.30
CA ARG A 67 2.47 0.31 -8.93
C ARG A 67 1.21 0.39 -8.05
N LEU A 68 0.53 1.52 -8.15
CA LEU A 68 -0.68 1.74 -7.38
C LEU A 68 -1.71 0.67 -7.76
N VAL A 69 -1.78 0.38 -9.05
CA VAL A 69 -2.71 -0.61 -9.55
C VAL A 69 -2.39 -1.97 -8.93
N LEU A 70 -1.14 -2.39 -9.13
CA LEU A 70 -0.69 -3.67 -8.61
C LEU A 70 -0.88 -3.68 -7.09
N LEU A 71 -1.05 -2.50 -6.53
CA LEU A 71 -1.24 -2.36 -5.10
C LEU A 71 -2.74 -2.45 -4.79
N PHE A 72 -3.47 -1.43 -5.20
CA PHE A 72 -4.90 -1.37 -4.97
C PHE A 72 -5.65 -2.15 -6.05
N GLY A 73 -5.37 -1.78 -7.29
CA GLY A 73 -6.02 -2.44 -8.43
C GLY A 73 -7.03 -1.50 -9.09
N THR A 74 -6.94 -0.23 -8.73
CA THR A 74 -7.84 0.77 -9.28
C THR A 74 -7.09 1.71 -10.21
N ARG A 75 -7.85 2.40 -11.04
CA ARG A 75 -7.26 3.35 -11.99
C ARG A 75 -7.07 4.71 -11.32
N THR A 76 -8.10 5.14 -10.62
CA THR A 76 -8.05 6.42 -9.93
C THR A 76 -8.50 6.26 -8.48
N ILE A 77 -7.95 7.12 -7.63
CA ILE A 77 -8.29 7.08 -6.22
C ILE A 77 -8.15 8.50 -5.64
N PHE A 78 -8.49 8.61 -4.35
CA PHE A 78 -8.41 9.89 -3.67
C PHE A 78 -7.16 9.96 -2.78
N ARG A 79 -6.37 11.00 -3.02
CA ARG A 79 -5.14 11.20 -2.25
C ARG A 79 -5.39 10.86 -0.79
N MET A 80 -6.62 11.06 -0.36
CA MET A 80 -7.00 10.79 1.02
C MET A 80 -7.33 9.31 1.21
N LYS A 81 -8.14 8.79 0.30
CA LYS A 81 -8.53 7.39 0.36
C LYS A 81 -7.30 6.52 0.60
N VAL A 82 -6.17 7.02 0.14
CA VAL A 82 -4.91 6.30 0.30
C VAL A 82 -4.87 5.67 1.69
N TYR A 83 -5.05 6.52 2.69
CA TYR A 83 -5.04 6.06 4.07
C TYR A 83 -5.93 4.84 4.25
N ASP A 84 -7.16 4.96 3.76
CA ASP A 84 -8.12 3.87 3.86
C ASP A 84 -7.65 2.69 3.00
N LEU A 85 -7.33 3.01 1.76
CA LEU A 85 -6.87 2.00 0.82
C LEU A 85 -5.87 1.08 1.53
N LEU A 86 -4.99 1.69 2.31
CA LEU A 86 -3.99 0.94 3.03
C LEU A 86 -4.64 0.24 4.23
N GLU A 87 -5.55 0.97 4.87
CA GLU A 87 -6.25 0.43 6.02
C GLU A 87 -6.72 -1.00 5.74
N LYS A 88 -6.98 -1.27 4.47
CA LYS A 88 -7.42 -2.59 4.06
C LYS A 88 -6.21 -3.53 3.99
N HIS A 89 -5.29 -3.18 3.11
CA HIS A 89 -4.08 -3.98 2.94
C HIS A 89 -3.57 -4.44 4.30
N TYR A 90 -3.15 -3.48 5.09
CA TYR A 90 -2.64 -3.77 6.43
C TYR A 90 -3.50 -4.81 7.13
N LYS A 91 -2.84 -5.72 7.83
CA LYS A 91 -3.54 -6.78 8.54
C LYS A 91 -4.03 -6.23 9.88
N GLU A 92 -3.92 -7.06 10.91
CA GLU A 92 -4.35 -6.67 12.25
C GLU A 92 -5.87 -6.52 12.28
N ASN A 93 -6.51 -7.39 13.04
CA ASN A 93 -7.95 -7.36 13.17
C ASN A 93 -8.40 -5.93 13.48
N GLN A 94 -9.43 -5.51 12.77
CA GLN A 94 -9.97 -4.17 12.96
C GLN A 94 -11.45 -4.24 13.34
N ASP A 95 -11.70 -4.10 14.63
CA ASP A 95 -13.06 -4.14 15.14
C ASP A 95 -13.78 -2.84 14.77
N SER A 96 -14.99 -3.00 14.29
CA SER A 96 -15.80 -1.85 13.90
C SER A 96 -17.24 -2.28 13.63
N GLY A 97 -18.17 -1.51 14.16
CA GLY A 97 -19.58 -1.81 13.98
C GLY A 97 -20.37 -1.50 15.25
N PRO A 98 -21.72 -1.63 15.15
CA PRO A 98 -22.33 -2.06 13.89
C PRO A 98 -22.32 -0.91 12.87
N SER A 99 -22.70 -1.25 11.65
CA SER A 99 -22.74 -0.27 10.57
C SER A 99 -21.32 0.07 10.12
N SER A 100 -21.22 0.49 8.87
CA SER A 100 -19.93 0.85 8.30
C SER A 100 -19.84 2.37 8.14
N GLY A 101 -19.54 3.04 9.24
CA GLY A 101 -19.43 4.48 9.23
C GLY A 101 -17.96 4.91 9.26
N GLY A 1 -11.96 -24.32 -7.84
CA GLY A 1 -11.23 -23.54 -6.86
C GLY A 1 -11.85 -23.70 -5.46
N SER A 2 -11.01 -24.09 -4.52
CA SER A 2 -11.45 -24.29 -3.16
C SER A 2 -11.43 -22.96 -2.40
N SER A 3 -12.55 -22.24 -2.50
CA SER A 3 -12.67 -20.95 -1.83
C SER A 3 -14.08 -20.78 -1.29
N GLY A 4 -14.16 -20.26 -0.07
CA GLY A 4 -15.44 -20.04 0.58
C GLY A 4 -15.82 -18.56 0.54
N SER A 5 -16.09 -18.02 1.72
CA SER A 5 -16.46 -16.62 1.83
C SER A 5 -15.50 -15.75 1.02
N SER A 6 -15.96 -14.55 0.71
CA SER A 6 -15.15 -13.61 -0.06
C SER A 6 -14.54 -12.56 0.87
N GLY A 7 -13.26 -12.74 1.16
CA GLY A 7 -12.55 -11.82 2.03
C GLY A 7 -12.04 -12.53 3.29
N LYS A 8 -11.06 -13.40 3.07
CA LYS A 8 -10.48 -14.15 4.17
C LYS A 8 -8.98 -13.85 4.25
N ARG A 9 -8.47 -13.85 5.47
CA ARG A 9 -7.07 -13.58 5.70
C ARG A 9 -6.21 -14.66 5.05
N PHE A 10 -5.06 -14.24 4.55
CA PHE A 10 -4.13 -15.16 3.90
C PHE A 10 -2.73 -15.06 4.52
N GLU A 11 -1.77 -15.67 3.83
CA GLU A 11 -0.40 -15.66 4.30
C GLU A 11 0.27 -14.35 3.91
N PHE A 12 0.32 -13.43 4.87
CA PHE A 12 0.93 -12.13 4.64
C PHE A 12 2.46 -12.25 4.63
N VAL A 13 3.08 -11.38 3.83
CA VAL A 13 4.53 -11.37 3.71
C VAL A 13 5.10 -10.39 4.73
N GLY A 14 5.53 -10.94 5.85
CA GLY A 14 6.11 -10.13 6.92
C GLY A 14 5.03 -9.63 7.88
N TRP A 15 4.71 -8.36 7.74
CA TRP A 15 3.70 -7.75 8.59
C TRP A 15 2.53 -7.33 7.70
N GLY A 16 2.87 -6.78 6.54
CA GLY A 16 1.86 -6.34 5.59
C GLY A 16 1.77 -7.29 4.40
N SER A 17 0.73 -7.10 3.61
CA SER A 17 0.51 -7.93 2.44
C SER A 17 1.52 -7.58 1.34
N ARG A 18 1.70 -8.51 0.42
CA ARG A 18 2.64 -8.31 -0.67
C ARG A 18 2.31 -7.01 -1.42
N GLN A 19 1.04 -6.88 -1.79
CA GLN A 19 0.59 -5.70 -2.50
C GLN A 19 1.28 -4.45 -1.95
N LEU A 20 1.21 -4.32 -0.64
CA LEU A 20 1.82 -3.17 0.03
C LEU A 20 3.34 -3.37 0.09
N ILE A 21 3.72 -4.47 0.71
CA ILE A 21 5.14 -4.80 0.86
C ILE A 21 5.85 -4.50 -0.46
N GLU A 22 5.55 -5.33 -1.46
CA GLU A 22 6.14 -5.16 -2.77
C GLU A 22 6.25 -3.68 -3.14
N PHE A 23 5.08 -3.04 -3.20
CA PHE A 23 5.03 -1.63 -3.53
C PHE A 23 6.05 -0.83 -2.71
N LEU A 24 6.19 -1.23 -1.46
CA LEU A 24 7.13 -0.56 -0.56
C LEU A 24 8.55 -1.00 -0.90
N HIS A 25 8.65 -2.24 -1.35
CA HIS A 25 9.95 -2.80 -1.72
C HIS A 25 10.54 -2.03 -2.89
N SER A 26 9.70 -1.82 -3.90
CA SER A 26 10.12 -1.10 -5.09
C SER A 26 10.59 0.31 -4.70
N LEU A 27 9.66 1.08 -4.20
CA LEU A 27 9.98 2.45 -3.79
C LEU A 27 11.31 2.46 -3.03
N GLY A 28 11.56 1.37 -2.33
CA GLY A 28 12.79 1.24 -1.56
C GLY A 28 12.53 1.44 -0.08
N LYS A 29 11.28 1.23 0.31
CA LYS A 29 10.88 1.39 1.70
C LYS A 29 11.25 0.12 2.48
N ASP A 30 12.32 0.23 3.25
CA ASP A 30 12.79 -0.90 4.03
C ASP A 30 11.62 -1.46 4.85
N THR A 31 11.19 -2.65 4.45
CA THR A 31 10.08 -3.31 5.12
C THR A 31 10.60 -4.15 6.30
N SER A 32 11.45 -3.53 7.10
CA SER A 32 12.04 -4.21 8.25
C SER A 32 11.01 -4.29 9.37
N GLU A 33 10.81 -3.17 10.03
CA GLU A 33 9.85 -3.09 11.13
C GLU A 33 8.51 -2.56 10.63
N MET A 34 7.45 -3.22 11.06
CA MET A 34 6.11 -2.82 10.66
C MET A 34 5.97 -1.30 10.66
N ILE A 35 6.01 -0.73 9.46
CA ILE A 35 5.90 0.70 9.30
C ILE A 35 4.47 1.13 9.64
N SER A 36 4.31 2.43 9.87
CA SER A 36 3.02 2.98 10.21
C SER A 36 2.20 3.24 8.93
N ARG A 37 0.90 3.08 9.07
CA ARG A 37 0.01 3.30 7.93
C ARG A 37 0.15 4.73 7.41
N TYR A 38 0.10 5.67 8.34
CA TYR A 38 0.22 7.07 7.99
C TYR A 38 1.49 7.32 7.17
N ASP A 39 2.60 6.82 7.69
CA ASP A 39 3.88 6.99 7.01
C ASP A 39 3.75 6.51 5.57
N VAL A 40 3.46 5.22 5.44
CA VAL A 40 3.31 4.62 4.12
C VAL A 40 2.43 5.52 3.25
N SER A 41 1.28 5.88 3.79
CA SER A 41 0.35 6.74 3.08
C SER A 41 1.05 8.04 2.68
N ASP A 42 1.92 8.51 3.55
CA ASP A 42 2.66 9.73 3.30
C ASP A 42 3.62 9.51 2.12
N THR A 43 4.23 8.35 2.11
CA THR A 43 5.17 8.00 1.05
C THR A 43 4.43 7.81 -0.28
N ILE A 44 3.14 7.52 -0.16
CA ILE A 44 2.32 7.31 -1.34
C ILE A 44 2.02 8.66 -1.99
N ALA A 45 1.51 9.58 -1.18
CA ALA A 45 1.17 10.91 -1.65
C ALA A 45 2.41 11.54 -2.30
N LYS A 46 3.56 11.24 -1.72
CA LYS A 46 4.82 11.77 -2.24
C LYS A 46 5.12 11.11 -3.58
N TYR A 47 5.04 9.79 -3.60
CA TYR A 47 5.31 9.04 -4.81
C TYR A 47 4.39 9.49 -5.95
N ILE A 48 3.11 9.62 -5.62
CA ILE A 48 2.13 10.05 -6.60
C ILE A 48 2.64 11.30 -7.32
N SER A 49 3.07 12.26 -6.53
CA SER A 49 3.59 13.51 -7.08
C SER A 49 4.98 13.29 -7.67
N LYS A 50 5.77 12.51 -6.94
CA LYS A 50 7.13 12.22 -7.37
C LYS A 50 7.12 11.89 -8.87
N GLU A 51 6.46 10.81 -9.21
CA GLU A 51 6.36 10.39 -10.60
C GLU A 51 5.41 11.30 -11.37
N GLY A 52 4.22 11.47 -10.80
CA GLY A 52 3.22 12.31 -11.43
C GLY A 52 1.94 11.51 -11.72
N LEU A 53 1.47 10.81 -10.70
CA LEU A 53 0.27 10.01 -10.84
C LEU A 53 -0.96 10.92 -10.73
N LEU A 54 -0.74 12.09 -10.16
CA LEU A 54 -1.82 13.06 -10.00
C LEU A 54 -2.61 13.16 -11.31
N ASP A 55 -3.77 13.80 -11.21
CA ASP A 55 -4.63 13.96 -12.37
C ASP A 55 -4.68 15.45 -12.75
N PRO A 56 -4.68 15.70 -14.08
CA PRO A 56 -4.73 17.06 -14.58
C PRO A 56 -6.14 17.65 -14.44
N SER A 57 -7.12 16.77 -14.51
CA SER A 57 -8.51 17.18 -14.40
C SER A 57 -8.82 17.57 -12.95
N ASN A 58 -8.12 16.91 -12.03
CA ASN A 58 -8.31 17.17 -10.62
C ASN A 58 -7.17 16.55 -9.83
N LYS A 59 -6.27 17.41 -9.37
CA LYS A 59 -5.11 16.97 -8.61
C LYS A 59 -5.60 16.23 -7.36
N LYS A 60 -6.75 16.65 -6.87
CA LYS A 60 -7.33 16.03 -5.69
C LYS A 60 -7.42 14.53 -5.88
N LYS A 61 -7.46 14.13 -7.15
CA LYS A 61 -7.55 12.72 -7.49
C LYS A 61 -6.14 12.19 -7.81
N VAL A 62 -6.06 10.88 -8.01
CA VAL A 62 -4.80 10.25 -8.32
C VAL A 62 -5.02 9.21 -9.43
N VAL A 63 -4.11 9.23 -10.40
CA VAL A 63 -4.19 8.30 -11.52
C VAL A 63 -3.11 7.24 -11.35
N CYS A 64 -3.53 6.07 -10.91
CA CYS A 64 -2.60 4.96 -10.72
C CYS A 64 -1.86 4.70 -12.03
N ASP A 65 -0.62 4.28 -11.90
CA ASP A 65 0.19 3.98 -13.07
C ASP A 65 0.43 2.48 -13.17
N LYS A 66 0.86 1.90 -12.06
CA LYS A 66 1.13 0.47 -12.01
C LYS A 66 1.32 0.04 -10.56
N ARG A 67 2.39 0.55 -9.95
CA ARG A 67 2.69 0.23 -8.57
C ARG A 67 1.43 0.31 -7.72
N LEU A 68 0.68 1.38 -7.92
CA LEU A 68 -0.54 1.61 -7.17
C LEU A 68 -1.55 0.51 -7.54
N VAL A 69 -1.60 0.20 -8.82
CA VAL A 69 -2.52 -0.82 -9.31
C VAL A 69 -2.17 -2.16 -8.65
N LEU A 70 -0.92 -2.55 -8.79
CA LEU A 70 -0.45 -3.80 -8.21
C LEU A 70 -0.72 -3.79 -6.71
N LEU A 71 -0.94 -2.59 -6.19
CA LEU A 71 -1.21 -2.44 -4.76
C LEU A 71 -2.71 -2.60 -4.51
N PHE A 72 -3.46 -1.61 -4.98
CA PHE A 72 -4.91 -1.63 -4.81
C PHE A 72 -5.58 -2.41 -5.94
N GLY A 73 -5.24 -2.01 -7.17
CA GLY A 73 -5.80 -2.66 -8.34
C GLY A 73 -6.74 -1.71 -9.09
N THR A 74 -6.90 -0.52 -8.54
CA THR A 74 -7.76 0.48 -9.13
C THR A 74 -6.95 1.40 -10.06
N ARG A 75 -7.66 2.07 -10.95
CA ARG A 75 -7.03 2.97 -11.89
C ARG A 75 -6.84 4.35 -11.27
N THR A 76 -7.93 4.86 -10.70
CA THR A 76 -7.90 6.17 -10.05
C THR A 76 -8.32 6.05 -8.59
N ILE A 77 -7.70 6.88 -7.76
CA ILE A 77 -8.00 6.88 -6.34
C ILE A 77 -7.80 8.29 -5.79
N PHE A 78 -8.33 8.50 -4.59
CA PHE A 78 -8.22 9.80 -3.93
C PHE A 78 -7.00 9.84 -3.01
N ARG A 79 -6.12 10.79 -3.30
CA ARG A 79 -4.92 10.96 -2.51
C ARG A 79 -5.22 10.77 -1.03
N MET A 80 -6.46 11.09 -0.66
CA MET A 80 -6.88 10.96 0.72
C MET A 80 -7.28 9.52 1.04
N LYS A 81 -8.08 8.95 0.14
CA LYS A 81 -8.53 7.58 0.31
C LYS A 81 -7.33 6.67 0.53
N VAL A 82 -6.18 7.14 0.09
CA VAL A 82 -4.94 6.38 0.24
C VAL A 82 -4.90 5.76 1.64
N TYR A 83 -5.04 6.61 2.64
CA TYR A 83 -5.02 6.16 4.02
C TYR A 83 -6.04 5.05 4.24
N ASP A 84 -7.31 5.39 4.05
CA ASP A 84 -8.38 4.44 4.23
C ASP A 84 -8.06 3.16 3.45
N LEU A 85 -7.66 3.35 2.21
CA LEU A 85 -7.33 2.23 1.35
C LEU A 85 -6.39 1.28 2.11
N LEU A 86 -5.51 1.88 2.89
CA LEU A 86 -4.55 1.10 3.68
C LEU A 86 -5.26 0.52 4.90
N GLU A 87 -5.61 -0.75 4.80
CA GLU A 87 -6.29 -1.44 5.89
C GLU A 87 -6.14 -2.95 5.74
N LYS A 88 -6.39 -3.42 4.53
CA LYS A 88 -6.30 -4.84 4.24
C LYS A 88 -4.85 -5.18 3.90
N HIS A 89 -3.98 -4.21 4.10
CA HIS A 89 -2.56 -4.40 3.82
C HIS A 89 -1.77 -4.37 5.13
N TYR A 90 -2.39 -4.88 6.18
CA TYR A 90 -1.76 -4.91 7.48
C TYR A 90 -2.30 -6.07 8.33
N LYS A 91 -1.41 -6.68 9.07
CA LYS A 91 -1.78 -7.80 9.93
C LYS A 91 -1.88 -7.31 11.38
N GLU A 92 -1.42 -8.16 12.29
CA GLU A 92 -1.44 -7.84 13.70
C GLU A 92 -2.87 -7.50 14.14
N ASN A 93 -3.59 -8.53 14.57
CA ASN A 93 -4.95 -8.36 15.03
C ASN A 93 -4.96 -7.55 16.33
N GLN A 94 -5.92 -6.64 16.42
CA GLN A 94 -6.05 -5.81 17.59
C GLN A 94 -7.44 -5.97 18.21
N ASP A 95 -7.63 -5.32 19.35
CA ASP A 95 -8.90 -5.37 20.04
C ASP A 95 -10.03 -5.06 19.06
N SER A 96 -10.60 -6.11 18.50
CA SER A 96 -11.68 -5.96 17.54
C SER A 96 -12.19 -7.34 17.12
N GLY A 97 -13.33 -7.33 16.45
CA GLY A 97 -13.94 -8.57 15.97
C GLY A 97 -14.48 -8.40 14.55
N PRO A 98 -15.68 -7.78 14.47
CA PRO A 98 -16.38 -7.32 15.65
C PRO A 98 -17.00 -8.50 16.42
N SER A 99 -17.78 -8.16 17.43
CA SER A 99 -18.43 -9.17 18.24
C SER A 99 -19.50 -8.53 19.11
N SER A 100 -20.72 -9.03 18.96
CA SER A 100 -21.84 -8.52 19.74
C SER A 100 -23.00 -9.52 19.72
N GLY A 101 -23.53 -9.73 18.53
CA GLY A 101 -24.64 -10.65 18.36
C GLY A 101 -24.17 -11.96 17.70
N GLY A 1 -13.60 -25.13 11.34
CA GLY A 1 -13.93 -24.24 10.26
C GLY A 1 -13.67 -22.77 10.63
N SER A 2 -14.48 -22.28 11.55
CA SER A 2 -14.36 -20.91 12.01
C SER A 2 -14.38 -19.95 10.82
N SER A 3 -15.58 -19.52 10.47
CA SER A 3 -15.76 -18.61 9.36
C SER A 3 -15.08 -17.27 9.66
N GLY A 4 -14.15 -16.90 8.81
CA GLY A 4 -13.43 -15.65 8.99
C GLY A 4 -14.40 -14.46 9.04
N SER A 5 -13.83 -13.26 8.98
CA SER A 5 -14.62 -12.05 9.02
C SER A 5 -14.37 -11.22 7.77
N SER A 6 -15.14 -10.14 7.65
CA SER A 6 -15.00 -9.25 6.51
C SER A 6 -15.41 -9.97 5.22
N GLY A 7 -14.56 -10.88 4.79
CA GLY A 7 -14.82 -11.65 3.59
C GLY A 7 -13.75 -12.73 3.38
N LYS A 8 -13.01 -12.58 2.29
CA LYS A 8 -11.95 -13.53 1.97
C LYS A 8 -10.59 -12.86 2.13
N ARG A 9 -9.76 -13.45 2.97
CA ARG A 9 -8.44 -12.91 3.22
C ARG A 9 -7.39 -13.69 2.40
N PHE A 10 -6.20 -13.13 2.35
CA PHE A 10 -5.11 -13.74 1.62
C PHE A 10 -3.88 -13.95 2.51
N GLU A 11 -2.90 -14.64 1.96
CA GLU A 11 -1.68 -14.91 2.70
C GLU A 11 -0.83 -13.64 2.80
N PHE A 12 -1.04 -12.90 3.88
CA PHE A 12 -0.31 -11.68 4.10
C PHE A 12 1.17 -11.96 4.37
N VAL A 13 2.01 -11.02 3.95
CA VAL A 13 3.44 -11.16 4.14
C VAL A 13 3.89 -10.26 5.30
N GLY A 14 3.86 -10.84 6.49
CA GLY A 14 4.26 -10.11 7.68
C GLY A 14 3.06 -9.42 8.33
N TRP A 15 3.02 -8.11 8.18
CA TRP A 15 1.94 -7.33 8.75
C TRP A 15 1.00 -6.93 7.60
N GLY A 16 1.60 -6.55 6.49
CA GLY A 16 0.83 -6.15 5.32
C GLY A 16 0.75 -7.28 4.30
N SER A 17 0.17 -6.97 3.15
CA SER A 17 0.03 -7.93 2.08
C SER A 17 1.14 -7.75 1.06
N ARG A 18 1.47 -8.84 0.38
CA ARG A 18 2.52 -8.82 -0.63
C ARG A 18 2.44 -7.52 -1.44
N GLN A 19 1.21 -7.13 -1.77
CA GLN A 19 0.99 -5.92 -2.53
C GLN A 19 1.79 -4.76 -1.94
N LEU A 20 1.13 -4.03 -1.05
CA LEU A 20 1.77 -2.89 -0.41
C LEU A 20 3.23 -3.24 -0.10
N ILE A 21 3.42 -4.43 0.45
CA ILE A 21 4.75 -4.89 0.81
C ILE A 21 5.69 -4.68 -0.39
N GLU A 22 5.29 -5.22 -1.53
CA GLU A 22 6.07 -5.10 -2.74
C GLU A 22 6.23 -3.63 -3.13
N PHE A 23 5.13 -2.90 -3.03
CA PHE A 23 5.12 -1.49 -3.36
C PHE A 23 6.13 -0.72 -2.52
N LEU A 24 6.24 -1.15 -1.27
CA LEU A 24 7.17 -0.52 -0.34
C LEU A 24 8.59 -1.04 -0.60
N HIS A 25 8.65 -2.29 -1.03
CA HIS A 25 9.93 -2.92 -1.32
C HIS A 25 10.61 -2.19 -2.48
N SER A 26 9.83 -1.94 -3.51
CA SER A 26 10.34 -1.25 -4.69
C SER A 26 10.80 0.16 -4.31
N LEU A 27 9.85 0.96 -3.87
CA LEU A 27 10.14 2.33 -3.47
C LEU A 27 11.47 2.36 -2.71
N GLY A 28 11.71 1.29 -1.96
CA GLY A 28 12.92 1.18 -1.18
C GLY A 28 12.63 1.29 0.32
N LYS A 29 11.38 1.05 0.67
CA LYS A 29 10.95 1.11 2.05
C LYS A 29 11.18 -0.25 2.71
N ASP A 30 12.18 -0.29 3.57
CA ASP A 30 12.51 -1.51 4.27
C ASP A 30 11.34 -1.94 5.15
N THR A 31 10.65 -2.98 4.70
CA THR A 31 9.50 -3.48 5.44
C THR A 31 9.96 -4.32 6.63
N SER A 32 10.65 -3.66 7.55
CA SER A 32 11.15 -4.34 8.73
C SER A 32 10.06 -4.36 9.81
N GLU A 33 9.46 -3.20 10.03
CA GLU A 33 8.41 -3.08 11.02
C GLU A 33 7.06 -2.81 10.34
N MET A 34 6.02 -2.72 11.17
CA MET A 34 4.69 -2.47 10.67
C MET A 34 4.63 -1.14 9.90
N ILE A 35 5.47 -0.20 10.35
CA ILE A 35 5.51 1.11 9.72
C ILE A 35 4.12 1.73 9.75
N SER A 36 3.95 2.69 10.65
CA SER A 36 2.67 3.37 10.78
C SER A 36 2.10 3.68 9.40
N ARG A 37 0.80 3.44 9.25
CA ARG A 37 0.13 3.69 8.00
C ARG A 37 0.57 5.03 7.41
N TYR A 38 0.27 6.09 8.16
CA TYR A 38 0.62 7.43 7.73
C TYR A 38 1.97 7.44 7.02
N ASP A 39 2.91 6.68 7.58
CA ASP A 39 4.24 6.59 7.01
C ASP A 39 4.13 6.22 5.52
N VAL A 40 3.40 5.15 5.26
CA VAL A 40 3.21 4.69 3.90
C VAL A 40 2.40 5.72 3.12
N SER A 41 1.24 6.05 3.67
CA SER A 41 0.37 7.02 3.04
C SER A 41 1.18 8.22 2.53
N ASP A 42 1.78 8.92 3.48
CA ASP A 42 2.59 10.09 3.14
C ASP A 42 3.50 9.74 1.96
N THR A 43 4.20 8.63 2.10
CA THR A 43 5.11 8.17 1.06
C THR A 43 4.37 8.04 -0.27
N ILE A 44 3.14 7.55 -0.18
CA ILE A 44 2.32 7.36 -1.35
C ILE A 44 1.98 8.73 -1.95
N ALA A 45 1.49 9.61 -1.10
CA ALA A 45 1.12 10.95 -1.53
C ALA A 45 2.31 11.60 -2.23
N LYS A 46 3.49 11.39 -1.66
CA LYS A 46 4.70 11.95 -2.22
C LYS A 46 5.01 11.25 -3.54
N TYR A 47 5.01 9.93 -3.50
CA TYR A 47 5.28 9.14 -4.69
C TYR A 47 4.36 9.54 -5.84
N ILE A 48 3.07 9.62 -5.53
CA ILE A 48 2.07 9.99 -6.52
C ILE A 48 2.59 11.19 -7.32
N SER A 49 2.86 12.27 -6.60
CA SER A 49 3.35 13.49 -7.22
C SER A 49 4.77 13.26 -7.75
N LYS A 50 5.56 12.59 -6.94
CA LYS A 50 6.94 12.31 -7.31
C LYS A 50 6.99 11.89 -8.79
N GLU A 51 6.36 10.76 -9.07
CA GLU A 51 6.33 10.26 -10.43
C GLU A 51 5.41 11.12 -11.31
N GLY A 52 4.25 11.44 -10.74
CA GLY A 52 3.28 12.26 -11.46
C GLY A 52 2.00 11.47 -11.75
N LEU A 53 1.57 10.72 -10.75
CA LEU A 53 0.37 9.92 -10.87
C LEU A 53 -0.86 10.83 -10.77
N LEU A 54 -0.63 12.04 -10.30
CA LEU A 54 -1.69 13.01 -10.15
C LEU A 54 -2.47 13.12 -11.47
N ASP A 55 -3.62 13.77 -11.39
CA ASP A 55 -4.46 13.95 -12.56
C ASP A 55 -4.51 15.43 -12.94
N PRO A 56 -4.54 15.70 -14.27
CA PRO A 56 -4.59 17.06 -14.76
C PRO A 56 -5.99 17.66 -14.58
N SER A 57 -6.98 16.84 -14.86
CA SER A 57 -8.36 17.26 -14.73
C SER A 57 -8.66 17.67 -13.28
N ASN A 58 -7.93 17.04 -12.36
CA ASN A 58 -8.10 17.33 -10.95
C ASN A 58 -6.95 16.69 -10.17
N LYS A 59 -6.02 17.53 -9.73
CA LYS A 59 -4.88 17.06 -8.97
C LYS A 59 -5.37 16.41 -7.68
N LYS A 60 -6.49 16.90 -7.19
CA LYS A 60 -7.07 16.36 -5.97
C LYS A 60 -7.20 14.85 -6.09
N LYS A 61 -7.30 14.39 -7.33
CA LYS A 61 -7.42 12.97 -7.60
C LYS A 61 -6.03 12.38 -7.87
N VAL A 62 -6.01 11.06 -8.02
CA VAL A 62 -4.77 10.37 -8.29
C VAL A 62 -4.99 9.32 -9.38
N VAL A 63 -4.12 9.35 -10.38
CA VAL A 63 -4.21 8.42 -11.49
C VAL A 63 -3.14 7.34 -11.34
N CYS A 64 -3.56 6.20 -10.82
CA CYS A 64 -2.64 5.09 -10.61
C CYS A 64 -1.87 4.86 -11.92
N ASP A 65 -0.63 4.42 -11.76
CA ASP A 65 0.22 4.16 -12.92
C ASP A 65 0.40 2.65 -13.08
N LYS A 66 0.72 2.01 -11.97
CA LYS A 66 0.92 0.56 -11.98
C LYS A 66 1.13 0.07 -10.54
N ARG A 67 2.12 0.66 -9.88
CA ARG A 67 2.43 0.28 -8.51
C ARG A 67 1.15 0.32 -7.66
N LEU A 68 0.42 1.42 -7.79
CA LEU A 68 -0.82 1.58 -7.04
C LEU A 68 -1.83 0.51 -7.48
N VAL A 69 -1.81 0.23 -8.78
CA VAL A 69 -2.72 -0.76 -9.33
C VAL A 69 -2.40 -2.13 -8.72
N LEU A 70 -1.15 -2.54 -8.87
CA LEU A 70 -0.71 -3.82 -8.35
C LEU A 70 -1.02 -3.88 -6.85
N LEU A 71 -1.20 -2.71 -6.27
CA LEU A 71 -1.50 -2.61 -4.85
C LEU A 71 -3.01 -2.71 -4.64
N PHE A 72 -3.70 -1.66 -5.04
CA PHE A 72 -5.15 -1.62 -4.90
C PHE A 72 -5.83 -2.32 -6.08
N GLY A 73 -5.46 -1.90 -7.28
CA GLY A 73 -6.02 -2.48 -8.48
C GLY A 73 -6.98 -1.50 -9.17
N THR A 74 -6.98 -0.27 -8.67
CA THR A 74 -7.84 0.76 -9.21
C THR A 74 -7.04 1.74 -10.07
N ARG A 75 -7.68 2.26 -11.10
CA ARG A 75 -7.04 3.20 -11.99
C ARG A 75 -6.86 4.55 -11.30
N THR A 76 -7.97 5.09 -10.81
CA THR A 76 -7.95 6.36 -10.13
C THR A 76 -8.39 6.20 -8.68
N ILE A 77 -7.77 7.00 -7.81
CA ILE A 77 -8.09 6.96 -6.39
C ILE A 77 -7.94 8.35 -5.78
N PHE A 78 -8.27 8.44 -4.51
CA PHE A 78 -8.18 9.72 -3.81
C PHE A 78 -6.94 9.75 -2.89
N ARG A 79 -6.06 10.70 -3.19
CA ARG A 79 -4.85 10.84 -2.40
C ARG A 79 -5.14 10.61 -0.92
N MET A 80 -6.36 10.94 -0.53
CA MET A 80 -6.78 10.77 0.85
C MET A 80 -7.17 9.32 1.13
N LYS A 81 -8.01 8.79 0.25
CA LYS A 81 -8.47 7.42 0.41
C LYS A 81 -7.26 6.50 0.60
N VAL A 82 -6.13 6.95 0.09
CA VAL A 82 -4.89 6.18 0.21
C VAL A 82 -4.82 5.55 1.60
N TYR A 83 -4.90 6.41 2.61
CA TYR A 83 -4.85 5.95 3.99
C TYR A 83 -5.81 4.79 4.22
N ASP A 84 -7.04 4.98 3.75
CA ASP A 84 -8.06 3.95 3.90
C ASP A 84 -7.68 2.73 3.07
N LEU A 85 -7.34 2.98 1.81
CA LEU A 85 -6.95 1.92 0.91
C LEU A 85 -5.90 1.04 1.58
N LEU A 86 -4.95 1.70 2.21
CA LEU A 86 -3.88 1.00 2.90
C LEU A 86 -4.48 0.16 4.03
N GLU A 87 -5.60 0.63 4.55
CA GLU A 87 -6.28 -0.07 5.62
C GLU A 87 -6.54 -1.52 5.24
N LYS A 88 -6.63 -1.75 3.93
CA LYS A 88 -6.87 -3.08 3.42
C LYS A 88 -5.55 -3.84 3.32
N HIS A 89 -4.46 -3.08 3.30
CA HIS A 89 -3.14 -3.68 3.21
C HIS A 89 -2.48 -3.67 4.59
N TYR A 90 -3.28 -4.00 5.60
CA TYR A 90 -2.79 -4.04 6.96
C TYR A 90 -3.58 -5.03 7.81
N LYS A 91 -2.86 -5.81 8.60
CA LYS A 91 -3.48 -6.80 9.45
C LYS A 91 -3.55 -6.27 10.88
N GLU A 92 -3.31 -7.17 11.83
CA GLU A 92 -3.35 -6.79 13.24
C GLU A 92 -4.64 -6.04 13.56
N ASN A 93 -5.71 -6.80 13.70
CA ASN A 93 -7.00 -6.22 14.00
C ASN A 93 -7.88 -7.28 14.69
N GLN A 94 -8.90 -6.80 15.38
CA GLN A 94 -9.82 -7.68 16.08
C GLN A 94 -11.00 -8.05 15.18
N ASP A 95 -11.76 -9.03 15.63
CA ASP A 95 -12.91 -9.49 14.87
C ASP A 95 -14.01 -8.43 14.95
N SER A 96 -14.66 -8.22 13.82
CA SER A 96 -15.74 -7.23 13.75
C SER A 96 -16.98 -7.86 13.10
N GLY A 97 -18.06 -7.10 13.10
CA GLY A 97 -19.31 -7.57 12.53
C GLY A 97 -19.84 -6.57 11.49
N PRO A 98 -20.53 -5.52 12.02
CA PRO A 98 -20.73 -5.39 13.45
C PRO A 98 -21.79 -6.38 13.94
N SER A 99 -22.69 -6.73 13.04
CA SER A 99 -23.75 -7.66 13.37
C SER A 99 -24.54 -7.15 14.58
N SER A 100 -25.72 -6.61 14.30
CA SER A 100 -26.58 -6.08 15.35
C SER A 100 -27.91 -5.62 14.75
N GLY A 101 -28.98 -6.26 15.19
CA GLY A 101 -30.30 -5.93 14.71
C GLY A 101 -31.38 -6.36 15.72
N GLY A 1 16.06 -20.69 -7.64
CA GLY A 1 17.48 -20.75 -7.40
C GLY A 1 17.82 -20.36 -5.96
N SER A 2 18.17 -19.09 -5.79
CA SER A 2 18.52 -18.58 -4.48
C SER A 2 18.75 -17.07 -4.55
N SER A 3 17.76 -16.32 -4.10
CA SER A 3 17.86 -14.87 -4.11
C SER A 3 17.19 -14.30 -2.86
N GLY A 4 18.01 -13.67 -2.03
CA GLY A 4 17.52 -13.06 -0.80
C GLY A 4 16.89 -14.12 0.11
N SER A 5 17.47 -14.27 1.28
CA SER A 5 16.98 -15.23 2.26
C SER A 5 15.46 -15.16 2.34
N SER A 6 14.80 -16.18 1.83
CA SER A 6 13.35 -16.24 1.84
C SER A 6 12.89 -17.69 1.90
N GLY A 7 11.67 -17.87 2.39
CA GLY A 7 11.09 -19.20 2.50
C GLY A 7 10.01 -19.23 3.58
N LYS A 8 9.40 -20.40 3.72
CA LYS A 8 8.34 -20.58 4.71
C LYS A 8 7.22 -19.57 4.45
N ARG A 9 6.51 -19.79 3.35
CA ARG A 9 5.43 -18.91 2.97
C ARG A 9 4.23 -19.12 3.90
N PHE A 10 3.66 -18.01 4.34
CA PHE A 10 2.51 -18.05 5.23
C PHE A 10 1.57 -16.89 4.97
N GLU A 11 0.47 -16.88 5.71
CA GLU A 11 -0.52 -15.83 5.56
C GLU A 11 0.15 -14.46 5.47
N PHE A 12 0.04 -13.85 4.31
CA PHE A 12 0.63 -12.55 4.08
C PHE A 12 2.15 -12.60 4.29
N VAL A 13 2.85 -11.77 3.52
CA VAL A 13 4.30 -11.71 3.62
C VAL A 13 4.69 -10.77 4.76
N GLY A 14 5.42 -11.33 5.72
CA GLY A 14 5.87 -10.56 6.86
C GLY A 14 4.69 -10.14 7.73
N TRP A 15 4.23 -8.90 7.51
CA TRP A 15 3.11 -8.37 8.26
C TRP A 15 1.98 -8.07 7.27
N GLY A 16 2.27 -7.13 6.38
CA GLY A 16 1.29 -6.74 5.37
C GLY A 16 1.23 -7.76 4.23
N SER A 17 0.46 -7.41 3.21
CA SER A 17 0.31 -8.29 2.06
C SER A 17 1.41 -8.00 1.04
N ARG A 18 1.81 -9.04 0.33
CA ARG A 18 2.86 -8.92 -0.67
C ARG A 18 2.69 -7.61 -1.44
N GLN A 19 1.44 -7.32 -1.79
CA GLN A 19 1.13 -6.12 -2.53
C GLN A 19 1.89 -4.92 -1.95
N LEU A 20 1.21 -4.22 -1.04
CA LEU A 20 1.81 -3.07 -0.40
C LEU A 20 3.30 -3.33 -0.16
N ILE A 21 3.57 -4.43 0.53
CA ILE A 21 4.94 -4.80 0.83
C ILE A 21 5.81 -4.55 -0.40
N GLU A 22 5.38 -5.10 -1.52
CA GLU A 22 6.10 -4.94 -2.77
C GLU A 22 6.24 -3.47 -3.12
N PHE A 23 5.10 -2.79 -3.16
CA PHE A 23 5.08 -1.37 -3.49
C PHE A 23 6.11 -0.60 -2.65
N LEU A 24 6.25 -1.03 -1.41
CA LEU A 24 7.19 -0.39 -0.50
C LEU A 24 8.60 -0.89 -0.82
N HIS A 25 8.70 -2.17 -1.13
CA HIS A 25 9.97 -2.78 -1.45
C HIS A 25 10.59 -2.06 -2.66
N SER A 26 9.76 -1.85 -3.67
CA SER A 26 10.21 -1.19 -4.89
C SER A 26 10.73 0.21 -4.55
N LEU A 27 9.81 1.04 -4.06
CA LEU A 27 10.17 2.40 -3.69
C LEU A 27 11.53 2.41 -3.01
N GLY A 28 11.81 1.32 -2.31
CA GLY A 28 13.08 1.19 -1.60
C GLY A 28 12.87 1.26 -0.10
N LYS A 29 11.62 1.14 0.31
CA LYS A 29 11.27 1.19 1.71
C LYS A 29 11.74 -0.10 2.39
N ASP A 30 12.17 0.05 3.65
CA ASP A 30 12.64 -1.09 4.40
C ASP A 30 11.51 -1.60 5.30
N THR A 31 10.93 -2.72 4.89
CA THR A 31 9.84 -3.32 5.65
C THR A 31 10.38 -4.29 6.69
N SER A 32 11.41 -3.84 7.40
CA SER A 32 12.03 -4.67 8.42
C SER A 32 11.13 -4.72 9.66
N GLU A 33 10.56 -3.58 9.98
CA GLU A 33 9.68 -3.48 11.14
C GLU A 33 8.33 -2.91 10.73
N MET A 34 7.28 -3.50 11.27
CA MET A 34 5.92 -3.05 10.97
C MET A 34 5.87 -1.53 10.87
N ILE A 35 5.90 -1.05 9.63
CA ILE A 35 5.86 0.39 9.37
C ILE A 35 4.45 0.91 9.68
N SER A 36 4.39 2.18 10.03
CA SER A 36 3.12 2.80 10.35
C SER A 36 2.40 3.21 9.05
N ARG A 37 1.10 3.00 9.06
CA ARG A 37 0.29 3.34 7.89
C ARG A 37 0.53 4.79 7.48
N TYR A 38 0.21 5.70 8.38
CA TYR A 38 0.39 7.11 8.13
C TYR A 38 1.67 7.37 7.33
N ASP A 39 2.72 6.64 7.70
CA ASP A 39 4.00 6.77 7.03
C ASP A 39 3.85 6.35 5.57
N VAL A 40 3.29 5.17 5.38
CA VAL A 40 3.09 4.65 4.04
C VAL A 40 2.33 5.68 3.20
N SER A 41 1.14 6.02 3.66
CA SER A 41 0.31 6.99 2.97
C SER A 41 1.17 8.19 2.55
N ASP A 42 1.88 8.74 3.51
CA ASP A 42 2.74 9.89 3.25
C ASP A 42 3.67 9.56 2.08
N THR A 43 4.21 8.36 2.10
CA THR A 43 5.11 7.92 1.06
C THR A 43 4.37 7.80 -0.27
N ILE A 44 3.09 7.48 -0.17
CA ILE A 44 2.26 7.33 -1.36
C ILE A 44 1.94 8.72 -1.93
N ALA A 45 1.34 9.55 -1.09
CA ALA A 45 0.98 10.90 -1.48
C ALA A 45 2.20 11.58 -2.11
N LYS A 46 3.37 11.25 -1.58
CA LYS A 46 4.61 11.81 -2.07
C LYS A 46 4.97 11.17 -3.41
N TYR A 47 4.92 9.84 -3.42
CA TYR A 47 5.23 9.09 -4.62
C TYR A 47 4.34 9.51 -5.79
N ILE A 48 3.04 9.58 -5.50
CA ILE A 48 2.07 9.96 -6.51
C ILE A 48 2.59 11.18 -7.26
N SER A 49 2.86 12.24 -6.51
CA SER A 49 3.36 13.47 -7.10
C SER A 49 4.79 13.26 -7.61
N LYS A 50 5.56 12.51 -6.84
CA LYS A 50 6.94 12.23 -7.21
C LYS A 50 7.00 11.92 -8.71
N GLU A 51 6.37 10.83 -9.08
CA GLU A 51 6.36 10.41 -10.48
C GLU A 51 5.41 11.31 -11.29
N GLY A 52 4.23 11.52 -10.73
CA GLY A 52 3.23 12.35 -11.39
C GLY A 52 1.95 11.57 -11.66
N LEU A 53 1.51 10.84 -10.65
CA LEU A 53 0.31 10.02 -10.77
C LEU A 53 -0.92 10.94 -10.68
N LEU A 54 -0.70 12.12 -10.11
CA LEU A 54 -1.77 13.08 -9.97
C LEU A 54 -2.52 13.21 -11.29
N ASP A 55 -3.67 13.86 -11.22
CA ASP A 55 -4.50 14.06 -12.40
C ASP A 55 -4.55 15.55 -12.74
N PRO A 56 -4.50 15.84 -14.07
CA PRO A 56 -4.54 17.22 -14.54
C PRO A 56 -5.96 17.79 -14.43
N SER A 57 -6.93 16.91 -14.62
CA SER A 57 -8.33 17.32 -14.55
C SER A 57 -8.69 17.69 -13.12
N ASN A 58 -8.04 17.02 -12.18
CA ASN A 58 -8.28 17.28 -10.77
C ASN A 58 -7.16 16.65 -9.94
N LYS A 59 -6.24 17.49 -9.50
CA LYS A 59 -5.12 17.03 -8.71
C LYS A 59 -5.64 16.29 -7.47
N LYS A 60 -6.78 16.78 -6.97
CA LYS A 60 -7.39 16.18 -5.80
C LYS A 60 -7.46 14.65 -5.99
N LYS A 61 -7.53 14.25 -7.25
CA LYS A 61 -7.59 12.83 -7.58
C LYS A 61 -6.18 12.31 -7.84
N VAL A 62 -6.12 11.02 -8.16
CA VAL A 62 -4.84 10.39 -8.43
C VAL A 62 -5.02 9.34 -9.54
N VAL A 63 -4.01 9.25 -10.39
CA VAL A 63 -4.05 8.30 -11.50
C VAL A 63 -2.97 7.25 -11.29
N CYS A 64 -3.41 6.06 -10.88
CA CYS A 64 -2.48 4.97 -10.65
C CYS A 64 -1.71 4.70 -11.95
N ASP A 65 -0.47 4.27 -11.79
CA ASP A 65 0.37 3.98 -12.93
C ASP A 65 0.47 2.47 -13.11
N LYS A 66 0.88 1.81 -12.04
CA LYS A 66 1.02 0.35 -12.06
C LYS A 66 1.24 -0.16 -10.64
N ARG A 67 2.18 0.48 -9.96
CA ARG A 67 2.49 0.10 -8.58
C ARG A 67 1.24 0.12 -7.72
N LEU A 68 0.54 1.25 -7.79
CA LEU A 68 -0.69 1.42 -7.03
C LEU A 68 -1.71 0.36 -7.47
N VAL A 69 -1.71 0.08 -8.76
CA VAL A 69 -2.62 -0.90 -9.32
C VAL A 69 -2.35 -2.27 -8.66
N LEU A 70 -1.12 -2.72 -8.81
CA LEU A 70 -0.72 -4.01 -8.24
C LEU A 70 -1.14 -4.05 -6.77
N LEU A 71 -1.26 -2.87 -6.18
CA LEU A 71 -1.64 -2.77 -4.79
C LEU A 71 -3.16 -2.84 -4.67
N PHE A 72 -3.81 -1.76 -5.09
CA PHE A 72 -5.26 -1.69 -5.04
C PHE A 72 -5.88 -2.40 -6.24
N GLY A 73 -5.49 -1.96 -7.42
CA GLY A 73 -6.00 -2.56 -8.65
C GLY A 73 -6.86 -1.55 -9.43
N THR A 74 -7.01 -0.38 -8.84
CA THR A 74 -7.79 0.67 -9.47
C THR A 74 -6.90 1.57 -10.32
N ARG A 75 -7.55 2.28 -11.24
CA ARG A 75 -6.82 3.18 -12.13
C ARG A 75 -6.69 4.56 -11.50
N THR A 76 -7.74 4.97 -10.82
CA THR A 76 -7.75 6.27 -10.16
C THR A 76 -8.24 6.13 -8.72
N ILE A 77 -7.68 6.96 -7.86
CA ILE A 77 -8.04 6.94 -6.45
C ILE A 77 -7.93 8.36 -5.88
N PHE A 78 -8.32 8.49 -4.62
CA PHE A 78 -8.28 9.78 -3.96
C PHE A 78 -7.04 9.89 -3.07
N ARG A 79 -6.30 10.98 -3.27
CA ARG A 79 -5.10 11.23 -2.50
C ARG A 79 -5.40 11.22 -1.00
N MET A 80 -6.67 11.47 -0.70
CA MET A 80 -7.10 11.49 0.69
C MET A 80 -7.77 10.17 1.08
N LYS A 81 -7.78 9.25 0.13
CA LYS A 81 -8.37 7.94 0.35
C LYS A 81 -7.27 6.91 0.56
N VAL A 82 -6.10 7.22 0.01
CA VAL A 82 -4.96 6.33 0.12
C VAL A 82 -4.92 5.73 1.54
N TYR A 83 -4.67 6.61 2.50
CA TYR A 83 -4.61 6.18 3.89
C TYR A 83 -5.68 5.13 4.19
N ASP A 84 -6.93 5.50 3.91
CA ASP A 84 -8.04 4.61 4.15
C ASP A 84 -7.85 3.33 3.33
N LEU A 85 -7.66 3.53 2.04
CA LEU A 85 -7.46 2.41 1.12
C LEU A 85 -6.57 1.37 1.80
N LEU A 86 -5.50 1.85 2.40
CA LEU A 86 -4.55 0.98 3.08
C LEU A 86 -5.19 0.44 4.35
N GLU A 87 -5.49 -0.85 4.33
CA GLU A 87 -6.11 -1.50 5.47
C GLU A 87 -6.03 -3.02 5.32
N LYS A 88 -6.47 -3.49 4.17
CA LYS A 88 -6.45 -4.92 3.89
C LYS A 88 -5.01 -5.37 3.64
N HIS A 89 -4.14 -4.39 3.46
CA HIS A 89 -2.73 -4.67 3.21
C HIS A 89 -2.01 -4.82 4.55
N TYR A 90 -2.71 -4.48 5.62
CA TYR A 90 -2.15 -4.57 6.95
C TYR A 90 -2.85 -5.65 7.77
N LYS A 91 -2.04 -6.47 8.42
CA LYS A 91 -2.57 -7.56 9.24
C LYS A 91 -3.00 -6.99 10.59
N GLU A 92 -2.66 -7.72 11.64
CA GLU A 92 -3.00 -7.31 13.00
C GLU A 92 -2.11 -6.15 13.43
N ASN A 93 -2.52 -4.95 13.05
CA ASN A 93 -1.77 -3.75 13.39
C ASN A 93 -2.17 -3.29 14.80
N GLN A 94 -1.31 -2.46 15.38
CA GLN A 94 -1.57 -1.95 16.72
C GLN A 94 -2.60 -0.82 16.66
N ASP A 95 -3.87 -1.22 16.58
CA ASP A 95 -4.95 -0.27 16.52
C ASP A 95 -6.27 -1.01 16.32
N SER A 96 -6.31 -1.80 15.26
CA SER A 96 -7.49 -2.57 14.93
C SER A 96 -8.58 -1.64 14.39
N GLY A 97 -8.96 -0.67 15.22
CA GLY A 97 -9.99 0.29 14.84
C GLY A 97 -10.87 0.64 16.04
N PRO A 98 -11.72 -0.34 16.43
CA PRO A 98 -11.76 -1.62 15.74
C PRO A 98 -12.47 -1.50 14.40
N SER A 99 -12.71 -2.65 13.79
CA SER A 99 -13.39 -2.69 12.50
C SER A 99 -14.87 -3.01 12.69
N SER A 100 -15.71 -2.27 11.96
CA SER A 100 -17.13 -2.47 12.04
C SER A 100 -17.82 -1.90 10.80
N GLY A 101 -18.04 -2.79 9.84
CA GLY A 101 -18.68 -2.39 8.60
C GLY A 101 -20.11 -1.92 8.84
N GLY A 1 10.17 -21.79 -7.64
CA GLY A 1 9.82 -22.74 -6.60
C GLY A 1 8.67 -23.64 -7.05
N SER A 2 8.76 -24.90 -6.63
CA SER A 2 7.73 -25.88 -6.99
C SER A 2 6.36 -25.36 -6.57
N SER A 3 5.40 -25.51 -7.47
CA SER A 3 4.05 -25.07 -7.21
C SER A 3 3.12 -25.53 -8.33
N GLY A 4 2.29 -26.51 -8.02
CA GLY A 4 1.35 -27.05 -8.99
C GLY A 4 0.35 -25.98 -9.43
N SER A 5 -0.77 -25.93 -8.73
CA SER A 5 -1.81 -24.97 -9.04
C SER A 5 -1.18 -23.61 -9.34
N SER A 6 -0.49 -23.07 -8.36
CA SER A 6 0.16 -21.78 -8.50
C SER A 6 -0.88 -20.71 -8.81
N GLY A 7 -1.04 -19.79 -7.87
CA GLY A 7 -2.00 -18.70 -8.04
C GLY A 7 -3.10 -18.78 -6.98
N LYS A 8 -2.72 -18.44 -5.75
CA LYS A 8 -3.66 -18.46 -4.65
C LYS A 8 -3.14 -17.54 -3.53
N ARG A 9 -4.08 -16.96 -2.80
CA ARG A 9 -3.73 -16.07 -1.71
C ARG A 9 -3.15 -16.87 -0.54
N PHE A 10 -2.06 -16.34 0.01
CA PHE A 10 -1.40 -16.99 1.13
C PHE A 10 -1.27 -16.04 2.31
N GLU A 11 -0.81 -16.59 3.43
CA GLU A 11 -0.63 -15.80 4.63
C GLU A 11 0.25 -14.58 4.35
N PHE A 12 -0.20 -13.44 4.83
CA PHE A 12 0.54 -12.20 4.63
C PHE A 12 2.05 -12.44 4.74
N VAL A 13 2.79 -11.61 4.03
CA VAL A 13 4.24 -11.71 4.03
C VAL A 13 4.83 -10.71 5.03
N GLY A 14 5.27 -11.25 6.16
CA GLY A 14 5.85 -10.42 7.21
C GLY A 14 4.75 -9.81 8.09
N TRP A 15 4.41 -8.56 7.79
CA TRP A 15 3.39 -7.87 8.54
C TRP A 15 2.35 -7.34 7.55
N GLY A 16 2.85 -6.72 6.49
CA GLY A 16 1.97 -6.18 5.47
C GLY A 16 1.80 -7.15 4.31
N SER A 17 0.66 -7.04 3.65
CA SER A 17 0.36 -7.91 2.51
C SER A 17 1.43 -7.76 1.43
N ARG A 18 1.63 -8.82 0.69
CA ARG A 18 2.62 -8.82 -0.39
C ARG A 18 2.47 -7.56 -1.24
N GLN A 19 1.23 -7.21 -1.53
CA GLN A 19 0.94 -6.04 -2.33
C GLN A 19 1.66 -4.82 -1.76
N LEU A 20 1.27 -4.45 -0.54
CA LEU A 20 1.87 -3.31 0.13
C LEU A 20 3.38 -3.51 0.23
N ILE A 21 3.76 -4.74 0.60
CA ILE A 21 5.17 -5.08 0.73
C ILE A 21 5.89 -4.76 -0.57
N GLU A 22 5.45 -5.40 -1.64
CA GLU A 22 6.05 -5.20 -2.94
C GLU A 22 6.19 -3.70 -3.23
N PHE A 23 5.08 -3.00 -3.10
CA PHE A 23 5.06 -1.57 -3.35
C PHE A 23 6.21 -0.88 -2.61
N LEU A 24 6.37 -1.25 -1.36
CA LEU A 24 7.43 -0.68 -0.55
C LEU A 24 8.79 -1.20 -1.02
N HIS A 25 8.80 -2.49 -1.37
CA HIS A 25 10.02 -3.12 -1.84
C HIS A 25 10.52 -2.40 -3.08
N SER A 26 9.57 -2.00 -3.92
CA SER A 26 9.91 -1.29 -5.15
C SER A 26 10.43 0.11 -4.83
N LEU A 27 9.57 0.90 -4.22
CA LEU A 27 9.93 2.27 -3.85
C LEU A 27 11.33 2.26 -3.22
N GLY A 28 11.66 1.14 -2.60
CA GLY A 28 12.95 0.99 -1.95
C GLY A 28 12.84 1.16 -0.44
N LYS A 29 11.63 0.92 0.06
CA LYS A 29 11.37 1.04 1.48
C LYS A 29 11.80 -0.26 2.18
N ASP A 30 12.65 -0.09 3.19
CA ASP A 30 13.15 -1.22 3.95
C ASP A 30 12.02 -1.77 4.83
N THR A 31 11.33 -2.77 4.30
CA THR A 31 10.25 -3.39 5.03
C THR A 31 10.79 -4.28 6.15
N SER A 32 11.39 -3.64 7.13
CA SER A 32 11.96 -4.35 8.27
C SER A 32 11.03 -4.23 9.48
N GLU A 33 10.68 -2.99 9.80
CA GLU A 33 9.80 -2.73 10.93
C GLU A 33 8.45 -2.20 10.43
N MET A 34 7.39 -2.72 11.03
CA MET A 34 6.04 -2.31 10.67
C MET A 34 5.99 -0.81 10.38
N ILE A 35 5.93 -0.50 9.10
CA ILE A 35 5.87 0.89 8.67
C ILE A 35 4.47 1.44 8.93
N SER A 36 4.40 2.41 9.84
CA SER A 36 3.13 3.02 10.19
C SER A 36 2.35 3.38 8.91
N ARG A 37 1.04 3.38 9.04
CA ARG A 37 0.18 3.70 7.92
C ARG A 37 0.53 5.08 7.37
N TYR A 38 0.39 6.09 8.22
CA TYR A 38 0.68 7.45 7.83
C TYR A 38 1.94 7.51 6.97
N ASP A 39 2.92 6.71 7.36
CA ASP A 39 4.19 6.66 6.63
C ASP A 39 3.92 6.22 5.19
N VAL A 40 3.30 5.05 5.07
CA VAL A 40 2.99 4.51 3.75
C VAL A 40 2.15 5.52 2.97
N SER A 41 1.10 5.99 3.64
CA SER A 41 0.21 6.96 3.02
C SER A 41 0.99 8.21 2.61
N ASP A 42 1.76 8.72 3.54
CA ASP A 42 2.57 9.91 3.29
C ASP A 42 3.48 9.66 2.09
N THR A 43 4.10 8.48 2.09
CA THR A 43 4.99 8.11 1.01
C THR A 43 4.23 8.01 -0.31
N ILE A 44 3.00 7.53 -0.21
CA ILE A 44 2.16 7.39 -1.38
C ILE A 44 1.86 8.77 -1.96
N ALA A 45 1.39 9.65 -1.09
CA ALA A 45 1.06 11.01 -1.51
C ALA A 45 2.29 11.65 -2.15
N LYS A 46 3.44 11.39 -1.54
CA LYS A 46 4.68 11.94 -2.05
C LYS A 46 5.01 11.29 -3.40
N TYR A 47 4.94 9.97 -3.42
CA TYR A 47 5.23 9.21 -4.63
C TYR A 47 4.31 9.65 -5.78
N ILE A 48 3.03 9.78 -5.45
CA ILE A 48 2.04 10.18 -6.42
C ILE A 48 2.55 11.40 -7.18
N SER A 49 3.03 12.38 -6.42
CA SER A 49 3.55 13.59 -7.01
C SER A 49 4.96 13.36 -7.56
N LYS A 50 5.74 12.62 -6.79
CA LYS A 50 7.10 12.30 -7.18
C LYS A 50 7.13 11.98 -8.68
N GLU A 51 6.50 10.87 -9.02
CA GLU A 51 6.45 10.45 -10.41
C GLU A 51 5.51 11.36 -11.21
N GLY A 52 4.30 11.50 -10.70
CA GLY A 52 3.31 12.34 -11.36
C GLY A 52 2.03 11.54 -11.65
N LEU A 53 1.59 10.79 -10.65
CA LEU A 53 0.40 9.98 -10.79
C LEU A 53 -0.84 10.88 -10.74
N LEU A 54 -0.63 12.07 -10.19
CA LEU A 54 -1.71 13.04 -10.08
C LEU A 54 -2.46 13.12 -11.42
N ASP A 55 -3.64 13.72 -11.37
CA ASP A 55 -4.45 13.87 -12.57
C ASP A 55 -4.46 15.34 -12.99
N PRO A 56 -4.35 15.56 -14.33
CA PRO A 56 -4.34 16.90 -14.88
C PRO A 56 -5.75 17.51 -14.86
N SER A 57 -6.74 16.64 -15.00
CA SER A 57 -8.13 17.07 -15.00
C SER A 57 -8.54 17.50 -13.59
N ASN A 58 -7.92 16.86 -12.61
CA ASN A 58 -8.22 17.18 -11.22
C ASN A 58 -7.12 16.59 -10.32
N LYS A 59 -6.22 17.47 -9.89
CA LYS A 59 -5.12 17.06 -9.04
C LYS A 59 -5.69 16.41 -7.77
N LYS A 60 -6.87 16.86 -7.39
CA LYS A 60 -7.52 16.34 -6.20
C LYS A 60 -7.61 14.81 -6.30
N LYS A 61 -7.54 14.34 -7.53
CA LYS A 61 -7.61 12.90 -7.78
C LYS A 61 -6.20 12.36 -8.00
N VAL A 62 -6.12 11.04 -8.12
CA VAL A 62 -4.84 10.38 -8.34
C VAL A 62 -5.01 9.31 -9.42
N VAL A 63 -4.11 9.35 -10.40
CA VAL A 63 -4.15 8.39 -11.48
C VAL A 63 -3.04 7.36 -11.27
N CYS A 64 -3.44 6.19 -10.80
CA CYS A 64 -2.49 5.11 -10.56
C CYS A 64 -1.68 4.88 -11.83
N ASP A 65 -0.44 4.47 -11.64
CA ASP A 65 0.45 4.21 -12.77
C ASP A 65 0.65 2.71 -12.92
N LYS A 66 0.98 2.07 -11.81
CA LYS A 66 1.22 0.64 -11.81
C LYS A 66 1.36 0.15 -10.37
N ARG A 67 2.43 0.61 -9.73
CA ARG A 67 2.70 0.24 -8.35
C ARG A 67 1.41 0.29 -7.52
N LEU A 68 0.69 1.39 -7.69
CA LEU A 68 -0.55 1.57 -6.97
C LEU A 68 -1.56 0.49 -7.38
N VAL A 69 -1.59 0.23 -8.68
CA VAL A 69 -2.49 -0.78 -9.22
C VAL A 69 -2.18 -2.12 -8.57
N LEU A 70 -0.93 -2.55 -8.70
CA LEU A 70 -0.50 -3.81 -8.14
C LEU A 70 -0.75 -3.80 -6.63
N LEU A 71 -0.94 -2.59 -6.10
CA LEU A 71 -1.17 -2.43 -4.68
C LEU A 71 -2.68 -2.55 -4.41
N PHE A 72 -3.42 -1.56 -4.88
CA PHE A 72 -4.86 -1.53 -4.69
C PHE A 72 -5.57 -2.30 -5.82
N GLY A 73 -5.23 -1.92 -7.05
CA GLY A 73 -5.83 -2.55 -8.21
C GLY A 73 -6.82 -1.61 -8.90
N THR A 74 -6.72 -0.34 -8.55
CA THR A 74 -7.59 0.67 -9.13
C THR A 74 -6.78 1.62 -10.02
N ARG A 75 -7.46 2.14 -11.04
CA ARG A 75 -6.84 3.06 -11.96
C ARG A 75 -6.71 4.44 -11.33
N THR A 76 -7.81 4.90 -10.76
CA THR A 76 -7.83 6.20 -10.11
C THR A 76 -8.28 6.07 -8.65
N ILE A 77 -7.73 6.95 -7.82
CA ILE A 77 -8.06 6.93 -6.41
C ILE A 77 -7.94 8.36 -5.85
N PHE A 78 -8.28 8.50 -4.58
CA PHE A 78 -8.22 9.79 -3.93
C PHE A 78 -7.02 9.87 -2.97
N ARG A 79 -6.14 10.81 -3.25
CA ARG A 79 -4.96 10.99 -2.43
C ARG A 79 -5.29 10.81 -0.96
N MET A 80 -6.54 11.13 -0.62
CA MET A 80 -6.99 11.00 0.75
C MET A 80 -7.37 9.55 1.07
N LYS A 81 -8.21 8.98 0.20
CA LYS A 81 -8.65 7.61 0.38
C LYS A 81 -7.43 6.71 0.61
N VAL A 82 -6.29 7.19 0.13
CA VAL A 82 -5.05 6.45 0.28
C VAL A 82 -5.02 5.77 1.65
N TYR A 83 -5.08 6.61 2.69
CA TYR A 83 -5.06 6.11 4.05
C TYR A 83 -6.05 4.96 4.23
N ASP A 84 -7.29 5.22 3.84
CA ASP A 84 -8.34 4.22 3.95
C ASP A 84 -7.95 2.99 3.12
N LEU A 85 -7.61 3.24 1.87
CA LEU A 85 -7.22 2.16 0.97
C LEU A 85 -6.37 1.15 1.74
N LEU A 86 -5.42 1.67 2.50
CA LEU A 86 -4.53 0.82 3.28
C LEU A 86 -5.35 0.07 4.33
N GLU A 87 -4.78 -0.03 5.52
CA GLU A 87 -5.44 -0.71 6.62
C GLU A 87 -5.58 -2.21 6.30
N LYS A 88 -6.39 -2.49 5.28
CA LYS A 88 -6.62 -3.86 4.87
C LYS A 88 -5.31 -4.45 4.32
N HIS A 89 -4.35 -3.57 4.11
CA HIS A 89 -3.06 -3.98 3.59
C HIS A 89 -2.11 -4.29 4.76
N TYR A 90 -2.71 -4.56 5.91
CA TYR A 90 -1.93 -4.87 7.10
C TYR A 90 -2.54 -6.06 7.85
N LYS A 91 -1.71 -6.68 8.67
CA LYS A 91 -2.15 -7.84 9.45
C LYS A 91 -2.17 -7.47 10.92
N GLU A 92 -2.07 -8.49 11.76
CA GLU A 92 -2.07 -8.28 13.20
C GLU A 92 -3.51 -8.11 13.71
N ASN A 93 -4.28 -9.19 13.59
CA ASN A 93 -5.66 -9.17 14.01
C ASN A 93 -6.32 -10.51 13.66
N GLN A 94 -7.48 -10.73 14.25
CA GLN A 94 -8.22 -11.96 14.01
C GLN A 94 -9.48 -11.67 13.18
N ASP A 95 -9.71 -12.51 12.19
CA ASP A 95 -10.86 -12.37 11.33
C ASP A 95 -11.24 -13.72 10.74
N SER A 96 -12.52 -13.89 10.47
CA SER A 96 -13.02 -15.13 9.91
C SER A 96 -14.49 -14.98 9.51
N GLY A 97 -14.88 -15.71 8.49
CA GLY A 97 -16.25 -15.67 8.00
C GLY A 97 -16.54 -14.35 7.30
N PRO A 98 -17.77 -14.25 6.73
CA PRO A 98 -18.72 -15.35 6.81
C PRO A 98 -18.32 -16.49 5.86
N SER A 99 -19.13 -17.54 5.88
CA SER A 99 -18.88 -18.69 5.02
C SER A 99 -19.99 -19.72 5.20
N SER A 100 -20.92 -19.72 4.26
CA SER A 100 -22.03 -20.65 4.32
C SER A 100 -22.02 -21.55 3.08
N GLY A 101 -21.94 -22.85 3.33
CA GLY A 101 -21.91 -23.82 2.26
C GLY A 101 -21.09 -23.31 1.07
N GLY A 1 4.95 -13.92 -17.09
CA GLY A 1 5.07 -14.71 -18.30
C GLY A 1 5.72 -16.06 -18.01
N SER A 2 6.12 -16.74 -19.08
CA SER A 2 6.74 -18.04 -18.95
C SER A 2 8.01 -17.93 -18.08
N SER A 3 7.96 -18.60 -16.94
CA SER A 3 9.08 -18.58 -16.03
C SER A 3 8.86 -19.59 -14.90
N GLY A 4 7.76 -19.40 -14.18
CA GLY A 4 7.41 -20.27 -13.08
C GLY A 4 7.05 -19.48 -11.83
N SER A 5 6.04 -18.64 -11.98
CA SER A 5 5.58 -17.81 -10.88
C SER A 5 4.06 -17.88 -10.75
N SER A 6 3.60 -18.97 -10.17
CA SER A 6 2.17 -19.17 -9.99
C SER A 6 1.92 -20.46 -9.19
N GLY A 7 2.10 -20.35 -7.88
CA GLY A 7 1.90 -21.49 -7.00
C GLY A 7 0.74 -21.23 -6.02
N LYS A 8 0.90 -21.75 -4.82
CA LYS A 8 -0.11 -21.59 -3.79
C LYS A 8 0.17 -20.31 -3.00
N ARG A 9 -0.87 -19.49 -2.87
CA ARG A 9 -0.73 -18.24 -2.14
C ARG A 9 -0.10 -18.49 -0.77
N PHE A 10 0.21 -17.39 -0.09
CA PHE A 10 0.81 -17.47 1.22
C PHE A 10 0.04 -16.63 2.24
N GLU A 11 0.46 -16.73 3.50
CA GLU A 11 -0.18 -15.99 4.56
C GLU A 11 0.52 -14.65 4.78
N PHE A 12 0.36 -13.76 3.81
CA PHE A 12 0.97 -12.45 3.88
C PHE A 12 2.49 -12.56 3.98
N VAL A 13 3.17 -11.57 3.43
CA VAL A 13 4.62 -11.54 3.47
C VAL A 13 5.09 -10.53 4.52
N GLY A 14 4.94 -10.92 5.77
CA GLY A 14 5.35 -10.06 6.88
C GLY A 14 4.12 -9.50 7.61
N TRP A 15 4.19 -8.21 7.89
CA TRP A 15 3.10 -7.55 8.59
C TRP A 15 2.03 -7.19 7.56
N GLY A 16 2.49 -6.88 6.36
CA GLY A 16 1.59 -6.52 5.28
C GLY A 16 1.61 -7.57 4.17
N SER A 17 0.71 -7.39 3.20
CA SER A 17 0.62 -8.31 2.09
C SER A 17 1.57 -7.88 0.97
N ARG A 18 2.01 -8.87 0.20
CA ARG A 18 2.92 -8.61 -0.90
C ARG A 18 2.57 -7.29 -1.59
N GLN A 19 1.27 -7.11 -1.82
CA GLN A 19 0.79 -5.90 -2.46
C GLN A 19 1.58 -4.68 -1.97
N LEU A 20 1.22 -4.23 -0.78
CA LEU A 20 1.88 -3.08 -0.18
C LEU A 20 3.39 -3.34 -0.14
N ILE A 21 3.75 -4.46 0.46
CA ILE A 21 5.15 -4.83 0.59
C ILE A 21 5.88 -4.47 -0.71
N GLU A 22 5.64 -5.29 -1.73
CA GLU A 22 6.27 -5.07 -3.02
C GLU A 22 6.32 -3.58 -3.34
N PHE A 23 5.15 -2.98 -3.46
CA PHE A 23 5.05 -1.57 -3.76
C PHE A 23 6.04 -0.76 -2.93
N LEU A 24 6.18 -1.15 -1.67
CA LEU A 24 7.09 -0.48 -0.77
C LEU A 24 8.53 -0.89 -1.10
N HIS A 25 8.68 -2.17 -1.39
CA HIS A 25 10.00 -2.70 -1.73
C HIS A 25 10.60 -1.89 -2.88
N SER A 26 9.81 -1.75 -3.93
CA SER A 26 10.25 -1.00 -5.10
C SER A 26 10.69 0.40 -4.69
N LEU A 27 9.76 1.15 -4.13
CA LEU A 27 10.04 2.51 -3.69
C LEU A 27 11.41 2.54 -3.00
N GLY A 28 11.74 1.43 -2.35
CA GLY A 28 13.01 1.33 -1.66
C GLY A 28 12.82 1.41 -0.14
N LYS A 29 11.59 1.15 0.28
CA LYS A 29 11.26 1.19 1.69
C LYS A 29 11.59 -0.16 2.33
N ASP A 30 12.60 -0.15 3.18
CA ASP A 30 13.03 -1.36 3.86
C ASP A 30 11.91 -1.83 4.80
N THR A 31 11.17 -2.82 4.32
CA THR A 31 10.07 -3.37 5.10
C THR A 31 10.61 -4.14 6.31
N SER A 32 11.25 -3.41 7.21
CA SER A 32 11.81 -4.01 8.40
C SER A 32 10.81 -3.92 9.56
N GLU A 33 10.09 -2.81 9.58
CA GLU A 33 9.10 -2.58 10.62
C GLU A 33 7.70 -2.48 10.01
N MET A 34 6.71 -2.58 10.88
CA MET A 34 5.32 -2.50 10.45
C MET A 34 5.06 -1.22 9.65
N ILE A 35 5.61 -0.12 10.18
CA ILE A 35 5.45 1.17 9.54
C ILE A 35 3.98 1.58 9.58
N SER A 36 3.69 2.56 10.43
CA SER A 36 2.32 3.05 10.58
C SER A 36 1.74 3.37 9.20
N ARG A 37 0.42 3.37 9.14
CA ARG A 37 -0.28 3.67 7.90
C ARG A 37 0.08 5.07 7.42
N TYR A 38 0.08 6.01 8.35
CA TYR A 38 0.40 7.39 8.04
C TYR A 38 1.69 7.47 7.20
N ASP A 39 2.67 6.67 7.59
CA ASP A 39 3.93 6.65 6.90
C ASP A 39 3.70 6.26 5.43
N VAL A 40 3.18 5.05 5.26
CA VAL A 40 2.90 4.56 3.92
C VAL A 40 2.15 5.62 3.12
N SER A 41 1.01 6.03 3.67
CA SER A 41 0.20 7.04 3.01
C SER A 41 1.08 8.21 2.56
N ASP A 42 1.65 8.89 3.53
CA ASP A 42 2.51 10.02 3.25
C ASP A 42 3.47 9.67 2.10
N THR A 43 4.06 8.49 2.23
CA THR A 43 4.98 8.02 1.20
C THR A 43 4.29 7.91 -0.15
N ILE A 44 3.02 7.54 -0.09
CA ILE A 44 2.22 7.40 -1.30
C ILE A 44 1.96 8.78 -1.90
N ALA A 45 1.42 9.66 -1.06
CA ALA A 45 1.11 11.01 -1.49
C ALA A 45 2.35 11.62 -2.16
N LYS A 46 3.50 11.31 -1.58
CA LYS A 46 4.75 11.83 -2.12
C LYS A 46 5.07 11.13 -3.44
N TYR A 47 5.04 9.81 -3.40
CA TYR A 47 5.31 9.01 -4.59
C TYR A 47 4.42 9.44 -5.75
N ILE A 48 3.13 9.55 -5.45
CA ILE A 48 2.17 9.94 -6.46
C ILE A 48 2.71 11.14 -7.25
N SER A 49 3.10 12.16 -6.51
CA SER A 49 3.65 13.37 -7.11
C SER A 49 5.06 13.10 -7.64
N LYS A 50 5.84 12.41 -6.81
CA LYS A 50 7.21 12.09 -7.18
C LYS A 50 7.26 11.66 -8.65
N GLU A 51 6.55 10.58 -8.95
CA GLU A 51 6.51 10.07 -10.31
C GLU A 51 5.62 10.97 -11.18
N GLY A 52 4.43 11.24 -10.67
CA GLY A 52 3.50 12.09 -11.39
C GLY A 52 2.21 11.32 -11.71
N LEU A 53 1.65 10.70 -10.68
CA LEU A 53 0.43 9.94 -10.84
C LEU A 53 -0.77 10.89 -10.77
N LEU A 54 -0.54 12.04 -10.15
CA LEU A 54 -1.59 13.03 -10.02
C LEU A 54 -2.35 13.15 -11.35
N ASP A 55 -3.53 13.76 -11.27
CA ASP A 55 -4.35 13.94 -12.45
C ASP A 55 -4.45 15.44 -12.77
N PRO A 56 -4.47 15.74 -14.10
CA PRO A 56 -4.57 17.12 -14.55
C PRO A 56 -5.99 17.65 -14.36
N SER A 57 -6.95 16.77 -14.58
CA SER A 57 -8.35 17.13 -14.45
C SER A 57 -8.66 17.51 -13.00
N ASN A 58 -7.87 16.95 -12.10
CA ASN A 58 -8.04 17.22 -10.67
C ASN A 58 -6.91 16.56 -9.89
N LYS A 59 -6.02 17.40 -9.38
CA LYS A 59 -4.88 16.91 -8.61
C LYS A 59 -5.39 16.17 -7.38
N LYS A 60 -6.50 16.67 -6.85
CA LYS A 60 -7.10 16.06 -5.67
C LYS A 60 -7.22 14.55 -5.88
N LYS A 61 -7.27 14.16 -7.15
CA LYS A 61 -7.39 12.76 -7.50
C LYS A 61 -5.99 12.18 -7.76
N VAL A 62 -5.96 10.90 -8.03
CA VAL A 62 -4.71 10.22 -8.31
C VAL A 62 -4.93 9.16 -9.39
N VAL A 63 -4.04 9.20 -10.39
CA VAL A 63 -4.13 8.25 -11.49
C VAL A 63 -3.08 7.16 -11.31
N CYS A 64 -3.54 6.01 -10.83
CA CYS A 64 -2.64 4.89 -10.60
C CYS A 64 -1.92 4.57 -11.92
N ASP A 65 -0.70 4.10 -11.79
CA ASP A 65 0.10 3.74 -12.95
C ASP A 65 0.26 2.22 -13.02
N LYS A 66 0.79 1.67 -11.94
CA LYS A 66 1.01 0.23 -11.86
C LYS A 66 1.21 -0.18 -10.41
N ARG A 67 2.19 0.46 -9.79
CA ARG A 67 2.50 0.18 -8.39
C ARG A 67 1.22 0.21 -7.55
N LEU A 68 0.49 1.31 -7.69
CA LEU A 68 -0.75 1.47 -6.94
C LEU A 68 -1.75 0.39 -7.37
N VAL A 69 -1.75 0.11 -8.67
CA VAL A 69 -2.65 -0.89 -9.21
C VAL A 69 -2.35 -2.24 -8.55
N LEU A 70 -1.09 -2.64 -8.65
CA LEU A 70 -0.67 -3.90 -8.06
C LEU A 70 -0.98 -3.91 -6.57
N LEU A 71 -1.22 -2.71 -6.04
CA LEU A 71 -1.52 -2.56 -4.63
C LEU A 71 -3.03 -2.70 -4.42
N PHE A 72 -3.76 -1.70 -4.93
CA PHE A 72 -5.21 -1.70 -4.81
C PHE A 72 -5.85 -2.45 -5.98
N GLY A 73 -5.46 -2.06 -7.18
CA GLY A 73 -5.99 -2.68 -8.39
C GLY A 73 -6.91 -1.71 -9.14
N THR A 74 -7.02 -0.50 -8.60
CA THR A 74 -7.85 0.52 -9.22
C THR A 74 -7.02 1.43 -10.12
N ARG A 75 -7.70 2.12 -11.01
CA ARG A 75 -7.04 3.02 -11.94
C ARG A 75 -6.84 4.39 -11.29
N THR A 76 -7.92 4.92 -10.74
CA THR A 76 -7.87 6.21 -10.09
C THR A 76 -8.35 6.10 -8.63
N ILE A 77 -7.73 6.90 -7.78
CA ILE A 77 -8.08 6.90 -6.37
C ILE A 77 -7.91 8.31 -5.81
N PHE A 78 -8.52 8.54 -4.66
CA PHE A 78 -8.45 9.83 -4.01
C PHE A 78 -7.21 9.92 -3.11
N ARG A 79 -6.46 11.00 -3.31
CA ARG A 79 -5.26 11.23 -2.54
C ARG A 79 -5.56 11.17 -1.04
N MET A 80 -6.85 11.35 -0.72
CA MET A 80 -7.28 11.31 0.66
C MET A 80 -7.92 9.96 1.00
N LYS A 81 -7.79 9.03 0.07
CA LYS A 81 -8.35 7.70 0.26
C LYS A 81 -7.21 6.71 0.51
N VAL A 82 -6.03 7.07 0.01
CA VAL A 82 -4.86 6.23 0.17
C VAL A 82 -4.86 5.63 1.57
N TYR A 83 -4.66 6.50 2.56
CA TYR A 83 -4.63 6.07 3.94
C TYR A 83 -5.71 5.04 4.22
N ASP A 84 -6.96 5.44 3.99
CA ASP A 84 -8.09 4.57 4.20
C ASP A 84 -7.87 3.26 3.44
N LEU A 85 -7.61 3.40 2.15
CA LEU A 85 -7.38 2.24 1.31
C LEU A 85 -6.43 1.27 2.02
N LEU A 86 -5.44 1.84 2.68
CA LEU A 86 -4.47 1.04 3.40
C LEU A 86 -5.13 0.45 4.65
N GLU A 87 -5.68 -0.74 4.48
CA GLU A 87 -6.35 -1.43 5.57
C GLU A 87 -6.21 -2.94 5.41
N LYS A 88 -6.55 -3.41 4.22
CA LYS A 88 -6.47 -4.83 3.93
C LYS A 88 -5.03 -5.21 3.61
N HIS A 89 -4.17 -4.20 3.62
CA HIS A 89 -2.75 -4.40 3.35
C HIS A 89 -1.96 -4.35 4.65
N TYR A 90 -2.59 -4.87 5.71
CA TYR A 90 -1.96 -4.89 7.01
C TYR A 90 -2.49 -6.05 7.85
N LYS A 91 -1.58 -6.72 8.55
CA LYS A 91 -1.94 -7.83 9.39
C LYS A 91 -1.78 -7.43 10.86
N GLU A 92 -1.32 -8.39 11.66
CA GLU A 92 -1.12 -8.15 13.08
C GLU A 92 -2.44 -7.81 13.75
N ASN A 93 -2.60 -8.34 14.95
CA ASN A 93 -3.82 -8.11 15.72
C ASN A 93 -4.22 -6.64 15.59
N GLN A 94 -5.53 -6.42 15.50
CA GLN A 94 -6.04 -5.06 15.37
C GLN A 94 -7.57 -5.10 15.35
N ASP A 95 -8.15 -4.52 16.39
CA ASP A 95 -9.60 -4.46 16.51
C ASP A 95 -10.20 -3.92 15.21
N SER A 96 -11.26 -4.56 14.76
CA SER A 96 -11.93 -4.16 13.53
C SER A 96 -12.80 -5.30 13.00
N GLY A 97 -14.06 -4.96 12.74
CA GLY A 97 -15.01 -5.94 12.24
C GLY A 97 -15.11 -7.14 13.18
N PRO A 98 -15.95 -8.12 12.78
CA PRO A 98 -16.70 -8.01 11.52
C PRO A 98 -17.85 -7.01 11.66
N SER A 99 -18.81 -7.39 12.50
CA SER A 99 -19.98 -6.56 12.73
C SER A 99 -21.02 -7.31 13.55
N SER A 100 -22.13 -6.64 13.81
CA SER A 100 -23.20 -7.24 14.58
C SER A 100 -22.69 -7.70 15.94
N GLY A 101 -23.10 -6.99 16.97
CA GLY A 101 -22.68 -7.32 18.32
C GLY A 101 -21.40 -6.57 18.70
N GLY A 1 18.99 -27.42 -12.24
CA GLY A 1 18.19 -26.86 -11.16
C GLY A 1 18.84 -25.60 -10.60
N SER A 2 18.07 -24.52 -10.58
CA SER A 2 18.57 -23.25 -10.07
C SER A 2 17.44 -22.51 -9.34
N SER A 3 17.73 -22.13 -8.11
CA SER A 3 16.75 -21.41 -7.30
C SER A 3 17.45 -20.69 -6.15
N GLY A 4 17.22 -19.39 -6.08
CA GLY A 4 17.83 -18.57 -5.03
C GLY A 4 16.79 -18.16 -4.00
N SER A 5 17.28 -17.85 -2.81
CA SER A 5 16.40 -17.43 -1.72
C SER A 5 15.33 -18.50 -1.48
N SER A 6 15.58 -19.33 -0.48
CA SER A 6 14.65 -20.40 -0.14
C SER A 6 13.86 -20.01 1.11
N GLY A 7 12.62 -19.59 0.88
CA GLY A 7 11.75 -19.19 1.98
C GLY A 7 10.35 -18.86 1.48
N LYS A 8 9.39 -19.69 1.89
CA LYS A 8 8.01 -19.49 1.49
C LYS A 8 7.18 -19.09 2.71
N ARG A 9 7.05 -17.78 2.90
CA ARG A 9 6.29 -17.26 4.01
C ARG A 9 4.79 -17.39 3.75
N PHE A 10 4.03 -17.40 4.83
CA PHE A 10 2.58 -17.52 4.72
C PHE A 10 1.89 -16.42 5.52
N GLU A 11 0.57 -16.34 5.32
CA GLU A 11 -0.22 -15.33 6.01
C GLU A 11 0.50 -13.98 6.00
N PHE A 12 0.17 -13.18 4.99
CA PHE A 12 0.78 -11.87 4.85
C PHE A 12 2.31 -11.97 4.75
N VAL A 13 2.90 -10.96 4.15
CA VAL A 13 4.34 -10.92 3.99
C VAL A 13 4.96 -10.08 5.12
N GLY A 14 5.22 -10.73 6.23
CA GLY A 14 5.80 -10.06 7.38
C GLY A 14 4.71 -9.43 8.26
N TRP A 15 4.38 -8.19 7.94
CA TRP A 15 3.36 -7.47 8.69
C TRP A 15 2.28 -7.03 7.71
N GLY A 16 2.73 -6.48 6.59
CA GLY A 16 1.81 -6.01 5.56
C GLY A 16 1.66 -7.04 4.44
N SER A 17 0.64 -6.83 3.62
CA SER A 17 0.37 -7.74 2.52
C SER A 17 1.48 -7.62 1.47
N ARG A 18 1.65 -8.70 0.71
CA ARG A 18 2.66 -8.73 -0.33
C ARG A 18 2.52 -7.50 -1.24
N GLN A 19 1.29 -7.20 -1.61
CA GLN A 19 1.01 -6.07 -2.46
C GLN A 19 1.72 -4.82 -1.93
N LEU A 20 1.29 -4.39 -0.75
CA LEU A 20 1.86 -3.22 -0.12
C LEU A 20 3.37 -3.41 0.03
N ILE A 21 3.74 -4.50 0.66
CA ILE A 21 5.15 -4.82 0.87
C ILE A 21 5.92 -4.55 -0.42
N GLU A 22 5.47 -5.17 -1.49
CA GLU A 22 6.11 -5.01 -2.79
C GLU A 22 6.25 -3.52 -3.12
N PHE A 23 5.10 -2.85 -3.14
CA PHE A 23 5.08 -1.43 -3.46
C PHE A 23 6.14 -0.68 -2.65
N LEU A 24 6.28 -1.09 -1.40
CA LEU A 24 7.26 -0.47 -0.51
C LEU A 24 8.66 -0.96 -0.88
N HIS A 25 8.74 -2.24 -1.21
CA HIS A 25 10.00 -2.84 -1.57
C HIS A 25 10.63 -2.07 -2.73
N SER A 26 9.80 -1.81 -3.74
CA SER A 26 10.26 -1.09 -4.91
C SER A 26 10.75 0.31 -4.50
N LEU A 27 9.82 1.10 -3.97
CA LEU A 27 10.15 2.44 -3.54
C LEU A 27 11.47 2.42 -2.77
N GLY A 28 11.76 1.27 -2.17
CA GLY A 28 12.98 1.11 -1.40
C GLY A 28 12.72 1.30 0.09
N LYS A 29 11.45 1.16 0.47
CA LYS A 29 11.06 1.31 1.85
C LYS A 29 11.43 0.04 2.63
N ASP A 30 12.50 0.16 3.38
CA ASP A 30 12.98 -0.97 4.18
C ASP A 30 11.83 -1.54 5.00
N THR A 31 11.39 -2.72 4.61
CA THR A 31 10.29 -3.38 5.30
C THR A 31 10.82 -4.29 6.41
N SER A 32 11.70 -3.73 7.23
CA SER A 32 12.29 -4.47 8.32
C SER A 32 11.33 -4.50 9.52
N GLU A 33 10.92 -3.31 9.94
CA GLU A 33 10.01 -3.19 11.07
C GLU A 33 8.67 -2.61 10.59
N MET A 34 7.60 -3.21 11.11
CA MET A 34 6.27 -2.77 10.75
C MET A 34 6.16 -1.24 10.77
N ILE A 35 5.83 -0.69 9.61
CA ILE A 35 5.71 0.75 9.48
C ILE A 35 4.25 1.15 9.75
N SER A 36 4.09 2.41 10.14
CA SER A 36 2.76 2.93 10.42
C SER A 36 2.04 3.28 9.12
N ARG A 37 0.73 3.07 9.13
CA ARG A 37 -0.08 3.36 7.97
C ARG A 37 0.23 4.76 7.43
N TYR A 38 0.14 5.73 8.33
CA TYR A 38 0.41 7.11 7.96
C TYR A 38 1.70 7.22 7.13
N ASP A 39 2.76 6.63 7.66
CA ASP A 39 4.04 6.66 6.98
C ASP A 39 3.84 6.29 5.50
N VAL A 40 3.45 5.04 5.29
CA VAL A 40 3.22 4.55 3.94
C VAL A 40 2.40 5.58 3.16
N SER A 41 1.20 5.84 3.67
CA SER A 41 0.31 6.79 3.02
C SER A 41 1.11 8.02 2.57
N ASP A 42 1.66 8.71 3.55
CA ASP A 42 2.45 9.91 3.27
C ASP A 42 3.36 9.65 2.07
N THR A 43 4.04 8.50 2.13
CA THR A 43 4.94 8.13 1.06
C THR A 43 4.18 7.99 -0.26
N ILE A 44 3.02 7.37 -0.17
CA ILE A 44 2.18 7.16 -1.34
C ILE A 44 1.88 8.51 -1.99
N ALA A 45 1.46 9.45 -1.16
CA ALA A 45 1.14 10.78 -1.65
C ALA A 45 2.39 11.40 -2.28
N LYS A 46 3.51 11.22 -1.60
CA LYS A 46 4.77 11.76 -2.08
C LYS A 46 5.12 11.11 -3.42
N TYR A 47 4.98 9.79 -3.45
CA TYR A 47 5.28 9.04 -4.66
C TYR A 47 4.40 9.50 -5.82
N ILE A 48 3.11 9.65 -5.54
CA ILE A 48 2.16 10.08 -6.54
C ILE A 48 2.64 11.41 -7.15
N SER A 49 3.00 12.33 -6.27
CA SER A 49 3.47 13.63 -6.70
C SER A 49 4.83 13.50 -7.38
N LYS A 50 5.57 12.48 -6.95
CA LYS A 50 6.89 12.23 -7.51
C LYS A 50 6.76 11.82 -8.97
N GLU A 51 6.06 10.71 -9.17
CA GLU A 51 5.84 10.20 -10.51
C GLU A 51 4.75 11.00 -11.23
N GLY A 52 4.17 11.93 -10.48
CA GLY A 52 3.11 12.77 -11.02
C GLY A 52 1.90 11.93 -11.43
N LEU A 53 1.51 11.04 -10.52
CA LEU A 53 0.37 10.17 -10.77
C LEU A 53 -0.92 10.98 -10.66
N LEU A 54 -0.76 12.23 -10.22
CA LEU A 54 -1.90 13.12 -10.07
C LEU A 54 -2.70 13.16 -11.37
N ASP A 55 -3.88 13.75 -11.29
CA ASP A 55 -4.74 13.86 -12.47
C ASP A 55 -4.89 15.33 -12.84
N PRO A 56 -4.89 15.58 -14.17
CA PRO A 56 -5.03 16.94 -14.68
C PRO A 56 -6.47 17.42 -14.56
N SER A 57 -7.39 16.48 -14.60
CA SER A 57 -8.80 16.79 -14.49
C SER A 57 -9.16 17.08 -13.04
N ASN A 58 -8.35 16.54 -12.14
CA ASN A 58 -8.57 16.72 -10.72
C ASN A 58 -7.34 16.25 -9.95
N LYS A 59 -6.51 17.21 -9.57
CA LYS A 59 -5.30 16.91 -8.83
C LYS A 59 -5.65 16.15 -7.56
N LYS A 60 -6.72 16.61 -6.91
CA LYS A 60 -7.18 15.99 -5.68
C LYS A 60 -7.29 14.48 -5.89
N LYS A 61 -7.44 14.10 -7.16
CA LYS A 61 -7.57 12.69 -7.50
C LYS A 61 -6.18 12.13 -7.83
N VAL A 62 -6.15 10.84 -8.11
CA VAL A 62 -4.90 10.17 -8.45
C VAL A 62 -5.12 9.26 -9.66
N VAL A 63 -4.03 9.00 -10.36
CA VAL A 63 -4.09 8.14 -11.53
C VAL A 63 -3.05 7.03 -11.41
N CYS A 64 -3.49 5.90 -10.89
CA CYS A 64 -2.61 4.76 -10.71
C CYS A 64 -1.90 4.48 -12.04
N ASP A 65 -0.63 4.15 -11.94
CA ASP A 65 0.17 3.85 -13.12
C ASP A 65 0.36 2.33 -13.24
N LYS A 66 0.82 1.75 -12.14
CA LYS A 66 1.05 0.32 -12.11
C LYS A 66 1.22 -0.13 -10.65
N ARG A 67 2.24 0.43 -10.01
CA ARG A 67 2.51 0.09 -8.62
C ARG A 67 1.25 0.21 -7.78
N LEU A 68 0.57 1.33 -7.93
CA LEU A 68 -0.65 1.58 -7.19
C LEU A 68 -1.71 0.56 -7.62
N VAL A 69 -1.67 0.21 -8.91
CA VAL A 69 -2.61 -0.75 -9.44
C VAL A 69 -2.36 -2.12 -8.82
N LEU A 70 -1.11 -2.54 -8.87
CA LEU A 70 -0.72 -3.82 -8.30
C LEU A 70 -1.03 -3.84 -6.81
N LEU A 71 -1.22 -2.64 -6.26
CA LEU A 71 -1.53 -2.51 -4.85
C LEU A 71 -3.03 -2.60 -4.65
N PHE A 72 -3.73 -1.59 -5.14
CA PHE A 72 -5.18 -1.55 -5.00
C PHE A 72 -5.85 -2.33 -6.15
N GLY A 73 -5.54 -1.90 -7.37
CA GLY A 73 -6.10 -2.54 -8.55
C GLY A 73 -7.01 -1.58 -9.31
N THR A 74 -6.95 -0.32 -8.92
CA THR A 74 -7.76 0.71 -9.55
C THR A 74 -6.88 1.61 -10.44
N ARG A 75 -7.55 2.35 -11.31
CA ARG A 75 -6.85 3.25 -12.22
C ARG A 75 -6.75 4.65 -11.60
N THR A 76 -7.78 5.01 -10.86
CA THR A 76 -7.83 6.30 -10.22
C THR A 76 -8.24 6.16 -8.75
N ILE A 77 -7.72 7.07 -7.94
CA ILE A 77 -8.02 7.05 -6.51
C ILE A 77 -7.90 8.47 -5.96
N PHE A 78 -8.13 8.58 -4.66
CA PHE A 78 -8.06 9.87 -4.00
C PHE A 78 -6.84 9.94 -3.07
N ARG A 79 -5.99 10.92 -3.35
CA ARG A 79 -4.79 11.11 -2.56
C ARG A 79 -5.14 11.29 -1.08
N MET A 80 -6.41 11.60 -0.85
CA MET A 80 -6.89 11.80 0.51
C MET A 80 -7.49 10.50 1.07
N LYS A 81 -7.80 9.59 0.17
CA LYS A 81 -8.37 8.31 0.56
C LYS A 81 -7.33 7.21 0.35
N VAL A 82 -6.08 7.57 0.57
CA VAL A 82 -4.99 6.63 0.42
C VAL A 82 -4.83 5.81 1.70
N TYR A 83 -4.59 6.53 2.79
CA TYR A 83 -4.42 5.89 4.08
C TYR A 83 -5.51 4.84 4.34
N ASP A 84 -6.72 5.19 3.91
CA ASP A 84 -7.85 4.29 4.08
C ASP A 84 -7.72 3.13 3.10
N LEU A 85 -7.48 3.47 1.84
CA LEU A 85 -7.34 2.46 0.80
C LEU A 85 -6.53 1.29 1.35
N LEU A 86 -5.54 1.62 2.19
CA LEU A 86 -4.69 0.61 2.78
C LEU A 86 -5.51 -0.24 3.75
N GLU A 87 -5.04 -0.30 4.99
CA GLU A 87 -5.71 -1.07 6.02
C GLU A 87 -5.66 -2.56 5.67
N LYS A 88 -6.37 -2.92 4.60
CA LYS A 88 -6.43 -4.30 4.16
C LYS A 88 -5.00 -4.83 4.00
N HIS A 89 -4.09 -3.92 3.73
CA HIS A 89 -2.69 -4.28 3.55
C HIS A 89 -1.94 -4.10 4.88
N TYR A 90 -2.57 -4.57 5.95
CA TYR A 90 -1.97 -4.47 7.27
C TYR A 90 -2.62 -5.46 8.24
N LYS A 91 -1.78 -6.06 9.07
CA LYS A 91 -2.26 -7.02 10.04
C LYS A 91 -2.62 -6.30 11.34
N GLU A 92 -2.29 -6.94 12.46
CA GLU A 92 -2.57 -6.38 13.76
C GLU A 92 -1.47 -5.38 14.15
N ASN A 93 -1.66 -4.14 13.71
CA ASN A 93 -0.70 -3.09 14.00
C ASN A 93 -1.17 -2.31 15.23
N GLN A 94 -2.24 -1.56 15.05
CA GLN A 94 -2.79 -0.77 16.12
C GLN A 94 -3.67 -1.64 17.03
N ASP A 95 -3.46 -1.48 18.33
CA ASP A 95 -4.22 -2.24 19.31
C ASP A 95 -5.68 -2.28 18.90
N SER A 96 -6.12 -3.46 18.48
CA SER A 96 -7.50 -3.65 18.06
C SER A 96 -7.76 -2.87 16.77
N GLY A 97 -7.76 -1.55 16.89
CA GLY A 97 -7.99 -0.70 15.74
C GLY A 97 -8.95 0.45 16.08
N PRO A 98 -10.24 0.07 16.25
CA PRO A 98 -10.64 -1.32 16.12
C PRO A 98 -10.69 -1.72 14.64
N SER A 99 -11.17 -0.80 13.82
CA SER A 99 -11.27 -1.05 12.39
C SER A 99 -11.85 0.17 11.68
N SER A 100 -11.44 0.35 10.44
CA SER A 100 -11.91 1.47 9.64
C SER A 100 -12.86 0.98 8.55
N GLY A 101 -14.15 1.10 8.82
CA GLY A 101 -15.16 0.67 7.88
C GLY A 101 -15.15 1.56 6.62
N GLY A 1 -29.30 -16.12 15.49
CA GLY A 1 -28.22 -15.55 16.29
C GLY A 1 -27.76 -14.21 15.72
N SER A 2 -26.72 -13.67 16.33
CA SER A 2 -26.17 -12.40 15.90
C SER A 2 -25.30 -12.60 14.65
N SER A 3 -24.94 -11.47 14.05
CA SER A 3 -24.11 -11.52 12.86
C SER A 3 -22.65 -11.20 13.22
N GLY A 4 -21.78 -11.37 12.23
CA GLY A 4 -20.36 -11.11 12.43
C GLY A 4 -19.77 -10.42 11.21
N SER A 5 -18.59 -10.90 10.81
CA SER A 5 -17.90 -10.35 9.66
C SER A 5 -17.23 -11.46 8.86
N SER A 6 -16.91 -11.15 7.61
CA SER A 6 -16.26 -12.11 6.74
C SER A 6 -14.91 -11.56 6.27
N GLY A 7 -13.86 -11.96 6.96
CA GLY A 7 -12.52 -11.53 6.61
C GLY A 7 -11.65 -12.71 6.18
N LYS A 8 -11.01 -12.54 5.03
CA LYS A 8 -10.15 -13.58 4.50
C LYS A 8 -8.71 -13.36 5.00
N ARG A 9 -8.17 -14.39 5.63
CA ARG A 9 -6.81 -14.31 6.15
C ARG A 9 -5.88 -15.21 5.34
N PHE A 10 -4.89 -14.57 4.71
CA PHE A 10 -3.92 -15.30 3.91
C PHE A 10 -2.50 -15.13 4.46
N GLU A 11 -1.57 -15.79 3.80
CA GLU A 11 -0.18 -15.73 4.22
C GLU A 11 0.43 -14.38 3.81
N PHE A 12 0.47 -13.47 4.78
CA PHE A 12 1.02 -12.15 4.53
C PHE A 12 2.55 -12.20 4.46
N VAL A 13 3.11 -11.33 3.63
CA VAL A 13 4.54 -11.26 3.47
C VAL A 13 5.13 -10.26 4.47
N GLY A 14 5.18 -10.71 5.73
CA GLY A 14 5.71 -9.87 6.79
C GLY A 14 4.58 -9.40 7.72
N TRP A 15 4.36 -8.09 7.73
CA TRP A 15 3.34 -7.51 8.57
C TRP A 15 2.18 -7.08 7.66
N GLY A 16 2.53 -6.80 6.41
CA GLY A 16 1.53 -6.37 5.44
C GLY A 16 1.46 -7.34 4.27
N SER A 17 0.46 -7.11 3.42
CA SER A 17 0.28 -7.95 2.25
C SER A 17 1.39 -7.70 1.23
N ARG A 18 1.68 -8.73 0.45
CA ARG A 18 2.72 -8.63 -0.57
C ARG A 18 2.51 -7.36 -1.41
N GLN A 19 1.26 -7.14 -1.78
CA GLN A 19 0.92 -5.98 -2.58
C GLN A 19 1.68 -4.75 -2.08
N LEU A 20 1.31 -4.29 -0.90
CA LEU A 20 1.93 -3.13 -0.29
C LEU A 20 3.43 -3.40 -0.13
N ILE A 21 3.73 -4.50 0.55
CA ILE A 21 5.11 -4.88 0.79
C ILE A 21 5.93 -4.61 -0.46
N GLU A 22 5.49 -5.20 -1.57
CA GLU A 22 6.17 -5.03 -2.83
C GLU A 22 6.31 -3.55 -3.17
N PHE A 23 5.19 -2.85 -3.13
CA PHE A 23 5.18 -1.43 -3.42
C PHE A 23 6.18 -0.68 -2.54
N LEU A 24 6.25 -1.11 -1.29
CA LEU A 24 7.16 -0.50 -0.33
C LEU A 24 8.59 -0.97 -0.62
N HIS A 25 8.68 -2.21 -1.09
CA HIS A 25 9.98 -2.79 -1.40
C HIS A 25 10.66 -1.98 -2.50
N SER A 26 10.00 -1.93 -3.65
CA SER A 26 10.54 -1.19 -4.78
C SER A 26 11.01 0.19 -4.33
N LEU A 27 10.06 0.99 -3.90
CA LEU A 27 10.35 2.34 -3.44
C LEU A 27 11.64 2.31 -2.61
N GLY A 28 11.87 1.18 -1.97
CA GLY A 28 13.05 1.01 -1.14
C GLY A 28 12.71 1.14 0.34
N LYS A 29 11.41 1.08 0.63
CA LYS A 29 10.95 1.19 2.00
C LYS A 29 11.13 -0.16 2.70
N ASP A 30 11.99 -0.16 3.71
CA ASP A 30 12.27 -1.37 4.46
C ASP A 30 10.96 -1.91 5.05
N THR A 31 10.68 -3.16 4.74
CA THR A 31 9.47 -3.80 5.22
C THR A 31 9.82 -4.91 6.21
N SER A 32 9.83 -4.55 7.48
CA SER A 32 10.15 -5.50 8.54
C SER A 32 9.87 -4.88 9.91
N GLU A 33 10.27 -3.63 10.05
CA GLU A 33 10.07 -2.91 11.30
C GLU A 33 8.62 -2.43 11.40
N MET A 34 7.83 -2.79 10.40
CA MET A 34 6.43 -2.40 10.36
C MET A 34 6.28 -0.88 10.46
N ILE A 35 5.96 -0.27 9.34
CA ILE A 35 5.78 1.17 9.28
C ILE A 35 4.32 1.51 9.56
N SER A 36 4.12 2.72 10.07
CA SER A 36 2.77 3.18 10.38
C SER A 36 2.01 3.50 9.10
N ARG A 37 0.75 3.09 9.07
CA ARG A 37 -0.08 3.33 7.90
C ARG A 37 0.06 4.77 7.44
N TYR A 38 0.09 5.68 8.40
CA TYR A 38 0.23 7.10 8.10
C TYR A 38 1.47 7.35 7.24
N ASP A 39 2.57 6.72 7.62
CA ASP A 39 3.81 6.87 6.90
C ASP A 39 3.62 6.38 5.45
N VAL A 40 3.32 5.11 5.33
CA VAL A 40 3.11 4.51 4.02
C VAL A 40 2.31 5.48 3.15
N SER A 41 1.18 5.92 3.68
CA SER A 41 0.32 6.86 2.96
C SER A 41 1.13 8.06 2.50
N ASP A 42 1.65 8.79 3.49
CA ASP A 42 2.44 9.98 3.20
C ASP A 42 3.39 9.68 2.04
N THR A 43 4.04 8.53 2.13
CA THR A 43 4.98 8.11 1.09
C THR A 43 4.27 7.99 -0.26
N ILE A 44 3.06 7.43 -0.20
CA ILE A 44 2.27 7.24 -1.40
C ILE A 44 1.96 8.60 -2.02
N ALA A 45 1.41 9.48 -1.19
CA ALA A 45 1.06 10.82 -1.64
C ALA A 45 2.28 11.47 -2.31
N LYS A 46 3.41 11.36 -1.63
CA LYS A 46 4.65 11.91 -2.13
C LYS A 46 5.02 11.23 -3.45
N TYR A 47 4.97 9.90 -3.42
CA TYR A 47 5.29 9.11 -4.59
C TYR A 47 4.39 9.49 -5.77
N ILE A 48 3.09 9.52 -5.49
CA ILE A 48 2.11 9.87 -6.51
C ILE A 48 2.64 11.05 -7.34
N SER A 49 2.92 12.13 -6.64
CA SER A 49 3.43 13.33 -7.29
C SER A 49 4.84 13.09 -7.81
N LYS A 50 5.61 12.36 -7.02
CA LYS A 50 6.99 12.05 -7.38
C LYS A 50 7.03 11.62 -8.85
N GLU A 51 6.32 10.53 -9.14
CA GLU A 51 6.27 10.00 -10.49
C GLU A 51 5.36 10.86 -11.35
N GLY A 52 4.25 11.29 -10.76
CA GLY A 52 3.29 12.12 -11.48
C GLY A 52 2.00 11.35 -11.74
N LEU A 53 1.50 10.70 -10.70
CA LEU A 53 0.28 9.93 -10.81
C LEU A 53 -0.92 10.86 -10.67
N LEU A 54 -0.66 12.03 -10.09
CA LEU A 54 -1.71 13.01 -9.89
C LEU A 54 -2.51 13.17 -11.18
N ASP A 55 -3.67 13.79 -11.04
CA ASP A 55 -4.54 14.02 -12.19
C ASP A 55 -4.62 15.52 -12.48
N PRO A 56 -4.65 15.84 -13.81
CA PRO A 56 -4.72 17.23 -14.23
C PRO A 56 -6.13 17.80 -14.01
N SER A 57 -7.12 16.93 -14.19
CA SER A 57 -8.50 17.34 -14.02
C SER A 57 -8.76 17.70 -12.55
N ASN A 58 -8.09 16.97 -11.68
CA ASN A 58 -8.24 17.20 -10.24
C ASN A 58 -7.07 16.55 -9.51
N LYS A 59 -6.10 17.38 -9.14
CA LYS A 59 -4.93 16.90 -8.43
C LYS A 59 -5.38 16.17 -7.17
N LYS A 60 -6.49 16.63 -6.60
CA LYS A 60 -7.03 16.03 -5.39
C LYS A 60 -7.15 14.52 -5.59
N LYS A 61 -7.26 14.12 -6.85
CA LYS A 61 -7.38 12.72 -7.19
C LYS A 61 -6.01 12.17 -7.56
N VAL A 62 -6.00 10.89 -7.95
CA VAL A 62 -4.76 10.24 -8.34
C VAL A 62 -5.04 9.31 -9.52
N VAL A 63 -4.04 9.20 -10.39
CA VAL A 63 -4.16 8.35 -11.55
C VAL A 63 -3.11 7.24 -11.49
N CYS A 64 -3.50 6.12 -10.89
CA CYS A 64 -2.59 5.00 -10.76
C CYS A 64 -1.88 4.79 -12.10
N ASP A 65 -0.62 4.36 -12.00
CA ASP A 65 0.18 4.12 -13.18
C ASP A 65 0.34 2.61 -13.39
N LYS A 66 0.82 1.95 -12.35
CA LYS A 66 1.03 0.51 -12.41
C LYS A 66 1.25 -0.03 -11.00
N ARG A 67 2.09 0.68 -10.26
CA ARG A 67 2.41 0.28 -8.90
C ARG A 67 1.13 0.29 -8.04
N LEU A 68 0.49 1.45 -8.01
CA LEU A 68 -0.74 1.60 -7.24
C LEU A 68 -1.74 0.53 -7.66
N VAL A 69 -1.75 0.26 -8.96
CA VAL A 69 -2.65 -0.73 -9.51
C VAL A 69 -2.37 -2.09 -8.87
N LEU A 70 -1.12 -2.52 -8.99
CA LEU A 70 -0.70 -3.79 -8.43
C LEU A 70 -1.00 -3.81 -6.94
N LEU A 71 -1.08 -2.62 -6.37
CA LEU A 71 -1.36 -2.48 -4.95
C LEU A 71 -2.87 -2.60 -4.72
N PHE A 72 -3.58 -1.58 -5.19
CA PHE A 72 -5.03 -1.56 -5.04
C PHE A 72 -5.71 -2.37 -6.16
N GLY A 73 -5.45 -1.94 -7.39
CA GLY A 73 -6.03 -2.60 -8.54
C GLY A 73 -6.98 -1.67 -9.30
N THR A 74 -6.97 -0.41 -8.88
CA THR A 74 -7.82 0.59 -9.51
C THR A 74 -6.99 1.53 -10.36
N ARG A 75 -7.69 2.32 -11.18
CA ARG A 75 -7.02 3.26 -12.06
C ARG A 75 -6.87 4.61 -11.35
N THR A 76 -7.97 5.09 -10.80
CA THR A 76 -7.98 6.37 -10.11
C THR A 76 -8.41 6.18 -8.65
N ILE A 77 -7.85 7.01 -7.79
CA ILE A 77 -8.17 6.95 -6.37
C ILE A 77 -7.99 8.33 -5.75
N PHE A 78 -8.59 8.51 -4.59
CA PHE A 78 -8.51 9.78 -3.88
C PHE A 78 -7.26 9.83 -3.00
N ARG A 79 -6.46 10.86 -3.22
CA ARG A 79 -5.24 11.03 -2.46
C ARG A 79 -5.55 11.10 -0.97
N MET A 80 -6.81 11.38 -0.66
CA MET A 80 -7.25 11.47 0.72
C MET A 80 -7.85 10.15 1.20
N LYS A 81 -7.85 9.18 0.30
CA LYS A 81 -8.39 7.87 0.60
C LYS A 81 -7.24 6.87 0.75
N VAL A 82 -6.13 7.18 0.10
CA VAL A 82 -4.95 6.33 0.15
C VAL A 82 -4.79 5.79 1.58
N TYR A 83 -4.71 6.72 2.52
CA TYR A 83 -4.55 6.36 3.92
C TYR A 83 -5.50 5.23 4.30
N ASP A 84 -6.78 5.46 4.03
CA ASP A 84 -7.80 4.48 4.35
C ASP A 84 -7.59 3.24 3.48
N LEU A 85 -7.43 3.48 2.19
CA LEU A 85 -7.23 2.39 1.24
C LEU A 85 -6.29 1.35 1.87
N LEU A 86 -5.31 1.86 2.60
CA LEU A 86 -4.34 0.99 3.25
C LEU A 86 -4.98 0.36 4.50
N GLU A 87 -5.45 -0.86 4.33
CA GLU A 87 -6.08 -1.58 5.42
C GLU A 87 -5.88 -3.08 5.25
N LYS A 88 -6.26 -3.58 4.08
CA LYS A 88 -6.12 -4.99 3.78
C LYS A 88 -4.65 -5.33 3.59
N HIS A 89 -3.83 -4.29 3.60
CA HIS A 89 -2.39 -4.46 3.43
C HIS A 89 -1.70 -4.32 4.80
N TYR A 90 -2.23 -5.04 5.77
CA TYR A 90 -1.67 -5.02 7.12
C TYR A 90 -2.15 -6.22 7.93
N LYS A 91 -1.31 -6.62 8.88
CA LYS A 91 -1.63 -7.75 9.73
C LYS A 91 -1.02 -7.53 11.11
N GLU A 92 -1.90 -7.44 12.11
CA GLU A 92 -1.46 -7.23 13.48
C GLU A 92 -2.29 -8.09 14.44
N ASN A 93 -1.67 -9.15 14.92
CA ASN A 93 -2.33 -10.05 15.85
C ASN A 93 -1.40 -11.21 16.20
N GLN A 94 -1.59 -11.75 17.38
CA GLN A 94 -0.77 -12.85 17.85
C GLN A 94 -1.64 -13.91 18.55
N ASP A 95 -2.54 -14.50 17.77
CA ASP A 95 -3.43 -15.52 18.31
C ASP A 95 -3.65 -16.60 17.25
N SER A 96 -3.70 -17.83 17.72
CA SER A 96 -3.90 -18.97 16.82
C SER A 96 -4.10 -20.25 17.63
N GLY A 97 -4.87 -21.17 17.07
CA GLY A 97 -5.13 -22.42 17.74
C GLY A 97 -4.11 -23.48 17.32
N PRO A 98 -4.36 -24.09 16.14
CA PRO A 98 -5.52 -23.75 15.34
C PRO A 98 -6.80 -24.33 15.95
N SER A 99 -7.92 -23.94 15.37
CA SER A 99 -9.21 -24.43 15.84
C SER A 99 -10.29 -24.17 14.79
N SER A 100 -11.38 -24.91 14.89
CA SER A 100 -12.48 -24.77 13.96
C SER A 100 -13.56 -23.87 14.56
N GLY A 101 -14.04 -24.26 15.73
CA GLY A 101 -15.05 -23.49 16.41
C GLY A 101 -16.44 -23.82 15.86
N GLY A 1 27.36 -21.02 0.14
CA GLY A 1 28.17 -21.20 1.33
C GLY A 1 27.50 -20.58 2.56
N SER A 2 26.30 -21.08 2.84
CA SER A 2 25.54 -20.59 3.98
C SER A 2 25.19 -21.75 4.91
N SER A 3 24.86 -21.39 6.15
CA SER A 3 24.50 -22.38 7.15
C SER A 3 23.01 -22.28 7.48
N GLY A 4 22.28 -23.33 7.15
CA GLY A 4 20.85 -23.37 7.42
C GLY A 4 20.07 -22.64 6.32
N SER A 5 18.77 -22.62 6.48
CA SER A 5 17.90 -21.96 5.52
C SER A 5 17.21 -20.77 6.17
N SER A 6 16.46 -21.04 7.22
CA SER A 6 15.75 -20.01 7.93
C SER A 6 14.91 -19.18 6.96
N GLY A 7 13.64 -19.55 6.86
CA GLY A 7 12.72 -18.86 5.96
C GLY A 7 11.32 -19.47 6.03
N LYS A 8 10.69 -19.32 7.18
CA LYS A 8 9.36 -19.85 7.39
C LYS A 8 8.36 -19.05 6.54
N ARG A 9 7.71 -19.74 5.63
CA ARG A 9 6.74 -19.12 4.75
C ARG A 9 5.34 -19.20 5.37
N PHE A 10 4.76 -18.04 5.60
CA PHE A 10 3.43 -17.95 6.18
C PHE A 10 2.62 -16.83 5.55
N GLU A 11 1.35 -16.76 5.94
CA GLU A 11 0.46 -15.75 5.41
C GLU A 11 1.15 -14.38 5.40
N PHE A 12 0.89 -13.64 4.35
CA PHE A 12 1.49 -12.31 4.20
C PHE A 12 3.01 -12.39 4.24
N VAL A 13 3.64 -11.38 3.66
CA VAL A 13 5.09 -11.32 3.61
C VAL A 13 5.58 -10.31 4.65
N GLY A 14 5.55 -10.73 5.91
CA GLY A 14 5.99 -9.87 6.99
C GLY A 14 4.82 -9.45 7.86
N TRP A 15 4.48 -8.17 7.77
CA TRP A 15 3.39 -7.62 8.55
C TRP A 15 2.27 -7.24 7.57
N GLY A 16 2.68 -6.73 6.42
CA GLY A 16 1.72 -6.33 5.40
C GLY A 16 1.69 -7.34 4.24
N SER A 17 0.75 -7.12 3.33
CA SER A 17 0.61 -7.99 2.19
C SER A 17 1.66 -7.64 1.12
N ARG A 18 2.03 -8.65 0.34
CA ARG A 18 3.02 -8.44 -0.71
C ARG A 18 2.69 -7.19 -1.52
N GLN A 19 1.43 -7.09 -1.93
CA GLN A 19 0.99 -5.95 -2.71
C GLN A 19 1.62 -4.67 -2.18
N LEU A 20 1.36 -4.39 -0.91
CA LEU A 20 1.90 -3.21 -0.28
C LEU A 20 3.42 -3.36 -0.12
N ILE A 21 3.80 -4.42 0.58
CA ILE A 21 5.21 -4.70 0.82
C ILE A 21 5.99 -4.42 -0.47
N GLU A 22 5.83 -5.31 -1.43
CA GLU A 22 6.52 -5.17 -2.71
C GLU A 22 6.54 -3.70 -3.14
N PHE A 23 5.34 -3.15 -3.31
CA PHE A 23 5.21 -1.76 -3.72
C PHE A 23 6.13 -0.85 -2.89
N LEU A 24 6.25 -1.20 -1.61
CA LEU A 24 7.08 -0.43 -0.70
C LEU A 24 8.55 -0.80 -0.93
N HIS A 25 8.76 -2.08 -1.21
CA HIS A 25 10.10 -2.58 -1.44
C HIS A 25 10.76 -1.77 -2.56
N SER A 26 10.08 -1.73 -3.69
CA SER A 26 10.59 -0.99 -4.84
C SER A 26 10.96 0.44 -4.43
N LEU A 27 9.94 1.17 -3.97
CA LEU A 27 10.14 2.54 -3.54
C LEU A 27 11.45 2.65 -2.75
N GLY A 28 11.80 1.54 -2.10
CA GLY A 28 13.02 1.49 -1.31
C GLY A 28 12.71 1.54 0.19
N LYS A 29 11.42 1.41 0.49
CA LYS A 29 10.98 1.44 1.88
C LYS A 29 11.44 0.16 2.57
N ASP A 30 11.71 0.30 3.87
CA ASP A 30 12.16 -0.83 4.66
C ASP A 30 10.95 -1.49 5.33
N THR A 31 10.66 -2.70 4.88
CA THR A 31 9.54 -3.45 5.42
C THR A 31 10.03 -4.53 6.38
N SER A 32 9.90 -4.23 7.67
CA SER A 32 10.33 -5.17 8.70
C SER A 32 9.90 -4.65 10.08
N GLU A 33 10.24 -3.40 10.34
CA GLU A 33 9.90 -2.78 11.61
C GLU A 33 8.44 -2.33 11.61
N MET A 34 7.76 -2.66 10.52
CA MET A 34 6.36 -2.29 10.38
C MET A 34 6.19 -0.77 10.46
N ILE A 35 6.01 -0.17 9.30
CA ILE A 35 5.83 1.28 9.22
C ILE A 35 4.37 1.62 9.51
N SER A 36 4.17 2.80 10.07
CA SER A 36 2.83 3.25 10.40
C SER A 36 2.05 3.56 9.12
N ARG A 37 0.76 3.26 9.16
CA ARG A 37 -0.10 3.49 8.02
C ARG A 37 0.00 4.95 7.57
N TYR A 38 -0.27 5.85 8.50
CA TYR A 38 -0.20 7.27 8.22
C TYR A 38 1.05 7.62 7.40
N ASP A 39 2.16 7.02 7.81
CA ASP A 39 3.43 7.26 7.14
C ASP A 39 3.34 6.72 5.72
N VAL A 40 3.08 5.43 5.61
CA VAL A 40 2.97 4.79 4.32
C VAL A 40 2.21 5.71 3.36
N SER A 41 1.03 6.13 3.80
CA SER A 41 0.19 7.00 3.00
C SER A 41 1.04 8.15 2.43
N ASP A 42 1.66 8.90 3.35
CA ASP A 42 2.48 10.02 2.96
C ASP A 42 3.40 9.60 1.80
N THR A 43 4.08 8.48 2.02
CA THR A 43 4.99 7.96 1.01
C THR A 43 4.26 7.75 -0.32
N ILE A 44 3.02 7.29 -0.21
CA ILE A 44 2.21 7.05 -1.40
C ILE A 44 1.90 8.38 -2.08
N ALA A 45 1.47 9.34 -1.27
CA ALA A 45 1.14 10.66 -1.78
C ALA A 45 2.39 11.29 -2.41
N LYS A 46 3.53 11.01 -1.79
CA LYS A 46 4.80 11.53 -2.26
C LYS A 46 5.13 10.87 -3.60
N TYR A 47 5.04 9.55 -3.62
CA TYR A 47 5.33 8.79 -4.83
C TYR A 47 4.47 9.27 -6.00
N ILE A 48 3.18 9.45 -5.72
CA ILE A 48 2.24 9.90 -6.73
C ILE A 48 2.78 11.18 -7.38
N SER A 49 3.11 12.14 -6.53
CA SER A 49 3.63 13.41 -7.01
C SER A 49 5.02 13.21 -7.63
N LYS A 50 5.86 12.51 -6.88
CA LYS A 50 7.22 12.25 -7.34
C LYS A 50 7.18 11.81 -8.81
N GLU A 51 6.52 10.70 -9.05
CA GLU A 51 6.40 10.16 -10.40
C GLU A 51 5.51 11.07 -11.25
N GLY A 52 4.34 11.37 -10.71
CA GLY A 52 3.39 12.23 -11.41
C GLY A 52 2.10 11.47 -11.71
N LEU A 53 1.61 10.75 -10.72
CA LEU A 53 0.39 9.99 -10.86
C LEU A 53 -0.82 10.92 -10.70
N LEU A 54 -0.54 12.09 -10.16
CA LEU A 54 -1.59 13.07 -9.95
C LEU A 54 -2.44 13.19 -11.20
N ASP A 55 -3.57 13.88 -11.06
CA ASP A 55 -4.48 14.06 -12.17
C ASP A 55 -4.57 15.56 -12.50
N PRO A 56 -4.63 15.85 -13.83
CA PRO A 56 -4.72 17.22 -14.29
C PRO A 56 -6.12 17.78 -14.07
N SER A 57 -7.11 16.90 -14.19
CA SER A 57 -8.49 17.30 -14.00
C SER A 57 -8.74 17.66 -12.54
N ASN A 58 -7.92 17.09 -11.67
CA ASN A 58 -8.03 17.35 -10.25
C ASN A 58 -6.87 16.66 -9.52
N LYS A 59 -5.91 17.47 -9.11
CA LYS A 59 -4.75 16.96 -8.40
C LYS A 59 -5.21 16.24 -7.13
N LYS A 60 -6.28 16.76 -6.54
CA LYS A 60 -6.83 16.17 -5.33
C LYS A 60 -6.98 14.66 -5.53
N LYS A 61 -7.11 14.26 -6.78
CA LYS A 61 -7.26 12.86 -7.12
C LYS A 61 -5.90 12.26 -7.42
N VAL A 62 -5.92 11.05 -7.95
CA VAL A 62 -4.69 10.35 -8.30
C VAL A 62 -4.97 9.37 -9.43
N VAL A 63 -3.97 9.22 -10.31
CA VAL A 63 -4.10 8.32 -11.44
C VAL A 63 -3.08 7.19 -11.29
N CYS A 64 -3.57 6.05 -10.85
CA CYS A 64 -2.71 4.88 -10.67
C CYS A 64 -1.99 4.61 -11.99
N ASP A 65 -0.76 4.14 -11.88
CA ASP A 65 0.04 3.83 -13.05
C ASP A 65 0.14 2.31 -13.21
N LYS A 66 0.83 1.70 -12.26
CA LYS A 66 1.00 0.25 -12.28
C LYS A 66 1.06 -0.27 -10.85
N ARG A 67 2.11 0.15 -10.14
CA ARG A 67 2.29 -0.27 -8.76
C ARG A 67 0.99 -0.12 -7.97
N LEU A 68 0.47 1.10 -7.99
CA LEU A 68 -0.77 1.39 -7.28
C LEU A 68 -1.84 0.39 -7.71
N VAL A 69 -1.89 0.15 -9.01
CA VAL A 69 -2.86 -0.78 -9.56
C VAL A 69 -2.62 -2.16 -8.97
N LEU A 70 -1.39 -2.64 -9.13
CA LEU A 70 -1.02 -3.95 -8.64
C LEU A 70 -1.25 -3.99 -7.12
N LEU A 71 -1.38 -2.81 -6.54
CA LEU A 71 -1.60 -2.70 -5.11
C LEU A 71 -3.11 -2.79 -4.83
N PHE A 72 -3.82 -1.75 -5.22
CA PHE A 72 -5.25 -1.71 -5.01
C PHE A 72 -5.99 -2.43 -6.14
N GLY A 73 -5.68 -2.03 -7.36
CA GLY A 73 -6.30 -2.62 -8.53
C GLY A 73 -7.26 -1.64 -9.21
N THR A 74 -7.12 -0.38 -8.83
CA THR A 74 -7.96 0.67 -9.39
C THR A 74 -7.13 1.58 -10.30
N ARG A 75 -7.84 2.41 -11.05
CA ARG A 75 -7.19 3.32 -11.97
C ARG A 75 -6.96 4.68 -11.30
N THR A 76 -8.01 5.17 -10.65
CA THR A 76 -7.94 6.43 -9.96
C THR A 76 -8.34 6.28 -8.49
N ILE A 77 -7.68 7.06 -7.64
CA ILE A 77 -7.95 7.02 -6.22
C ILE A 77 -7.72 8.40 -5.61
N PHE A 78 -8.30 8.60 -4.44
CA PHE A 78 -8.16 9.87 -3.74
C PHE A 78 -6.92 9.88 -2.85
N ARG A 79 -6.00 10.76 -3.18
CA ARG A 79 -4.77 10.88 -2.41
C ARG A 79 -5.06 10.72 -0.91
N MET A 80 -6.26 11.13 -0.54
CA MET A 80 -6.67 11.03 0.86
C MET A 80 -7.08 9.60 1.22
N LYS A 81 -8.04 9.09 0.46
CA LYS A 81 -8.53 7.74 0.69
C LYS A 81 -7.34 6.79 0.83
N VAL A 82 -6.23 7.19 0.23
CA VAL A 82 -5.02 6.39 0.27
C VAL A 82 -4.86 5.80 1.68
N TYR A 83 -4.80 6.69 2.66
CA TYR A 83 -4.65 6.28 4.04
C TYR A 83 -5.66 5.18 4.40
N ASP A 84 -6.90 5.42 4.01
CA ASP A 84 -7.96 4.47 4.29
C ASP A 84 -7.70 3.19 3.49
N LEU A 85 -7.51 3.35 2.19
CA LEU A 85 -7.26 2.22 1.32
C LEU A 85 -6.32 1.24 2.03
N LEU A 86 -5.28 1.79 2.64
CA LEU A 86 -4.31 0.99 3.35
C LEU A 86 -4.96 0.41 4.61
N GLU A 87 -5.48 -0.80 4.47
CA GLU A 87 -6.13 -1.47 5.58
C GLU A 87 -6.00 -3.00 5.43
N LYS A 88 -6.27 -3.46 4.22
CA LYS A 88 -6.19 -4.88 3.94
C LYS A 88 -4.75 -5.26 3.62
N HIS A 89 -3.88 -4.25 3.70
CA HIS A 89 -2.46 -4.46 3.42
C HIS A 89 -1.68 -4.43 4.73
N TYR A 90 -2.27 -5.03 5.76
CA TYR A 90 -1.63 -5.09 7.06
C TYR A 90 -2.06 -6.33 7.84
N LYS A 91 -1.17 -6.78 8.71
CA LYS A 91 -1.46 -7.95 9.52
C LYS A 91 -0.79 -7.79 10.89
N GLU A 92 -1.64 -7.76 11.92
CA GLU A 92 -1.15 -7.62 13.27
C GLU A 92 -1.04 -8.99 13.95
N ASN A 93 0.09 -9.64 13.71
CA ASN A 93 0.33 -10.96 14.28
C ASN A 93 0.08 -10.91 15.78
N GLN A 94 -1.07 -11.46 16.18
CA GLN A 94 -1.44 -11.49 17.58
C GLN A 94 -1.67 -12.93 18.05
N ASP A 95 -0.57 -13.59 18.38
CA ASP A 95 -0.65 -14.97 18.84
C ASP A 95 -1.84 -15.13 19.80
N SER A 96 -2.57 -16.21 19.60
CA SER A 96 -3.72 -16.48 20.44
C SER A 96 -3.90 -17.99 20.62
N GLY A 97 -4.45 -18.36 21.77
CA GLY A 97 -4.67 -19.76 22.07
C GLY A 97 -4.49 -20.03 23.57
N PRO A 98 -4.75 -21.31 23.96
CA PRO A 98 -5.16 -22.31 22.99
C PRO A 98 -6.62 -22.12 22.58
N SER A 99 -7.43 -21.75 23.55
CA SER A 99 -8.85 -21.51 23.31
C SER A 99 -9.48 -22.78 22.71
N SER A 100 -10.81 -22.76 22.64
CA SER A 100 -11.54 -23.89 22.09
C SER A 100 -11.94 -23.60 20.64
N GLY A 101 -12.40 -24.66 19.98
CA GLY A 101 -12.81 -24.53 18.59
C GLY A 101 -14.03 -25.43 18.31
N GLY A 1 21.67 -5.64 -4.32
CA GLY A 1 20.58 -6.43 -3.81
C GLY A 1 21.08 -7.50 -2.83
N SER A 2 20.22 -7.84 -1.89
CA SER A 2 20.57 -8.84 -0.90
C SER A 2 19.62 -10.04 -1.01
N SER A 3 20.16 -11.22 -0.73
CA SER A 3 19.38 -12.44 -0.80
C SER A 3 20.15 -13.59 -0.13
N GLY A 4 19.39 -14.54 0.40
CA GLY A 4 19.97 -15.68 1.06
C GLY A 4 19.95 -16.92 0.16
N SER A 5 18.98 -17.80 0.44
CA SER A 5 18.84 -19.01 -0.33
C SER A 5 17.37 -19.44 -0.36
N SER A 6 16.84 -19.67 0.84
CA SER A 6 15.45 -20.10 0.96
C SER A 6 14.92 -19.72 2.35
N GLY A 7 13.85 -18.94 2.35
CA GLY A 7 13.24 -18.51 3.60
C GLY A 7 11.92 -19.26 3.85
N LYS A 8 10.95 -18.52 4.37
CA LYS A 8 9.66 -19.09 4.66
C LYS A 8 8.57 -18.32 3.91
N ARG A 9 7.55 -19.04 3.49
CA ARG A 9 6.44 -18.44 2.76
C ARG A 9 5.11 -18.76 3.44
N PHE A 10 4.57 -17.75 4.13
CA PHE A 10 3.32 -17.92 4.83
C PHE A 10 2.37 -16.75 4.53
N GLU A 11 1.15 -16.88 5.04
CA GLU A 11 0.15 -15.85 4.83
C GLU A 11 0.78 -14.46 4.96
N PHE A 12 0.56 -13.65 3.94
CA PHE A 12 1.10 -12.30 3.91
C PHE A 12 2.63 -12.32 4.00
N VAL A 13 3.24 -11.33 3.38
CA VAL A 13 4.69 -11.22 3.38
C VAL A 13 5.13 -10.26 4.49
N GLY A 14 5.53 -10.85 5.61
CA GLY A 14 5.98 -10.06 6.75
C GLY A 14 4.78 -9.62 7.61
N TRP A 15 4.59 -8.31 7.69
CA TRP A 15 3.50 -7.76 8.46
C TRP A 15 2.38 -7.37 7.51
N GLY A 16 2.79 -6.87 6.35
CA GLY A 16 1.82 -6.46 5.33
C GLY A 16 1.85 -7.42 4.14
N SER A 17 0.86 -7.25 3.27
CA SER A 17 0.76 -8.09 2.08
C SER A 17 1.76 -7.63 1.02
N ARG A 18 1.95 -8.46 0.02
CA ARG A 18 2.87 -8.15 -1.06
C ARG A 18 2.45 -6.86 -1.77
N GLN A 19 1.19 -6.83 -2.17
CA GLN A 19 0.65 -5.66 -2.86
C GLN A 19 1.25 -4.38 -2.27
N LEU A 20 1.23 -4.32 -0.95
CA LEU A 20 1.76 -3.16 -0.25
C LEU A 20 3.28 -3.32 -0.06
N ILE A 21 3.64 -4.39 0.64
CA ILE A 21 5.04 -4.67 0.88
C ILE A 21 5.86 -4.37 -0.37
N GLU A 22 5.68 -5.21 -1.37
CA GLU A 22 6.40 -5.03 -2.63
C GLU A 22 6.48 -3.55 -2.99
N PHE A 23 5.31 -2.97 -3.22
CA PHE A 23 5.23 -1.55 -3.57
C PHE A 23 6.15 -0.72 -2.68
N LEU A 24 6.25 -1.14 -1.43
CA LEU A 24 7.09 -0.43 -0.47
C LEU A 24 8.54 -0.85 -0.67
N HIS A 25 8.73 -2.13 -0.98
CA HIS A 25 10.07 -2.66 -1.20
C HIS A 25 10.75 -1.89 -2.32
N SER A 26 10.02 -1.70 -3.41
CA SER A 26 10.54 -0.99 -4.55
C SER A 26 10.98 0.41 -4.13
N LEU A 27 10.05 1.15 -3.55
CA LEU A 27 10.34 2.50 -3.09
C LEU A 27 11.61 2.49 -2.24
N GLY A 28 11.90 1.32 -1.69
CA GLY A 28 13.08 1.17 -0.86
C GLY A 28 12.72 1.26 0.63
N LYS A 29 11.43 1.22 0.89
CA LYS A 29 10.94 1.31 2.26
C LYS A 29 11.12 -0.05 2.94
N ASP A 30 12.27 -0.22 3.55
CA ASP A 30 12.57 -1.46 4.26
C ASP A 30 11.37 -1.87 5.10
N THR A 31 10.68 -2.90 4.65
CA THR A 31 9.51 -3.40 5.36
C THR A 31 9.91 -4.53 6.30
N SER A 32 10.58 -4.15 7.39
CA SER A 32 11.02 -5.12 8.38
C SER A 32 10.56 -4.68 9.77
N GLU A 33 10.85 -3.43 10.09
CA GLU A 33 10.47 -2.88 11.38
C GLU A 33 8.99 -2.49 11.38
N MET A 34 8.33 -2.79 10.28
CA MET A 34 6.92 -2.48 10.14
C MET A 34 6.67 -0.98 10.24
N ILE A 35 6.27 -0.39 9.12
CA ILE A 35 6.00 1.04 9.08
C ILE A 35 4.54 1.29 9.44
N SER A 36 4.25 2.53 9.79
CA SER A 36 2.90 2.92 10.16
C SER A 36 2.11 3.30 8.90
N ARG A 37 0.82 3.05 8.95
CA ARG A 37 -0.05 3.37 7.84
C ARG A 37 0.09 4.84 7.45
N TYR A 38 0.23 5.67 8.47
CA TYR A 38 0.39 7.10 8.25
C TYR A 38 1.61 7.40 7.39
N ASP A 39 2.71 6.75 7.74
CA ASP A 39 3.96 6.93 7.02
C ASP A 39 3.79 6.41 5.59
N VAL A 40 3.56 5.10 5.50
CA VAL A 40 3.39 4.47 4.20
C VAL A 40 2.54 5.36 3.30
N SER A 41 1.41 5.80 3.84
CA SER A 41 0.52 6.67 3.11
C SER A 41 1.24 7.95 2.69
N ASP A 42 1.67 8.70 3.69
CA ASP A 42 2.38 9.95 3.44
C ASP A 42 3.35 9.75 2.28
N THR A 43 4.03 8.62 2.31
CA THR A 43 4.98 8.29 1.26
C THR A 43 4.28 8.13 -0.08
N ILE A 44 3.18 7.39 -0.05
CA ILE A 44 2.40 7.14 -1.26
C ILE A 44 2.11 8.47 -1.94
N ALA A 45 1.51 9.38 -1.17
CA ALA A 45 1.17 10.69 -1.69
C ALA A 45 2.36 11.26 -2.45
N LYS A 46 3.52 11.23 -1.80
CA LYS A 46 4.73 11.74 -2.40
C LYS A 46 4.98 11.01 -3.73
N TYR A 47 5.10 9.69 -3.63
CA TYR A 47 5.34 8.88 -4.81
C TYR A 47 4.40 9.27 -5.95
N ILE A 48 3.12 9.42 -5.61
CA ILE A 48 2.12 9.80 -6.58
C ILE A 48 2.62 11.00 -7.38
N SER A 49 2.94 12.06 -6.65
CA SER A 49 3.43 13.29 -7.27
C SER A 49 4.82 13.05 -7.87
N LYS A 50 5.67 12.41 -7.07
CA LYS A 50 7.02 12.12 -7.52
C LYS A 50 6.99 11.57 -8.94
N GLU A 51 6.26 10.48 -9.09
CA GLU A 51 6.14 9.85 -10.40
C GLU A 51 5.26 10.69 -11.31
N GLY A 52 4.19 11.21 -10.74
CA GLY A 52 3.26 12.04 -11.49
C GLY A 52 1.97 11.29 -11.79
N LEU A 53 1.45 10.65 -10.76
CA LEU A 53 0.22 9.89 -10.88
C LEU A 53 -0.98 10.83 -10.74
N LEU A 54 -0.70 12.01 -10.20
CA LEU A 54 -1.74 13.00 -9.99
C LEU A 54 -2.55 13.15 -11.28
N ASP A 55 -3.69 13.83 -11.15
CA ASP A 55 -4.56 14.04 -12.29
C ASP A 55 -4.64 15.54 -12.58
N PRO A 56 -4.67 15.87 -13.90
CA PRO A 56 -4.74 17.25 -14.33
C PRO A 56 -6.15 17.82 -14.13
N SER A 57 -7.13 16.92 -14.16
CA SER A 57 -8.52 17.31 -13.98
C SER A 57 -8.77 17.65 -12.52
N ASN A 58 -7.96 17.07 -11.64
CA ASN A 58 -8.09 17.30 -10.22
C ASN A 58 -6.92 16.65 -9.49
N LYS A 59 -6.03 17.49 -8.98
CA LYS A 59 -4.87 17.02 -8.26
C LYS A 59 -5.33 16.27 -7.00
N LYS A 60 -6.53 16.60 -6.56
CA LYS A 60 -7.10 15.97 -5.37
C LYS A 60 -7.23 14.48 -5.61
N LYS A 61 -7.29 14.11 -6.88
CA LYS A 61 -7.41 12.71 -7.25
C LYS A 61 -6.04 12.14 -7.59
N VAL A 62 -6.02 10.88 -7.96
CA VAL A 62 -4.78 10.21 -8.31
C VAL A 62 -5.05 9.20 -9.44
N VAL A 63 -4.13 9.20 -10.40
CA VAL A 63 -4.26 8.30 -11.54
C VAL A 63 -3.24 7.17 -11.40
N CYS A 64 -3.72 6.02 -10.97
CA CYS A 64 -2.86 4.86 -10.78
C CYS A 64 -2.16 4.57 -12.11
N ASP A 65 -0.91 4.12 -12.00
CA ASP A 65 -0.13 3.80 -13.18
C ASP A 65 0.06 2.30 -13.28
N LYS A 66 0.75 1.75 -12.28
CA LYS A 66 0.99 0.32 -12.24
C LYS A 66 1.12 -0.14 -10.79
N ARG A 67 2.08 0.44 -10.10
CA ARG A 67 2.30 0.12 -8.70
C ARG A 67 1.00 0.21 -7.91
N LEU A 68 0.37 1.38 -8.01
CA LEU A 68 -0.88 1.62 -7.31
C LEU A 68 -1.90 0.56 -7.74
N VAL A 69 -1.89 0.27 -9.02
CA VAL A 69 -2.81 -0.72 -9.57
C VAL A 69 -2.55 -2.08 -8.92
N LEU A 70 -1.31 -2.53 -9.06
CA LEU A 70 -0.92 -3.82 -8.50
C LEU A 70 -1.13 -3.78 -6.98
N LEU A 71 -1.28 -2.58 -6.46
CA LEU A 71 -1.49 -2.39 -5.03
C LEU A 71 -2.98 -2.53 -4.72
N PHE A 72 -3.75 -1.56 -5.20
CA PHE A 72 -5.18 -1.56 -4.98
C PHE A 72 -5.90 -2.29 -6.12
N GLY A 73 -5.60 -1.87 -7.33
CA GLY A 73 -6.21 -2.47 -8.51
C GLY A 73 -7.18 -1.49 -9.18
N THR A 74 -7.13 -0.24 -8.72
CA THR A 74 -7.99 0.79 -9.26
C THR A 74 -7.20 1.72 -10.20
N ARG A 75 -7.91 2.27 -11.16
CA ARG A 75 -7.27 3.17 -12.12
C ARG A 75 -7.06 4.55 -11.49
N THR A 76 -8.08 5.01 -10.78
CA THR A 76 -8.01 6.31 -10.13
C THR A 76 -8.48 6.19 -8.67
N ILE A 77 -7.86 6.98 -7.82
CA ILE A 77 -8.19 6.98 -6.40
C ILE A 77 -7.96 8.38 -5.82
N PHE A 78 -8.63 8.64 -4.71
CA PHE A 78 -8.51 9.92 -4.05
C PHE A 78 -7.28 9.97 -3.14
N ARG A 79 -6.47 10.99 -3.33
CA ARG A 79 -5.26 11.15 -2.55
C ARG A 79 -5.60 11.14 -1.05
N MET A 80 -6.87 11.39 -0.77
CA MET A 80 -7.33 11.41 0.61
C MET A 80 -7.97 10.07 1.00
N LYS A 81 -7.79 9.10 0.12
CA LYS A 81 -8.33 7.77 0.36
C LYS A 81 -7.19 6.77 0.48
N VAL A 82 -5.99 7.26 0.21
CA VAL A 82 -4.80 6.42 0.28
C VAL A 82 -4.76 5.72 1.64
N TYR A 83 -4.59 6.53 2.67
CA TYR A 83 -4.53 6.02 4.03
C TYR A 83 -5.61 4.96 4.26
N ASP A 84 -6.85 5.37 3.99
CA ASP A 84 -7.98 4.47 4.17
C ASP A 84 -7.77 3.22 3.32
N LEU A 85 -7.45 3.44 2.06
CA LEU A 85 -7.21 2.34 1.13
C LEU A 85 -6.28 1.32 1.79
N LEU A 86 -5.45 1.81 2.70
CA LEU A 86 -4.51 0.96 3.40
C LEU A 86 -5.18 0.39 4.66
N GLU A 87 -5.60 -0.85 4.55
CA GLU A 87 -6.26 -1.52 5.67
C GLU A 87 -6.14 -3.04 5.52
N LYS A 88 -6.43 -3.52 4.31
CA LYS A 88 -6.36 -4.93 4.03
C LYS A 88 -4.93 -5.29 3.62
N HIS A 89 -4.06 -4.31 3.68
CA HIS A 89 -2.66 -4.51 3.33
C HIS A 89 -1.81 -4.57 4.59
N TYR A 90 -2.37 -5.20 5.61
CA TYR A 90 -1.68 -5.32 6.88
C TYR A 90 -2.10 -6.61 7.61
N LYS A 91 -1.23 -7.07 8.48
CA LYS A 91 -1.50 -8.27 9.25
C LYS A 91 -0.99 -8.09 10.68
N GLU A 92 -1.92 -8.06 11.62
CA GLU A 92 -1.58 -7.89 13.01
C GLU A 92 -2.14 -9.05 13.84
N ASN A 93 -1.24 -9.95 14.24
CA ASN A 93 -1.63 -11.10 15.03
C ASN A 93 -2.22 -10.63 16.35
N GLN A 94 -3.53 -10.49 16.36
CA GLN A 94 -4.23 -10.05 17.55
C GLN A 94 -5.46 -10.93 17.82
N ASP A 95 -6.05 -10.75 18.98
CA ASP A 95 -7.21 -11.52 19.37
C ASP A 95 -8.39 -10.57 19.62
N SER A 96 -9.23 -10.43 18.61
CA SER A 96 -10.39 -9.56 18.71
C SER A 96 -11.34 -9.82 17.54
N GLY A 97 -12.50 -9.17 17.61
CA GLY A 97 -13.49 -9.32 16.56
C GLY A 97 -14.88 -8.88 17.06
N PRO A 98 -15.88 -9.00 16.15
CA PRO A 98 -15.62 -9.52 14.82
C PRO A 98 -14.92 -8.47 13.96
N SER A 99 -15.38 -7.23 14.09
CA SER A 99 -14.82 -6.13 13.32
C SER A 99 -14.83 -6.46 11.83
N SER A 100 -14.41 -5.49 11.03
CA SER A 100 -14.37 -5.67 9.59
C SER A 100 -15.78 -5.99 9.07
N GLY A 101 -16.42 -4.96 8.55
CA GLY A 101 -17.77 -5.11 8.02
C GLY A 101 -17.75 -5.19 6.49
N GLY A 1 24.32 -4.17 -5.99
CA GLY A 1 24.13 -4.38 -4.56
C GLY A 1 22.94 -5.29 -4.29
N SER A 2 22.89 -5.79 -3.06
CA SER A 2 21.81 -6.68 -2.66
C SER A 2 21.69 -6.70 -1.13
N SER A 3 20.59 -7.26 -0.67
CA SER A 3 20.34 -7.36 0.76
C SER A 3 20.10 -8.81 1.15
N GLY A 4 19.09 -9.41 0.54
CA GLY A 4 18.75 -10.79 0.83
C GLY A 4 17.27 -11.06 0.52
N SER A 5 16.79 -12.19 1.02
CA SER A 5 15.41 -12.58 0.83
C SER A 5 15.13 -13.90 1.55
N SER A 6 13.84 -14.18 1.70
CA SER A 6 13.42 -15.41 2.37
C SER A 6 12.33 -16.10 1.54
N GLY A 7 11.22 -15.38 1.36
CA GLY A 7 10.10 -15.90 0.60
C GLY A 7 8.96 -16.30 1.53
N LYS A 8 7.76 -16.34 0.96
CA LYS A 8 6.58 -16.69 1.72
C LYS A 8 5.45 -17.09 0.76
N ARG A 9 4.46 -17.76 1.31
CA ARG A 9 3.32 -18.20 0.51
C ARG A 9 2.04 -18.17 1.35
N PHE A 10 0.97 -17.66 0.74
CA PHE A 10 -0.30 -17.57 1.41
C PHE A 10 -0.21 -16.66 2.64
N GLU A 11 -1.39 -16.29 3.14
CA GLU A 11 -1.46 -15.43 4.31
C GLU A 11 -0.68 -14.12 4.05
N PHE A 12 -0.97 -13.13 4.87
CA PHE A 12 -0.31 -11.83 4.74
C PHE A 12 1.21 -11.99 4.72
N VAL A 13 1.87 -10.95 4.23
CA VAL A 13 3.31 -10.96 4.14
C VAL A 13 3.90 -10.20 5.31
N GLY A 14 3.88 -10.84 6.47
CA GLY A 14 4.40 -10.24 7.68
C GLY A 14 3.32 -9.45 8.41
N TRP A 15 3.23 -8.17 8.09
CA TRP A 15 2.24 -7.30 8.71
C TRP A 15 1.29 -6.81 7.61
N GLY A 16 1.89 -6.41 6.49
CA GLY A 16 1.12 -5.91 5.38
C GLY A 16 1.16 -6.89 4.19
N SER A 17 0.10 -6.85 3.40
CA SER A 17 0.02 -7.73 2.24
C SER A 17 1.19 -7.48 1.30
N ARG A 18 1.53 -8.50 0.53
CA ARG A 18 2.63 -8.41 -0.41
C ARG A 18 2.47 -7.17 -1.29
N GLN A 19 1.24 -6.97 -1.76
CA GLN A 19 0.95 -5.83 -2.61
C GLN A 19 1.59 -4.56 -2.04
N LEU A 20 1.15 -4.20 -0.84
CA LEU A 20 1.67 -3.01 -0.19
C LEU A 20 3.17 -3.19 0.06
N ILE A 21 3.50 -4.32 0.70
CA ILE A 21 4.89 -4.62 1.01
C ILE A 21 5.76 -4.32 -0.22
N GLU A 22 5.56 -5.15 -1.24
CA GLU A 22 6.32 -4.99 -2.48
C GLU A 22 6.48 -3.51 -2.82
N PHE A 23 5.35 -2.86 -3.02
CA PHE A 23 5.35 -1.44 -3.35
C PHE A 23 6.28 -0.66 -2.43
N LEU A 24 6.26 -1.03 -1.15
CA LEU A 24 7.10 -0.38 -0.17
C LEU A 24 8.55 -0.84 -0.36
N HIS A 25 8.70 -2.12 -0.67
CA HIS A 25 10.01 -2.70 -0.87
C HIS A 25 10.70 -2.00 -2.04
N SER A 26 9.97 -1.88 -3.13
CA SER A 26 10.50 -1.24 -4.33
C SER A 26 10.97 0.18 -3.99
N LEU A 27 10.01 1.01 -3.60
CA LEU A 27 10.31 2.38 -3.24
C LEU A 27 11.59 2.42 -2.40
N GLY A 28 11.82 1.33 -1.69
CA GLY A 28 13.00 1.23 -0.83
C GLY A 28 12.67 1.63 0.60
N LYS A 29 11.38 1.57 0.93
CA LYS A 29 10.93 1.92 2.26
C LYS A 29 11.61 1.01 3.28
N ASP A 30 11.19 1.16 4.53
CA ASP A 30 11.75 0.36 5.61
C ASP A 30 10.66 -0.54 6.19
N THR A 31 10.66 -1.77 5.72
CA THR A 31 9.68 -2.74 6.18
C THR A 31 10.34 -3.78 7.10
N SER A 32 10.53 -3.37 8.35
CA SER A 32 11.15 -4.24 9.33
C SER A 32 10.13 -5.29 9.81
N GLU A 33 9.41 -4.93 10.86
CA GLU A 33 8.41 -5.83 11.42
C GLU A 33 7.02 -5.20 11.30
N MET A 34 7.00 -3.95 10.88
CA MET A 34 5.75 -3.24 10.72
C MET A 34 5.99 -1.80 10.25
N ILE A 35 4.91 -1.17 9.81
CA ILE A 35 4.99 0.21 9.34
C ILE A 35 3.70 0.95 9.70
N SER A 36 3.80 2.27 9.74
CA SER A 36 2.65 3.10 10.07
C SER A 36 1.85 3.40 8.80
N ARG A 37 0.57 3.09 8.85
CA ARG A 37 -0.31 3.32 7.73
C ARG A 37 -0.20 4.77 7.26
N TYR A 38 0.26 5.62 8.17
CA TYR A 38 0.42 7.03 7.87
C TYR A 38 1.71 7.28 7.09
N ASP A 39 2.74 6.56 7.49
CA ASP A 39 4.04 6.69 6.83
C ASP A 39 3.93 6.23 5.38
N VAL A 40 3.18 5.16 5.18
CA VAL A 40 2.97 4.62 3.85
C VAL A 40 2.21 5.63 3.00
N SER A 41 1.00 5.95 3.47
CA SER A 41 0.16 6.90 2.77
C SER A 41 0.99 8.10 2.30
N ASP A 42 1.58 8.80 3.28
CA ASP A 42 2.40 9.96 2.98
C ASP A 42 3.36 9.62 1.84
N THR A 43 4.06 8.50 2.00
CA THR A 43 5.00 8.06 1.00
C THR A 43 4.32 7.91 -0.37
N ILE A 44 3.08 7.46 -0.32
CA ILE A 44 2.30 7.27 -1.53
C ILE A 44 1.98 8.63 -2.14
N ALA A 45 1.49 9.53 -1.29
CA ALA A 45 1.15 10.87 -1.74
C ALA A 45 2.36 11.52 -2.40
N LYS A 46 3.52 11.23 -1.83
CA LYS A 46 4.76 11.78 -2.36
C LYS A 46 5.10 11.09 -3.68
N TYR A 47 5.08 9.77 -3.64
CA TYR A 47 5.38 8.97 -4.83
C TYR A 47 4.47 9.38 -6.00
N ILE A 48 3.18 9.47 -5.70
CA ILE A 48 2.21 9.85 -6.71
C ILE A 48 2.70 11.09 -7.45
N SER A 49 2.93 12.14 -6.68
CA SER A 49 3.40 13.40 -7.24
C SER A 49 4.79 13.21 -7.84
N LYS A 50 5.59 12.40 -7.16
CA LYS A 50 6.94 12.13 -7.62
C LYS A 50 6.90 11.60 -9.06
N GLU A 51 6.11 10.55 -9.24
CA GLU A 51 5.97 9.94 -10.55
C GLU A 51 5.06 10.79 -11.44
N GLY A 52 4.21 11.56 -10.78
CA GLY A 52 3.27 12.42 -11.49
C GLY A 52 1.95 11.70 -11.76
N LEU A 53 1.59 10.83 -10.82
CA LEU A 53 0.36 10.07 -10.92
C LEU A 53 -0.83 11.00 -10.69
N LEU A 54 -0.53 12.16 -10.12
CA LEU A 54 -1.57 13.14 -9.84
C LEU A 54 -2.43 13.34 -11.08
N ASP A 55 -3.58 13.97 -10.88
CA ASP A 55 -4.51 14.22 -11.96
C ASP A 55 -4.61 15.74 -12.19
N PRO A 56 -4.76 16.11 -13.49
CA PRO A 56 -4.88 17.51 -13.86
C PRO A 56 -6.27 18.05 -13.51
N SER A 57 -7.28 17.27 -13.86
CA SER A 57 -8.65 17.66 -13.60
C SER A 57 -8.84 17.95 -12.11
N ASN A 58 -8.00 17.30 -11.30
CA ASN A 58 -8.07 17.47 -9.86
C ASN A 58 -6.86 16.78 -9.22
N LYS A 59 -5.89 17.59 -8.83
CA LYS A 59 -4.69 17.06 -8.20
C LYS A 59 -5.06 16.37 -6.90
N LYS A 60 -6.23 16.73 -6.38
CA LYS A 60 -6.71 16.14 -5.14
C LYS A 60 -6.89 14.64 -5.32
N LYS A 61 -7.04 14.24 -6.58
CA LYS A 61 -7.23 12.84 -6.91
C LYS A 61 -5.87 12.23 -7.31
N VAL A 62 -5.93 10.99 -7.74
CA VAL A 62 -4.72 10.28 -8.15
C VAL A 62 -5.03 9.37 -9.34
N VAL A 63 -4.08 9.29 -10.25
CA VAL A 63 -4.25 8.46 -11.43
C VAL A 63 -3.24 7.31 -11.39
N CYS A 64 -3.69 6.19 -10.85
CA CYS A 64 -2.83 5.02 -10.75
C CYS A 64 -2.19 4.77 -12.11
N ASP A 65 -0.96 4.27 -12.07
CA ASP A 65 -0.23 3.98 -13.30
C ASP A 65 0.00 2.46 -13.41
N LYS A 66 0.57 1.91 -12.35
CA LYS A 66 0.85 0.49 -12.31
C LYS A 66 1.06 0.05 -10.87
N ARG A 67 2.07 0.63 -10.25
CA ARG A 67 2.40 0.32 -8.86
C ARG A 67 1.13 0.37 -8.00
N LEU A 68 0.41 1.47 -8.12
CA LEU A 68 -0.81 1.65 -7.37
C LEU A 68 -1.84 0.62 -7.80
N VAL A 69 -1.88 0.37 -9.11
CA VAL A 69 -2.80 -0.59 -9.66
C VAL A 69 -2.51 -1.98 -9.07
N LEU A 70 -1.26 -2.40 -9.21
CA LEU A 70 -0.84 -3.69 -8.70
C LEU A 70 -1.09 -3.73 -7.20
N LEU A 71 -1.26 -2.56 -6.61
CA LEU A 71 -1.49 -2.45 -5.19
C LEU A 71 -3.00 -2.57 -4.92
N PHE A 72 -3.73 -1.57 -5.39
CA PHE A 72 -5.18 -1.55 -5.20
C PHE A 72 -5.88 -2.25 -6.36
N GLY A 73 -5.57 -1.81 -7.57
CA GLY A 73 -6.17 -2.40 -8.76
C GLY A 73 -7.11 -1.40 -9.44
N THR A 74 -7.18 -0.20 -8.86
CA THR A 74 -8.03 0.84 -9.39
C THR A 74 -7.22 1.78 -10.29
N ARG A 75 -7.94 2.51 -11.13
CA ARG A 75 -7.30 3.45 -12.04
C ARG A 75 -7.08 4.79 -11.34
N THR A 76 -8.12 5.25 -10.67
CA THR A 76 -8.06 6.52 -9.96
C THR A 76 -8.45 6.33 -8.50
N ILE A 77 -7.83 7.13 -7.64
CA ILE A 77 -8.11 7.05 -6.21
C ILE A 77 -7.90 8.44 -5.58
N PHE A 78 -8.25 8.54 -4.31
CA PHE A 78 -8.11 9.78 -3.59
C PHE A 78 -6.85 9.78 -2.72
N ARG A 79 -5.92 10.65 -3.06
CA ARG A 79 -4.67 10.76 -2.33
C ARG A 79 -4.93 10.59 -0.83
N MET A 80 -6.11 10.99 -0.41
CA MET A 80 -6.50 10.89 0.99
C MET A 80 -6.92 9.46 1.34
N LYS A 81 -7.89 8.97 0.58
CA LYS A 81 -8.40 7.63 0.79
C LYS A 81 -7.22 6.64 0.83
N VAL A 82 -6.14 7.05 0.19
CA VAL A 82 -4.94 6.22 0.13
C VAL A 82 -4.74 5.53 1.48
N TYR A 83 -4.64 6.36 2.52
CA TYR A 83 -4.45 5.84 3.87
C TYR A 83 -5.41 4.69 4.16
N ASP A 84 -6.70 4.97 3.97
CA ASP A 84 -7.72 3.96 4.20
C ASP A 84 -7.53 2.81 3.22
N LEU A 85 -7.18 3.16 2.00
CA LEU A 85 -6.96 2.17 0.96
C LEU A 85 -5.90 1.16 1.43
N LEU A 86 -5.16 1.58 2.45
CA LEU A 86 -4.12 0.73 3.00
C LEU A 86 -4.68 -0.10 4.16
N GLU A 87 -5.99 -0.36 4.06
CA GLU A 87 -6.67 -1.14 5.08
C GLU A 87 -6.46 -2.63 4.85
N LYS A 88 -6.87 -3.08 3.67
CA LYS A 88 -6.74 -4.48 3.31
C LYS A 88 -5.25 -4.85 3.25
N HIS A 89 -4.42 -3.82 3.26
CA HIS A 89 -2.98 -4.02 3.20
C HIS A 89 -2.40 -3.90 4.61
N TYR A 90 -3.12 -4.46 5.57
CA TYR A 90 -2.70 -4.42 6.96
C TYR A 90 -3.48 -5.41 7.80
N LYS A 91 -2.76 -6.18 8.59
CA LYS A 91 -3.37 -7.17 9.46
C LYS A 91 -3.75 -6.52 10.80
N GLU A 92 -3.51 -7.26 11.87
CA GLU A 92 -3.81 -6.77 13.20
C GLU A 92 -5.01 -5.83 13.16
N ASN A 93 -6.14 -6.39 12.78
CA ASN A 93 -7.38 -5.62 12.69
C ASN A 93 -8.57 -6.58 12.58
N GLN A 94 -9.59 -6.29 13.37
CA GLN A 94 -10.79 -7.10 13.37
C GLN A 94 -11.79 -6.58 12.34
N ASP A 95 -11.51 -5.38 11.85
CA ASP A 95 -12.38 -4.75 10.86
C ASP A 95 -11.92 -5.17 9.45
N SER A 96 -12.81 -5.86 8.75
CA SER A 96 -12.51 -6.31 7.41
C SER A 96 -13.75 -6.20 6.53
N GLY A 97 -13.61 -5.43 5.46
CA GLY A 97 -14.72 -5.23 4.54
C GLY A 97 -15.99 -4.81 5.27
N PRO A 98 -17.05 -4.52 4.48
CA PRO A 98 -16.95 -4.63 3.03
C PRO A 98 -16.16 -3.45 2.45
N SER A 99 -15.94 -3.52 1.15
CA SER A 99 -15.20 -2.47 0.46
C SER A 99 -16.10 -1.26 0.23
N SER A 100 -16.07 -0.34 1.19
CA SER A 100 -16.87 0.86 1.10
C SER A 100 -16.53 1.81 2.26
N GLY A 101 -17.01 3.04 2.15
CA GLY A 101 -16.76 4.04 3.17
C GLY A 101 -15.98 5.22 2.61
N GLY A 1 23.26 -7.96 -0.14
CA GLY A 1 23.21 -9.34 0.31
C GLY A 1 22.14 -10.13 -0.45
N SER A 2 21.45 -10.98 0.30
CA SER A 2 20.39 -11.79 -0.29
C SER A 2 19.49 -12.36 0.81
N SER A 3 18.26 -12.66 0.43
CA SER A 3 17.30 -13.21 1.37
C SER A 3 16.42 -14.25 0.67
N GLY A 4 16.97 -15.44 0.51
CA GLY A 4 16.25 -16.52 -0.14
C GLY A 4 16.94 -17.87 0.11
N SER A 5 16.65 -18.81 -0.78
CA SER A 5 17.23 -20.14 -0.66
C SER A 5 16.78 -20.80 0.65
N SER A 6 15.87 -21.76 0.50
CA SER A 6 15.35 -22.48 1.65
C SER A 6 14.56 -21.51 2.55
N GLY A 7 13.25 -21.69 2.53
CA GLY A 7 12.38 -20.85 3.33
C GLY A 7 10.96 -20.84 2.77
N LYS A 8 10.13 -21.71 3.33
CA LYS A 8 8.74 -21.82 2.88
C LYS A 8 8.07 -20.44 3.02
N ARG A 9 6.98 -20.28 2.28
CA ARG A 9 6.23 -19.04 2.30
C ARG A 9 5.01 -19.17 3.22
N PHE A 10 4.62 -18.04 3.79
CA PHE A 10 3.47 -18.01 4.69
C PHE A 10 2.56 -16.83 4.36
N GLU A 11 1.41 -16.83 5.02
CA GLU A 11 0.43 -15.77 4.81
C GLU A 11 1.12 -14.40 4.84
N PHE A 12 0.73 -13.56 3.89
CA PHE A 12 1.30 -12.22 3.80
C PHE A 12 2.82 -12.29 3.65
N VAL A 13 3.43 -11.11 3.65
CA VAL A 13 4.87 -11.02 3.51
C VAL A 13 5.42 -10.05 4.56
N GLY A 14 6.07 -10.61 5.57
CA GLY A 14 6.64 -9.81 6.64
C GLY A 14 5.56 -9.41 7.66
N TRP A 15 5.11 -8.18 7.54
CA TRP A 15 4.09 -7.67 8.45
C TRP A 15 2.86 -7.32 7.62
N GLY A 16 3.11 -6.64 6.51
CA GLY A 16 2.02 -6.24 5.63
C GLY A 16 1.87 -7.22 4.46
N SER A 17 0.89 -6.95 3.62
CA SER A 17 0.63 -7.79 2.46
C SER A 17 1.58 -7.42 1.32
N ARG A 18 1.73 -8.36 0.40
CA ARG A 18 2.60 -8.15 -0.74
C ARG A 18 2.21 -6.86 -1.48
N GLN A 19 0.92 -6.77 -1.78
CA GLN A 19 0.40 -5.60 -2.48
C GLN A 19 1.10 -4.33 -1.97
N LEU A 20 1.12 -4.19 -0.65
CA LEU A 20 1.75 -3.04 -0.04
C LEU A 20 3.26 -3.23 -0.01
N ILE A 21 3.68 -4.31 0.64
CA ILE A 21 5.09 -4.61 0.75
C ILE A 21 5.77 -4.34 -0.61
N GLU A 22 5.46 -5.20 -1.57
CA GLU A 22 6.02 -5.06 -2.90
C GLU A 22 6.08 -3.59 -3.30
N PHE A 23 4.90 -2.98 -3.36
CA PHE A 23 4.80 -1.58 -3.73
C PHE A 23 5.82 -0.74 -2.97
N LEU A 24 6.06 -1.12 -1.73
CA LEU A 24 7.00 -0.41 -0.89
C LEU A 24 8.42 -0.84 -1.25
N HIS A 25 8.57 -2.14 -1.46
CA HIS A 25 9.87 -2.70 -1.83
C HIS A 25 10.44 -1.95 -3.04
N SER A 26 9.60 -1.83 -4.05
CA SER A 26 10.01 -1.14 -5.27
C SER A 26 10.51 0.26 -4.94
N LEU A 27 9.63 1.05 -4.32
CA LEU A 27 9.97 2.41 -3.95
C LEU A 27 11.39 2.43 -3.40
N GLY A 28 11.78 1.33 -2.76
CA GLY A 28 13.11 1.22 -2.18
C GLY A 28 13.03 1.11 -0.66
N LYS A 29 11.84 0.79 -0.18
CA LYS A 29 11.63 0.66 1.25
C LYS A 29 12.30 -0.62 1.75
N ASP A 30 12.41 -0.72 3.06
CA ASP A 30 13.03 -1.88 3.68
C ASP A 30 11.96 -2.91 4.01
N THR A 31 10.80 -2.40 4.41
CA THR A 31 9.68 -3.28 4.76
C THR A 31 10.17 -4.44 5.62
N SER A 32 10.24 -4.19 6.92
CA SER A 32 10.68 -5.21 7.85
C SER A 32 10.43 -4.74 9.29
N GLU A 33 10.79 -3.49 9.55
CA GLU A 33 10.61 -2.92 10.87
C GLU A 33 9.15 -2.48 11.06
N MET A 34 8.34 -2.78 10.06
CA MET A 34 6.93 -2.42 10.10
C MET A 34 6.75 -0.91 10.22
N ILE A 35 6.45 -0.28 9.08
CA ILE A 35 6.25 1.15 9.04
C ILE A 35 4.79 1.47 9.34
N SER A 36 4.58 2.55 10.06
CA SER A 36 3.23 2.97 10.41
C SER A 36 2.44 3.31 9.15
N ARG A 37 1.13 3.37 9.31
CA ARG A 37 0.25 3.68 8.18
C ARG A 37 0.51 5.10 7.69
N TYR A 38 0.24 6.06 8.57
CA TYR A 38 0.45 7.46 8.23
C TYR A 38 1.69 7.64 7.35
N ASP A 39 2.71 6.85 7.66
CA ASP A 39 3.95 6.92 6.90
C ASP A 39 3.72 6.38 5.49
N VAL A 40 3.18 5.17 5.43
CA VAL A 40 2.91 4.54 4.15
C VAL A 40 2.16 5.53 3.25
N SER A 41 1.07 6.05 3.78
CA SER A 41 0.26 7.01 3.03
C SER A 41 1.14 8.14 2.52
N ASP A 42 1.75 8.84 3.45
CA ASP A 42 2.62 9.95 3.10
C ASP A 42 3.53 9.54 1.94
N THR A 43 4.09 8.34 2.07
CA THR A 43 4.97 7.82 1.04
C THR A 43 4.23 7.70 -0.29
N ILE A 44 2.96 7.32 -0.19
CA ILE A 44 2.13 7.16 -1.38
C ILE A 44 1.87 8.53 -2.00
N ALA A 45 1.35 9.43 -1.18
CA ALA A 45 1.05 10.78 -1.63
C ALA A 45 2.31 11.40 -2.24
N LYS A 46 3.42 11.19 -1.56
CA LYS A 46 4.69 11.73 -2.02
C LYS A 46 5.07 11.07 -3.34
N TYR A 47 4.98 9.74 -3.35
CA TYR A 47 5.31 8.99 -4.55
C TYR A 47 4.45 9.43 -5.74
N ILE A 48 3.16 9.59 -5.47
CA ILE A 48 2.23 10.01 -6.51
C ILE A 48 2.78 11.26 -7.20
N SER A 49 3.18 12.22 -6.38
CA SER A 49 3.73 13.47 -6.91
C SER A 49 5.12 13.22 -7.51
N LYS A 50 5.92 12.46 -6.77
CA LYS A 50 7.27 12.14 -7.22
C LYS A 50 7.24 11.82 -8.71
N GLU A 51 6.59 10.71 -9.05
CA GLU A 51 6.49 10.29 -10.43
C GLU A 51 5.53 11.21 -11.20
N GLY A 52 4.36 11.41 -10.62
CA GLY A 52 3.35 12.25 -11.22
C GLY A 52 2.08 11.47 -11.53
N LEU A 53 1.64 10.70 -10.54
CA LEU A 53 0.45 9.89 -10.70
C LEU A 53 -0.79 10.79 -10.60
N LEU A 54 -0.57 11.98 -10.05
CA LEU A 54 -1.65 12.93 -9.89
C LEU A 54 -2.46 13.01 -11.19
N ASP A 55 -3.60 13.68 -11.10
CA ASP A 55 -4.47 13.82 -12.25
C ASP A 55 -4.53 15.29 -12.65
N PRO A 56 -4.52 15.53 -14.00
CA PRO A 56 -4.57 16.87 -14.52
C PRO A 56 -5.99 17.46 -14.41
N SER A 57 -6.96 16.57 -14.51
CA SER A 57 -8.36 16.97 -14.43
C SER A 57 -8.68 17.38 -12.98
N ASN A 58 -8.02 16.71 -12.05
CA ASN A 58 -8.24 17.00 -10.64
C ASN A 58 -7.09 16.40 -9.83
N LYS A 59 -6.15 17.27 -9.46
CA LYS A 59 -5.01 16.84 -8.67
C LYS A 59 -5.48 16.14 -7.40
N LYS A 60 -6.65 16.56 -6.95
CA LYS A 60 -7.23 15.99 -5.74
C LYS A 60 -7.32 14.47 -5.90
N LYS A 61 -7.33 14.04 -7.16
CA LYS A 61 -7.42 12.62 -7.46
C LYS A 61 -6.01 12.08 -7.77
N VAL A 62 -5.96 10.79 -8.06
CA VAL A 62 -4.70 10.15 -8.36
C VAL A 62 -4.91 9.15 -9.51
N VAL A 63 -3.90 9.06 -10.37
CA VAL A 63 -3.96 8.15 -11.50
C VAL A 63 -2.89 7.08 -11.33
N CYS A 64 -3.34 5.89 -10.97
CA CYS A 64 -2.44 4.77 -10.77
C CYS A 64 -1.73 4.48 -12.10
N ASP A 65 -0.48 4.06 -12.00
CA ASP A 65 0.30 3.75 -13.18
C ASP A 65 0.55 2.24 -13.24
N LYS A 66 0.94 1.70 -12.10
CA LYS A 66 1.21 0.27 -12.00
C LYS A 66 1.46 -0.10 -10.55
N ARG A 67 2.47 0.52 -9.96
CA ARG A 67 2.81 0.27 -8.58
C ARG A 67 1.56 0.33 -7.70
N LEU A 68 0.77 1.38 -7.91
CA LEU A 68 -0.45 1.56 -7.15
C LEU A 68 -1.45 0.46 -7.54
N VAL A 69 -1.45 0.12 -8.82
CA VAL A 69 -2.35 -0.89 -9.32
C VAL A 69 -2.03 -2.23 -8.63
N LEU A 70 -0.79 -2.63 -8.76
CA LEU A 70 -0.34 -3.88 -8.16
C LEU A 70 -0.67 -3.88 -6.67
N LEU A 71 -0.88 -2.67 -6.15
CA LEU A 71 -1.20 -2.51 -4.74
C LEU A 71 -2.70 -2.71 -4.54
N PHE A 72 -3.46 -1.72 -4.99
CA PHE A 72 -4.91 -1.77 -4.86
C PHE A 72 -5.53 -2.57 -6.01
N GLY A 73 -5.17 -2.19 -7.22
CA GLY A 73 -5.68 -2.86 -8.40
C GLY A 73 -6.62 -1.94 -9.19
N THR A 74 -6.82 -0.75 -8.66
CA THR A 74 -7.68 0.23 -9.30
C THR A 74 -6.87 1.14 -10.22
N ARG A 75 -7.58 1.97 -10.96
CA ARG A 75 -6.95 2.90 -11.88
C ARG A 75 -6.78 4.27 -11.22
N THR A 76 -7.90 4.80 -10.75
CA THR A 76 -7.90 6.10 -10.09
C THR A 76 -8.30 5.96 -8.62
N ILE A 77 -7.68 6.79 -7.79
CA ILE A 77 -7.96 6.77 -6.37
C ILE A 77 -7.76 8.18 -5.80
N PHE A 78 -8.30 8.38 -4.60
CA PHE A 78 -8.19 9.67 -3.94
C PHE A 78 -6.99 9.69 -3.00
N ARG A 79 -6.07 10.61 -3.28
CA ARG A 79 -4.88 10.75 -2.47
C ARG A 79 -5.22 10.62 -0.98
N MET A 80 -6.46 10.99 -0.66
CA MET A 80 -6.92 10.93 0.71
C MET A 80 -7.33 9.51 1.09
N LYS A 81 -8.19 8.94 0.25
CA LYS A 81 -8.67 7.59 0.48
C LYS A 81 -7.48 6.66 0.70
N VAL A 82 -6.34 7.07 0.16
CA VAL A 82 -5.12 6.29 0.29
C VAL A 82 -5.04 5.70 1.70
N TYR A 83 -4.97 6.60 2.68
CA TYR A 83 -4.90 6.19 4.07
C TYR A 83 -5.90 5.07 4.36
N ASP A 84 -7.15 5.32 4.00
CA ASP A 84 -8.20 4.36 4.22
C ASP A 84 -7.88 3.08 3.44
N LEU A 85 -7.64 3.26 2.15
CA LEU A 85 -7.32 2.13 1.29
C LEU A 85 -6.41 1.16 2.04
N LEU A 86 -5.39 1.71 2.67
CA LEU A 86 -4.45 0.91 3.43
C LEU A 86 -5.18 0.22 4.59
N GLU A 87 -4.50 0.15 5.72
CA GLU A 87 -5.07 -0.48 6.90
C GLU A 87 -5.27 -1.97 6.67
N LYS A 88 -6.13 -2.28 5.71
CA LYS A 88 -6.42 -3.67 5.38
C LYS A 88 -5.16 -4.32 4.81
N HIS A 89 -4.18 -3.48 4.49
CA HIS A 89 -2.93 -3.96 3.94
C HIS A 89 -1.94 -4.25 5.07
N TYR A 90 -2.47 -4.84 6.14
CA TYR A 90 -1.65 -5.19 7.28
C TYR A 90 -2.14 -6.48 7.94
N LYS A 91 -1.24 -7.10 8.70
CA LYS A 91 -1.57 -8.33 9.38
C LYS A 91 -1.95 -8.03 10.84
N GLU A 92 -1.52 -8.90 11.73
CA GLU A 92 -1.80 -8.73 13.14
C GLU A 92 -3.32 -8.58 13.36
N ASN A 93 -3.93 -9.66 13.81
CA ASN A 93 -5.37 -9.66 14.07
C ASN A 93 -6.11 -9.58 12.73
N GLN A 94 -5.91 -8.47 12.04
CA GLN A 94 -6.56 -8.25 10.76
C GLN A 94 -6.21 -9.38 9.80
N ASP A 95 -6.87 -9.36 8.64
CA ASP A 95 -6.64 -10.38 7.63
C ASP A 95 -7.68 -10.22 6.52
N SER A 96 -7.44 -10.94 5.43
CA SER A 96 -8.34 -10.89 4.29
C SER A 96 -8.73 -12.31 3.88
N GLY A 97 -9.73 -12.38 2.99
CA GLY A 97 -10.20 -13.67 2.51
C GLY A 97 -11.55 -14.02 3.14
N PRO A 98 -12.09 -15.20 2.72
CA PRO A 98 -11.40 -16.03 1.75
C PRO A 98 -11.51 -15.45 0.34
N SER A 99 -10.90 -16.15 -0.61
CA SER A 99 -10.93 -15.71 -1.99
C SER A 99 -11.39 -16.86 -2.90
N SER A 100 -12.70 -16.97 -3.04
CA SER A 100 -13.28 -18.01 -3.87
C SER A 100 -13.57 -17.47 -5.27
N GLY A 101 -14.41 -16.43 -5.31
CA GLY A 101 -14.77 -15.81 -6.57
C GLY A 101 -13.59 -15.04 -7.17
N GLY A 1 13.61 -13.14 -8.28
CA GLY A 1 14.67 -12.47 -7.55
C GLY A 1 14.79 -13.01 -6.13
N SER A 2 15.20 -14.27 -6.04
CA SER A 2 15.36 -14.91 -4.74
C SER A 2 16.33 -16.08 -4.86
N SER A 3 17.56 -15.83 -4.47
CA SER A 3 18.59 -16.85 -4.52
C SER A 3 19.25 -17.02 -3.14
N GLY A 4 18.79 -18.03 -2.42
CA GLY A 4 19.32 -18.30 -1.10
C GLY A 4 18.19 -18.37 -0.06
N SER A 5 18.35 -19.29 0.87
CA SER A 5 17.36 -19.48 1.93
C SER A 5 15.99 -19.72 1.30
N SER A 6 15.05 -20.10 2.16
CA SER A 6 13.69 -20.37 1.70
C SER A 6 12.82 -20.78 2.90
N GLY A 7 11.79 -19.98 3.14
CA GLY A 7 10.88 -20.24 4.24
C GLY A 7 9.46 -20.48 3.73
N LYS A 8 8.64 -21.04 4.60
CA LYS A 8 7.25 -21.34 4.24
C LYS A 8 6.53 -20.02 3.90
N ARG A 9 5.36 -20.18 3.30
CA ARG A 9 4.57 -19.01 2.92
C ARG A 9 3.23 -19.03 3.66
N PHE A 10 2.94 -17.92 4.31
CA PHE A 10 1.70 -17.78 5.06
C PHE A 10 0.95 -16.51 4.65
N GLU A 11 -0.25 -16.37 5.21
CA GLU A 11 -1.08 -15.21 4.92
C GLU A 11 -0.26 -13.93 5.08
N PHE A 12 -0.44 -13.02 4.13
CA PHE A 12 0.26 -11.75 4.15
C PHE A 12 1.78 -11.97 4.15
N VAL A 13 2.50 -10.86 4.21
CA VAL A 13 3.96 -10.92 4.23
C VAL A 13 4.48 -10.08 5.39
N GLY A 14 4.32 -10.61 6.58
CA GLY A 14 4.77 -9.93 7.79
C GLY A 14 3.59 -9.29 8.53
N TRP A 15 3.28 -8.06 8.15
CA TRP A 15 2.19 -7.34 8.77
C TRP A 15 1.25 -6.86 7.66
N GLY A 16 1.86 -6.28 6.63
CA GLY A 16 1.09 -5.77 5.51
C GLY A 16 0.99 -6.82 4.40
N SER A 17 0.00 -6.63 3.53
CA SER A 17 -0.22 -7.55 2.43
C SER A 17 0.94 -7.46 1.44
N ARG A 18 1.23 -8.59 0.82
CA ARG A 18 2.30 -8.66 -0.16
C ARG A 18 2.29 -7.42 -1.06
N GLN A 19 1.10 -7.10 -1.54
CA GLN A 19 0.93 -5.96 -2.42
C GLN A 19 1.60 -4.72 -1.81
N LEU A 20 1.05 -4.27 -0.70
CA LEU A 20 1.58 -3.10 -0.01
C LEU A 20 3.07 -3.30 0.22
N ILE A 21 3.42 -4.49 0.68
CA ILE A 21 4.82 -4.82 0.95
C ILE A 21 5.65 -4.57 -0.31
N GLU A 22 5.34 -5.33 -1.34
CA GLU A 22 6.05 -5.20 -2.61
C GLU A 22 6.25 -3.72 -2.95
N PHE A 23 5.14 -2.99 -2.94
CA PHE A 23 5.18 -1.58 -3.25
C PHE A 23 6.23 -0.86 -2.40
N LEU A 24 6.20 -1.13 -1.11
CA LEU A 24 7.14 -0.53 -0.18
C LEU A 24 8.55 -1.08 -0.46
N HIS A 25 8.58 -2.31 -0.95
CA HIS A 25 9.85 -2.95 -1.25
C HIS A 25 10.51 -2.24 -2.44
N SER A 26 9.75 -2.12 -3.51
CA SER A 26 10.24 -1.47 -4.71
C SER A 26 10.80 -0.08 -4.36
N LEU A 27 9.90 0.77 -3.90
CA LEU A 27 10.29 2.13 -3.52
C LEU A 27 11.60 2.08 -2.74
N GLY A 28 11.81 0.96 -2.06
CA GLY A 28 13.02 0.79 -1.28
C GLY A 28 12.75 1.01 0.21
N LYS A 29 11.46 1.01 0.55
CA LYS A 29 11.05 1.22 1.93
C LYS A 29 11.23 -0.09 2.71
N ASP A 30 12.15 -0.04 3.66
CA ASP A 30 12.43 -1.21 4.48
C ASP A 30 11.15 -1.62 5.23
N THR A 31 10.81 -2.90 5.09
CA THR A 31 9.62 -3.41 5.74
C THR A 31 10.00 -4.48 6.77
N SER A 32 10.76 -4.05 7.76
CA SER A 32 11.20 -4.95 8.82
C SER A 32 10.28 -4.84 10.02
N GLU A 33 9.82 -3.61 10.28
CA GLU A 33 8.93 -3.35 11.39
C GLU A 33 7.65 -2.68 10.90
N MET A 34 6.53 -3.15 11.44
CA MET A 34 5.24 -2.59 11.06
C MET A 34 5.31 -1.07 10.92
N ILE A 35 5.30 -0.63 9.67
CA ILE A 35 5.37 0.78 9.38
C ILE A 35 3.98 1.41 9.58
N SER A 36 3.99 2.59 10.17
CA SER A 36 2.74 3.31 10.44
C SER A 36 2.03 3.60 9.11
N ARG A 37 0.72 3.36 9.12
CA ARG A 37 -0.09 3.60 7.95
C ARG A 37 0.11 5.03 7.45
N TYR A 38 0.45 5.91 8.37
CA TYR A 38 0.66 7.30 8.05
C TYR A 38 1.90 7.48 7.15
N ASP A 39 2.93 6.72 7.47
CA ASP A 39 4.16 6.76 6.71
C ASP A 39 3.89 6.33 5.27
N VAL A 40 3.46 5.09 5.14
CA VAL A 40 3.15 4.55 3.82
C VAL A 40 2.37 5.59 3.01
N SER A 41 1.27 6.04 3.59
CA SER A 41 0.42 7.02 2.94
C SER A 41 1.26 8.22 2.49
N ASP A 42 1.91 8.84 3.48
CA ASP A 42 2.75 9.98 3.20
C ASP A 42 3.67 9.68 2.02
N THR A 43 4.21 8.46 2.03
CA THR A 43 5.11 8.03 0.98
C THR A 43 4.36 7.96 -0.36
N ILE A 44 3.13 7.48 -0.29
CA ILE A 44 2.30 7.36 -1.48
C ILE A 44 2.02 8.76 -2.05
N ALA A 45 1.44 9.60 -1.21
CA ALA A 45 1.11 10.95 -1.60
C ALA A 45 2.33 11.58 -2.30
N LYS A 46 3.48 11.40 -1.66
CA LYS A 46 4.72 11.94 -2.19
C LYS A 46 5.03 11.26 -3.54
N TYR A 47 5.04 9.94 -3.50
CA TYR A 47 5.32 9.17 -4.70
C TYR A 47 4.41 9.59 -5.86
N ILE A 48 3.12 9.69 -5.54
CA ILE A 48 2.14 10.08 -6.54
C ILE A 48 2.63 11.35 -7.26
N SER A 49 2.88 12.38 -6.47
CA SER A 49 3.35 13.64 -7.02
C SER A 49 4.72 13.45 -7.67
N LYS A 50 5.59 12.75 -6.96
CA LYS A 50 6.93 12.48 -7.46
C LYS A 50 6.84 12.02 -8.92
N GLU A 51 6.16 10.90 -9.11
CA GLU A 51 6.00 10.35 -10.45
C GLU A 51 5.05 11.21 -11.27
N GLY A 52 4.04 11.74 -10.59
CA GLY A 52 3.06 12.59 -11.24
C GLY A 52 1.77 11.82 -11.55
N LEU A 53 1.39 10.99 -10.59
CA LEU A 53 0.19 10.18 -10.74
C LEU A 53 -1.05 11.08 -10.55
N LEU A 54 -0.81 12.24 -9.97
CA LEU A 54 -1.88 13.19 -9.73
C LEU A 54 -2.72 13.34 -11.00
N ASP A 55 -3.89 13.94 -10.84
CA ASP A 55 -4.79 14.15 -11.96
C ASP A 55 -4.86 15.65 -12.28
N PRO A 56 -4.84 15.95 -13.60
CA PRO A 56 -4.90 17.34 -14.05
C PRO A 56 -6.32 17.89 -13.91
N SER A 57 -7.29 16.98 -13.96
CA SER A 57 -8.68 17.37 -13.83
C SER A 57 -9.02 17.64 -12.36
N ASN A 58 -8.27 17.00 -11.49
CA ASN A 58 -8.47 17.17 -10.05
C ASN A 58 -7.31 16.54 -9.29
N LYS A 59 -6.37 17.39 -8.90
CA LYS A 59 -5.21 16.92 -8.16
C LYS A 59 -5.66 16.13 -6.94
N LYS A 60 -6.82 16.52 -6.41
CA LYS A 60 -7.37 15.85 -5.25
C LYS A 60 -7.44 14.35 -5.51
N LYS A 61 -7.54 14.01 -6.78
CA LYS A 61 -7.61 12.61 -7.18
C LYS A 61 -6.20 12.11 -7.50
N VAL A 62 -6.12 10.80 -7.76
CA VAL A 62 -4.84 10.19 -8.09
C VAL A 62 -5.04 9.20 -9.24
N VAL A 63 -4.21 9.35 -10.26
CA VAL A 63 -4.29 8.49 -11.42
C VAL A 63 -3.21 7.40 -11.32
N CYS A 64 -3.64 6.22 -10.90
CA CYS A 64 -2.72 5.10 -10.75
C CYS A 64 -2.01 4.89 -12.08
N ASP A 65 -0.81 4.32 -11.99
CA ASP A 65 -0.01 4.06 -13.18
C ASP A 65 0.19 2.54 -13.33
N LYS A 66 0.93 1.98 -12.39
CA LYS A 66 1.21 0.55 -12.41
C LYS A 66 1.40 0.06 -10.97
N ARG A 67 2.36 0.67 -10.30
CA ARG A 67 2.66 0.29 -8.92
C ARG A 67 1.38 0.34 -8.08
N LEU A 68 0.68 1.46 -8.18
CA LEU A 68 -0.55 1.64 -7.43
C LEU A 68 -1.55 0.56 -7.84
N VAL A 69 -1.68 0.39 -9.14
CA VAL A 69 -2.59 -0.61 -9.68
C VAL A 69 -2.30 -1.97 -9.04
N LEU A 70 -1.05 -2.39 -9.17
CA LEU A 70 -0.63 -3.66 -8.61
C LEU A 70 -0.95 -3.69 -7.11
N LEU A 71 -0.87 -2.51 -6.50
CA LEU A 71 -1.15 -2.40 -5.08
C LEU A 71 -2.66 -2.52 -4.85
N PHE A 72 -3.38 -1.52 -5.35
CA PHE A 72 -4.83 -1.51 -5.21
C PHE A 72 -5.49 -2.32 -6.32
N GLY A 73 -5.38 -1.81 -7.54
CA GLY A 73 -5.96 -2.48 -8.69
C GLY A 73 -6.91 -1.54 -9.44
N THR A 74 -6.98 -0.31 -8.95
CA THR A 74 -7.85 0.68 -9.57
C THR A 74 -7.02 1.61 -10.46
N ARG A 75 -7.74 2.34 -11.32
CA ARG A 75 -7.10 3.27 -12.23
C ARG A 75 -6.99 4.66 -11.58
N THR A 76 -8.00 5.00 -10.82
CA THR A 76 -8.03 6.30 -10.15
C THR A 76 -8.47 6.12 -8.69
N ILE A 77 -7.93 6.98 -7.84
CA ILE A 77 -8.24 6.94 -6.42
C ILE A 77 -8.14 8.35 -5.84
N PHE A 78 -8.28 8.42 -4.52
CA PHE A 78 -8.21 9.69 -3.83
C PHE A 78 -6.99 9.75 -2.91
N ARG A 79 -6.15 10.74 -3.15
CA ARG A 79 -4.95 10.91 -2.35
C ARG A 79 -5.27 10.75 -0.87
N MET A 80 -6.51 11.04 -0.53
CA MET A 80 -6.97 10.92 0.85
C MET A 80 -7.35 9.47 1.18
N LYS A 81 -8.04 8.85 0.23
CA LYS A 81 -8.47 7.48 0.41
C LYS A 81 -7.25 6.57 0.53
N VAL A 82 -6.14 7.05 -0.01
CA VAL A 82 -4.90 6.30 0.03
C VAL A 82 -4.76 5.62 1.40
N TYR A 83 -4.70 6.46 2.43
CA TYR A 83 -4.57 5.97 3.79
C TYR A 83 -5.53 4.81 4.05
N ASP A 84 -6.82 5.10 3.89
CA ASP A 84 -7.85 4.10 4.10
C ASP A 84 -7.55 2.87 3.24
N LEU A 85 -7.34 3.14 1.96
CA LEU A 85 -7.04 2.07 1.02
C LEU A 85 -6.05 1.09 1.66
N LEU A 86 -5.06 1.66 2.33
CA LEU A 86 -4.05 0.86 2.99
C LEU A 86 -4.66 0.14 4.19
N GLU A 87 -5.47 0.88 4.93
CA GLU A 87 -6.13 0.32 6.10
C GLU A 87 -6.58 -1.11 5.82
N LYS A 88 -6.90 -1.37 4.56
CA LYS A 88 -7.34 -2.70 4.15
C LYS A 88 -6.12 -3.60 3.97
N HIS A 89 -5.24 -3.18 3.08
CA HIS A 89 -4.02 -3.95 2.82
C HIS A 89 -3.45 -4.47 4.13
N TYR A 90 -3.35 -3.58 5.10
CA TYR A 90 -2.82 -3.94 6.40
C TYR A 90 -3.65 -5.06 7.04
N LYS A 91 -2.99 -5.80 7.93
CA LYS A 91 -3.65 -6.90 8.61
C LYS A 91 -4.30 -6.38 9.89
N GLU A 92 -4.19 -7.19 10.94
CA GLU A 92 -4.77 -6.82 12.22
C GLU A 92 -4.56 -7.96 13.24
N ASN A 93 -4.40 -7.57 14.49
CA ASN A 93 -4.20 -8.53 15.55
C ASN A 93 -5.36 -9.53 15.56
N GLN A 94 -5.02 -10.78 15.28
CA GLN A 94 -6.02 -11.84 15.25
C GLN A 94 -7.01 -11.59 14.11
N ASP A 95 -7.61 -12.69 13.64
CA ASP A 95 -8.57 -12.61 12.56
C ASP A 95 -9.98 -12.85 13.11
N SER A 96 -10.91 -12.01 12.69
CA SER A 96 -12.28 -12.13 13.13
C SER A 96 -13.18 -11.19 12.31
N GLY A 97 -14.46 -11.22 12.64
CA GLY A 97 -15.42 -10.38 11.95
C GLY A 97 -16.81 -11.03 11.95
N PRO A 98 -16.95 -12.10 11.10
CA PRO A 98 -15.83 -12.55 10.29
C PRO A 98 -15.58 -11.60 9.11
N SER A 99 -16.65 -10.92 8.71
CA SER A 99 -16.56 -10.00 7.60
C SER A 99 -17.49 -8.80 7.85
N SER A 100 -18.78 -9.09 7.88
CA SER A 100 -19.77 -8.04 8.10
C SER A 100 -21.16 -8.67 8.22
N GLY A 101 -21.67 -9.13 7.09
CA GLY A 101 -22.98 -9.76 7.06
C GLY A 101 -23.70 -9.43 5.75
N GLY A 1 26.07 -11.56 18.77
CA GLY A 1 24.87 -11.75 19.56
C GLY A 1 24.18 -13.07 19.19
N SER A 2 23.37 -13.00 18.13
CA SER A 2 22.65 -14.17 17.66
C SER A 2 21.64 -14.61 18.72
N SER A 3 20.37 -14.36 18.42
CA SER A 3 19.30 -14.73 19.33
C SER A 3 17.97 -14.81 18.57
N GLY A 4 17.68 -16.01 18.09
CA GLY A 4 16.44 -16.23 17.35
C GLY A 4 16.73 -16.88 15.99
N SER A 5 15.88 -17.82 15.62
CA SER A 5 16.04 -18.52 14.36
C SER A 5 14.79 -19.36 14.07
N SER A 6 14.02 -18.91 13.09
CA SER A 6 12.81 -19.60 12.71
C SER A 6 12.08 -18.83 11.61
N GLY A 7 11.29 -19.56 10.83
CA GLY A 7 10.54 -18.95 9.75
C GLY A 7 9.52 -19.93 9.18
N LYS A 8 8.27 -19.48 9.10
CA LYS A 8 7.20 -20.30 8.58
C LYS A 8 6.34 -19.46 7.62
N ARG A 9 5.83 -20.13 6.59
CA ARG A 9 5.00 -19.46 5.61
C ARG A 9 3.57 -19.32 6.13
N PHE A 10 3.17 -18.08 6.37
CA PHE A 10 1.84 -17.81 6.87
C PHE A 10 1.16 -16.71 6.04
N GLU A 11 -0.12 -16.51 6.33
CA GLU A 11 -0.89 -15.50 5.62
C GLU A 11 -0.10 -14.20 5.49
N PHE A 12 -0.34 -13.49 4.41
CA PHE A 12 0.35 -12.23 4.17
C PHE A 12 1.86 -12.42 4.17
N VAL A 13 2.56 -11.30 4.06
CA VAL A 13 4.01 -11.32 4.05
C VAL A 13 4.55 -10.28 5.03
N GLY A 14 4.46 -10.61 6.30
CA GLY A 14 4.93 -9.71 7.35
C GLY A 14 3.75 -9.16 8.17
N TRP A 15 3.57 -7.85 8.08
CA TRP A 15 2.50 -7.20 8.79
C TRP A 15 1.43 -6.78 7.78
N GLY A 16 1.88 -6.56 6.55
CA GLY A 16 0.98 -6.16 5.48
C GLY A 16 0.97 -7.20 4.36
N SER A 17 0.04 -7.01 3.43
CA SER A 17 -0.08 -7.91 2.30
C SER A 17 1.04 -7.66 1.29
N ARG A 18 1.32 -8.67 0.49
CA ARG A 18 2.36 -8.58 -0.51
C ARG A 18 2.17 -7.31 -1.35
N GLN A 19 0.95 -7.14 -1.83
CA GLN A 19 0.63 -5.97 -2.64
C GLN A 19 1.27 -4.71 -2.05
N LEU A 20 0.97 -4.48 -0.77
CA LEU A 20 1.50 -3.32 -0.08
C LEU A 20 3.00 -3.51 0.13
N ILE A 21 3.35 -4.64 0.74
CA ILE A 21 4.75 -4.94 1.00
C ILE A 21 5.58 -4.66 -0.25
N GLU A 22 5.37 -5.51 -1.25
CA GLU A 22 6.09 -5.37 -2.51
C GLU A 22 6.22 -3.89 -2.89
N PHE A 23 5.08 -3.26 -3.05
CA PHE A 23 5.05 -1.84 -3.41
C PHE A 23 6.02 -1.04 -2.55
N LEU A 24 6.07 -1.40 -1.28
CA LEU A 24 6.96 -0.73 -0.34
C LEU A 24 8.40 -1.19 -0.58
N HIS A 25 8.52 -2.45 -1.00
CA HIS A 25 9.83 -3.03 -1.26
C HIS A 25 10.46 -2.34 -2.49
N SER A 26 9.60 -2.02 -3.45
CA SER A 26 10.05 -1.36 -4.66
C SER A 26 10.48 0.07 -4.35
N LEU A 27 9.52 0.86 -3.92
CA LEU A 27 9.78 2.26 -3.58
C LEU A 27 11.12 2.35 -2.85
N GLY A 28 11.44 1.29 -2.13
CA GLY A 28 12.68 1.24 -1.38
C GLY A 28 12.43 1.37 0.12
N LYS A 29 11.20 1.04 0.50
CA LYS A 29 10.82 1.10 1.91
C LYS A 29 11.25 -0.18 2.62
N ASP A 30 11.90 0.00 3.76
CA ASP A 30 12.38 -1.14 4.54
C ASP A 30 11.24 -1.65 5.43
N THR A 31 10.45 -2.56 4.86
CA THR A 31 9.34 -3.13 5.59
C THR A 31 9.84 -4.04 6.70
N SER A 32 10.60 -3.46 7.61
CA SER A 32 11.15 -4.21 8.73
C SER A 32 10.14 -4.26 9.87
N GLU A 33 9.74 -3.07 10.31
CA GLU A 33 8.78 -2.96 11.40
C GLU A 33 7.47 -2.35 10.89
N MET A 34 6.38 -2.80 11.49
CA MET A 34 5.06 -2.30 11.11
C MET A 34 5.10 -0.81 10.81
N ILE A 35 5.24 -0.50 9.52
CA ILE A 35 5.30 0.89 9.09
C ILE A 35 3.92 1.52 9.27
N SER A 36 3.90 2.57 10.08
CA SER A 36 2.66 3.29 10.36
C SER A 36 1.96 3.62 9.04
N ARG A 37 0.63 3.58 9.09
CA ARG A 37 -0.17 3.88 7.92
C ARG A 37 0.21 5.24 7.33
N TYR A 38 0.41 6.19 8.23
CA TYR A 38 0.78 7.53 7.83
C TYR A 38 2.06 7.52 7.00
N ASP A 39 3.01 6.70 7.44
CA ASP A 39 4.28 6.58 6.75
C ASP A 39 4.04 6.21 5.29
N VAL A 40 3.45 5.04 5.11
CA VAL A 40 3.14 4.55 3.77
C VAL A 40 2.38 5.63 3.00
N SER A 41 1.23 5.98 3.54
CA SER A 41 0.39 7.00 2.91
C SER A 41 1.24 8.20 2.50
N ASP A 42 1.85 8.82 3.50
CA ASP A 42 2.70 9.99 3.25
C ASP A 42 3.60 9.70 2.06
N THR A 43 4.26 8.55 2.12
CA THR A 43 5.16 8.15 1.06
C THR A 43 4.43 8.10 -0.28
N ILE A 44 3.19 7.65 -0.22
CA ILE A 44 2.37 7.55 -1.43
C ILE A 44 2.07 8.95 -1.94
N ALA A 45 1.61 9.81 -1.03
CA ALA A 45 1.28 11.18 -1.38
C ALA A 45 2.49 11.83 -2.06
N LYS A 46 3.66 11.51 -1.54
CA LYS A 46 4.89 12.06 -2.08
C LYS A 46 5.17 11.43 -3.45
N TYR A 47 5.15 10.11 -3.47
CA TYR A 47 5.39 9.37 -4.70
C TYR A 47 4.44 9.83 -5.81
N ILE A 48 3.16 9.93 -5.46
CA ILE A 48 2.16 10.36 -6.41
C ILE A 48 2.65 11.61 -7.14
N SER A 49 2.99 12.63 -6.35
CA SER A 49 3.48 13.88 -6.91
C SER A 49 4.84 13.66 -7.58
N LYS A 50 5.64 12.82 -6.94
CA LYS A 50 6.97 12.52 -7.46
C LYS A 50 6.87 12.18 -8.94
N GLU A 51 6.12 11.12 -9.23
CA GLU A 51 5.92 10.69 -10.60
C GLU A 51 4.91 11.58 -11.31
N GLY A 52 3.74 11.69 -10.69
CA GLY A 52 2.68 12.52 -11.25
C GLY A 52 1.41 11.70 -11.48
N LEU A 53 1.02 10.97 -10.44
CA LEU A 53 -0.17 10.13 -10.51
C LEU A 53 -1.41 11.02 -10.43
N LEU A 54 -1.22 12.20 -9.87
CA LEU A 54 -2.31 13.16 -9.72
C LEU A 54 -3.12 13.20 -11.01
N ASP A 55 -4.30 13.78 -10.92
CA ASP A 55 -5.18 13.90 -12.07
C ASP A 55 -5.30 15.37 -12.46
N PRO A 56 -5.16 15.62 -13.79
CA PRO A 56 -5.25 16.98 -14.32
C PRO A 56 -6.71 17.45 -14.35
N SER A 57 -7.60 16.53 -14.02
CA SER A 57 -9.02 16.84 -14.01
C SER A 57 -9.50 17.02 -12.56
N ASN A 58 -8.68 16.57 -11.64
CA ASN A 58 -9.00 16.66 -10.23
C ASN A 58 -7.84 16.13 -9.40
N LYS A 59 -6.95 17.05 -9.02
CA LYS A 59 -5.80 16.69 -8.23
C LYS A 59 -6.24 15.83 -7.04
N LYS A 60 -7.40 16.17 -6.51
CA LYS A 60 -7.95 15.44 -5.38
C LYS A 60 -7.86 13.94 -5.65
N LYS A 61 -7.88 13.60 -6.93
CA LYS A 61 -7.80 12.22 -7.33
C LYS A 61 -6.35 11.86 -7.65
N VAL A 62 -6.12 10.56 -7.82
CA VAL A 62 -4.79 10.08 -8.14
C VAL A 62 -4.88 8.89 -9.08
N VAL A 63 -4.39 9.10 -10.30
CA VAL A 63 -4.42 8.06 -11.31
C VAL A 63 -3.28 7.08 -11.05
N CYS A 64 -3.64 5.81 -10.99
CA CYS A 64 -2.66 4.76 -10.75
C CYS A 64 -1.83 4.57 -12.02
N ASP A 65 -0.55 4.33 -11.83
CA ASP A 65 0.35 4.12 -12.95
C ASP A 65 0.61 2.63 -13.13
N LYS A 66 1.08 2.00 -12.06
CA LYS A 66 1.37 0.58 -12.09
C LYS A 66 1.53 0.07 -10.66
N ARG A 67 2.49 0.65 -9.96
CA ARG A 67 2.75 0.27 -8.58
C ARG A 67 1.47 0.33 -7.75
N LEU A 68 0.70 1.39 -7.99
CA LEU A 68 -0.56 1.58 -7.28
C LEU A 68 -1.56 0.52 -7.74
N VAL A 69 -1.54 0.26 -9.04
CA VAL A 69 -2.45 -0.73 -9.62
C VAL A 69 -2.15 -2.09 -9.02
N LEU A 70 -0.89 -2.49 -9.11
CA LEU A 70 -0.47 -3.78 -8.58
C LEU A 70 -0.73 -3.81 -7.08
N LEU A 71 -0.95 -2.63 -6.51
CA LEU A 71 -1.21 -2.52 -5.09
C LEU A 71 -2.72 -2.61 -4.85
N PHE A 72 -3.43 -1.60 -5.34
CA PHE A 72 -4.87 -1.54 -5.19
C PHE A 72 -5.57 -2.31 -6.32
N GLY A 73 -5.26 -1.90 -7.55
CA GLY A 73 -5.85 -2.54 -8.71
C GLY A 73 -6.82 -1.58 -9.42
N THR A 74 -6.73 -0.32 -9.04
CA THR A 74 -7.60 0.69 -9.63
C THR A 74 -6.77 1.65 -10.49
N ARG A 75 -7.47 2.32 -11.40
CA ARG A 75 -6.82 3.26 -12.30
C ARG A 75 -6.82 4.67 -11.68
N THR A 76 -7.83 4.92 -10.87
CA THR A 76 -7.97 6.21 -10.22
C THR A 76 -8.38 6.03 -8.75
N ILE A 77 -7.88 6.92 -7.92
CA ILE A 77 -8.18 6.88 -6.50
C ILE A 77 -8.13 8.29 -5.92
N PHE A 78 -8.06 8.36 -4.60
CA PHE A 78 -8.00 9.64 -3.91
C PHE A 78 -6.81 9.69 -2.96
N ARG A 79 -5.93 10.66 -3.22
CA ARG A 79 -4.75 10.82 -2.40
C ARG A 79 -5.10 10.64 -0.92
N MET A 80 -6.31 11.03 -0.57
CA MET A 80 -6.78 10.92 0.79
C MET A 80 -7.18 9.47 1.12
N LYS A 81 -7.92 8.88 0.19
CA LYS A 81 -8.37 7.51 0.36
C LYS A 81 -7.16 6.59 0.52
N VAL A 82 -6.03 7.06 0.00
CA VAL A 82 -4.80 6.30 0.07
C VAL A 82 -4.69 5.65 1.46
N TYR A 83 -4.63 6.50 2.47
CA TYR A 83 -4.53 6.03 3.84
C TYR A 83 -5.50 4.88 4.10
N ASP A 84 -6.79 5.19 3.94
CA ASP A 84 -7.82 4.19 4.16
C ASP A 84 -7.51 2.95 3.30
N LEU A 85 -7.36 3.19 2.00
CA LEU A 85 -7.06 2.12 1.08
C LEU A 85 -6.06 1.15 1.73
N LEU A 86 -5.21 1.71 2.58
CA LEU A 86 -4.22 0.91 3.26
C LEU A 86 -4.81 0.37 4.57
N GLU A 87 -6.00 -0.19 4.46
CA GLU A 87 -6.68 -0.75 5.62
C GLU A 87 -6.66 -2.28 5.56
N LYS A 88 -7.02 -2.81 4.40
CA LYS A 88 -7.04 -4.25 4.20
C LYS A 88 -5.61 -4.75 4.05
N HIS A 89 -4.83 -4.04 3.25
CA HIS A 89 -3.45 -4.42 3.01
C HIS A 89 -2.74 -4.65 4.35
N TYR A 90 -3.30 -4.04 5.39
CA TYR A 90 -2.73 -4.17 6.71
C TYR A 90 -3.40 -5.32 7.48
N LYS A 91 -2.57 -6.14 8.10
CA LYS A 91 -3.06 -7.26 8.87
C LYS A 91 -3.57 -6.77 10.23
N GLU A 92 -3.28 -7.56 11.25
CA GLU A 92 -3.70 -7.22 12.60
C GLU A 92 -5.17 -6.81 12.60
N ASN A 93 -6.03 -7.79 12.36
CA ASN A 93 -7.46 -7.55 12.34
C ASN A 93 -8.19 -8.86 12.08
N GLN A 94 -9.49 -8.84 12.37
CA GLN A 94 -10.31 -10.03 12.16
C GLN A 94 -11.35 -9.77 11.07
N ASP A 95 -11.88 -10.87 10.54
CA ASP A 95 -12.88 -10.77 9.48
C ASP A 95 -12.23 -10.19 8.23
N SER A 96 -12.62 -10.75 7.09
CA SER A 96 -12.09 -10.30 5.81
C SER A 96 -13.23 -10.10 4.81
N GLY A 97 -14.13 -11.08 4.78
CA GLY A 97 -15.26 -11.01 3.88
C GLY A 97 -16.29 -12.10 4.21
N PRO A 98 -15.92 -13.36 3.89
CA PRO A 98 -14.63 -13.63 3.27
C PRO A 98 -14.64 -13.21 1.80
N SER A 99 -15.77 -13.44 1.15
CA SER A 99 -15.92 -13.09 -0.25
C SER A 99 -16.22 -11.60 -0.40
N SER A 100 -16.20 -11.14 -1.64
CA SER A 100 -16.47 -9.75 -1.92
C SER A 100 -17.58 -9.64 -2.98
N GLY A 101 -18.81 -9.77 -2.50
CA GLY A 101 -19.96 -9.69 -3.39
C GLY A 101 -20.50 -8.26 -3.46
N GLY A 1 22.12 -9.96 24.25
CA GLY A 1 22.31 -10.06 22.82
C GLY A 1 21.54 -11.27 22.24
N SER A 2 21.09 -11.10 21.01
CA SER A 2 20.35 -12.15 20.34
C SER A 2 19.90 -11.68 18.96
N SER A 3 20.38 -12.38 17.94
CA SER A 3 20.04 -12.05 16.58
C SER A 3 20.56 -13.13 15.62
N GLY A 4 19.71 -13.49 14.67
CA GLY A 4 20.09 -14.50 13.69
C GLY A 4 18.85 -15.15 13.08
N SER A 5 18.21 -16.00 13.87
CA SER A 5 17.02 -16.70 13.42
C SER A 5 16.13 -15.74 12.62
N SER A 6 15.73 -16.20 11.44
CA SER A 6 14.88 -15.40 10.57
C SER A 6 14.31 -16.27 9.46
N GLY A 7 13.21 -15.80 8.89
CA GLY A 7 12.55 -16.53 7.81
C GLY A 7 11.15 -16.95 8.22
N LYS A 8 10.80 -18.17 7.83
CA LYS A 8 9.49 -18.72 8.15
C LYS A 8 8.43 -18.04 7.28
N ARG A 9 7.57 -18.86 6.71
CA ARG A 9 6.52 -18.36 5.85
C ARG A 9 5.16 -18.49 6.55
N PHE A 10 4.43 -17.37 6.56
CA PHE A 10 3.12 -17.36 7.20
C PHE A 10 2.21 -16.32 6.54
N GLU A 11 0.98 -16.26 7.02
CA GLU A 11 0.01 -15.32 6.49
C GLU A 11 0.66 -13.96 6.26
N PHE A 12 0.34 -13.37 5.12
CA PHE A 12 0.89 -12.07 4.77
C PHE A 12 2.42 -12.10 4.75
N VAL A 13 2.99 -11.23 3.94
CA VAL A 13 4.43 -11.15 3.81
C VAL A 13 4.99 -10.23 4.90
N GLY A 14 5.02 -10.77 6.11
CA GLY A 14 5.52 -10.02 7.25
C GLY A 14 4.36 -9.44 8.08
N TRP A 15 4.05 -8.18 7.81
CA TRP A 15 2.97 -7.51 8.51
C TRP A 15 1.89 -7.16 7.50
N GLY A 16 2.33 -6.71 6.33
CA GLY A 16 1.41 -6.33 5.28
C GLY A 16 1.32 -7.43 4.21
N SER A 17 0.53 -7.16 3.19
CA SER A 17 0.35 -8.11 2.11
C SER A 17 1.40 -7.86 1.02
N ARG A 18 1.73 -8.93 0.31
CA ARG A 18 2.72 -8.84 -0.76
C ARG A 18 2.55 -7.54 -1.54
N GLN A 19 1.29 -7.24 -1.86
CA GLN A 19 0.98 -6.03 -2.61
C GLN A 19 1.79 -4.85 -2.07
N LEU A 20 1.16 -4.13 -1.14
CA LEU A 20 1.81 -2.98 -0.54
C LEU A 20 3.28 -3.29 -0.30
N ILE A 21 3.52 -4.41 0.36
CA ILE A 21 4.87 -4.85 0.66
C ILE A 21 5.76 -4.59 -0.56
N GLU A 22 5.33 -5.13 -1.69
CA GLU A 22 6.08 -4.97 -2.92
C GLU A 22 6.17 -3.50 -3.30
N PHE A 23 5.03 -2.83 -3.22
CA PHE A 23 4.97 -1.41 -3.56
C PHE A 23 5.96 -0.60 -2.71
N LEU A 24 6.12 -1.05 -1.47
CA LEU A 24 7.03 -0.39 -0.55
C LEU A 24 8.46 -0.85 -0.82
N HIS A 25 8.57 -2.10 -1.26
CA HIS A 25 9.87 -2.67 -1.56
C HIS A 25 10.50 -1.93 -2.73
N SER A 26 9.71 -1.77 -3.78
CA SER A 26 10.18 -1.07 -4.97
C SER A 26 10.68 0.33 -4.60
N LEU A 27 9.78 1.13 -4.06
CA LEU A 27 10.12 2.48 -3.66
C LEU A 27 11.48 2.48 -2.97
N GLY A 28 11.74 1.40 -2.25
CA GLY A 28 13.01 1.25 -1.55
C GLY A 28 12.80 1.40 -0.03
N LYS A 29 11.55 1.30 0.37
CA LYS A 29 11.20 1.42 1.78
C LYS A 29 11.72 0.19 2.53
N ASP A 30 11.96 0.38 3.82
CA ASP A 30 12.46 -0.70 4.66
C ASP A 30 11.28 -1.33 5.42
N THR A 31 10.78 -2.42 4.87
CA THR A 31 9.68 -3.13 5.48
C THR A 31 10.17 -4.06 6.59
N SER A 32 10.97 -3.50 7.47
CA SER A 32 11.52 -4.26 8.58
C SER A 32 10.47 -4.42 9.68
N GLU A 33 9.97 -3.28 10.15
CA GLU A 33 8.96 -3.28 11.19
C GLU A 33 7.66 -2.69 10.66
N MET A 34 6.55 -3.34 11.01
CA MET A 34 5.24 -2.89 10.59
C MET A 34 5.14 -1.36 10.64
N ILE A 35 5.09 -0.77 9.46
CA ILE A 35 5.00 0.68 9.36
C ILE A 35 3.54 1.11 9.56
N SER A 36 3.38 2.33 10.05
CA SER A 36 2.05 2.87 10.29
C SER A 36 1.44 3.34 8.97
N ARG A 37 0.13 3.11 8.85
CA ARG A 37 -0.59 3.51 7.65
C ARG A 37 -0.17 4.91 7.22
N TYR A 38 -0.07 5.80 8.20
CA TYR A 38 0.31 7.17 7.95
C TYR A 38 1.62 7.23 7.15
N ASP A 39 2.65 6.62 7.72
CA ASP A 39 3.96 6.59 7.09
C ASP A 39 3.78 6.26 5.60
N VAL A 40 3.30 5.06 5.35
CA VAL A 40 3.09 4.61 3.98
C VAL A 40 2.36 5.70 3.20
N SER A 41 1.17 6.05 3.68
CA SER A 41 0.37 7.08 3.03
C SER A 41 1.27 8.24 2.60
N ASP A 42 1.88 8.88 3.58
CA ASP A 42 2.76 10.01 3.30
C ASP A 42 3.68 9.65 2.13
N THR A 43 4.26 8.46 2.21
CA THR A 43 5.16 8.01 1.17
C THR A 43 4.43 7.94 -0.18
N ILE A 44 3.19 7.49 -0.11
CA ILE A 44 2.38 7.39 -1.31
C ILE A 44 2.12 8.78 -1.88
N ALA A 45 1.69 9.67 -1.01
CA ALA A 45 1.40 11.04 -1.40
C ALA A 45 2.62 11.62 -2.12
N LYS A 46 3.78 11.44 -1.50
CA LYS A 46 5.02 11.95 -2.06
C LYS A 46 5.27 11.27 -3.41
N TYR A 47 5.21 9.94 -3.40
CA TYR A 47 5.43 9.17 -4.61
C TYR A 47 4.48 9.63 -5.72
N ILE A 48 3.22 9.77 -5.36
CA ILE A 48 2.21 10.19 -6.32
C ILE A 48 2.71 11.42 -7.06
N SER A 49 3.18 12.40 -6.30
CA SER A 49 3.69 13.62 -6.88
C SER A 49 5.03 13.36 -7.58
N LYS A 50 5.83 12.51 -6.95
CA LYS A 50 7.12 12.16 -7.51
C LYS A 50 6.97 11.78 -8.99
N GLU A 51 6.26 10.69 -9.20
CA GLU A 51 6.01 10.21 -10.56
C GLU A 51 5.02 11.12 -11.28
N GLY A 52 3.92 11.40 -10.58
CA GLY A 52 2.89 12.26 -11.14
C GLY A 52 1.61 11.47 -11.40
N LEU A 53 1.14 10.80 -10.36
CA LEU A 53 -0.07 10.00 -10.46
C LEU A 53 -1.30 10.92 -10.42
N LEU A 54 -1.09 12.10 -9.85
CA LEU A 54 -2.16 13.08 -9.72
C LEU A 54 -2.95 13.12 -11.04
N ASP A 55 -4.14 13.70 -10.95
CA ASP A 55 -4.99 13.81 -12.12
C ASP A 55 -5.17 15.29 -12.47
N PRO A 56 -5.14 15.57 -13.80
CA PRO A 56 -5.30 16.93 -14.28
C PRO A 56 -6.76 17.38 -14.18
N SER A 57 -7.65 16.41 -14.20
CA SER A 57 -9.07 16.69 -14.12
C SER A 57 -9.48 16.93 -12.66
N ASN A 58 -8.61 16.48 -11.76
CA ASN A 58 -8.85 16.64 -10.34
C ASN A 58 -7.66 16.11 -9.55
N LYS A 59 -6.82 17.05 -9.11
CA LYS A 59 -5.64 16.69 -8.35
C LYS A 59 -6.06 15.88 -7.12
N LYS A 60 -7.24 16.19 -6.61
CA LYS A 60 -7.76 15.50 -5.45
C LYS A 60 -7.69 13.98 -5.68
N LYS A 61 -7.74 13.61 -6.95
CA LYS A 61 -7.68 12.21 -7.32
C LYS A 61 -6.24 11.83 -7.63
N VAL A 62 -6.03 10.53 -7.79
CA VAL A 62 -4.70 10.02 -8.09
C VAL A 62 -4.82 8.81 -9.03
N VAL A 63 -4.33 9.01 -10.25
CA VAL A 63 -4.38 7.95 -11.25
C VAL A 63 -3.26 6.95 -10.97
N CYS A 64 -3.65 5.68 -10.91
CA CYS A 64 -2.69 4.61 -10.66
C CYS A 64 -1.91 4.35 -11.94
N ASP A 65 -0.61 4.19 -11.79
CA ASP A 65 0.25 3.92 -12.93
C ASP A 65 0.45 2.41 -13.08
N LYS A 66 0.85 1.79 -11.97
CA LYS A 66 1.08 0.36 -11.97
C LYS A 66 1.31 -0.12 -10.54
N ARG A 67 2.30 0.49 -9.90
CA ARG A 67 2.63 0.14 -8.52
C ARG A 67 1.37 0.19 -7.65
N LEU A 68 0.62 1.26 -7.81
CA LEU A 68 -0.61 1.45 -7.05
C LEU A 68 -1.62 0.37 -7.46
N VAL A 69 -1.65 0.09 -8.75
CA VAL A 69 -2.57 -0.91 -9.28
C VAL A 69 -2.31 -2.24 -8.58
N LEU A 70 -1.10 -2.76 -8.75
CA LEU A 70 -0.73 -4.02 -8.15
C LEU A 70 -1.16 -4.02 -6.68
N LEU A 71 -1.20 -2.82 -6.10
CA LEU A 71 -1.58 -2.67 -4.71
C LEU A 71 -3.11 -2.73 -4.60
N PHE A 72 -3.74 -1.66 -5.06
CA PHE A 72 -5.19 -1.57 -5.02
C PHE A 72 -5.82 -2.35 -6.17
N GLY A 73 -5.49 -1.93 -7.38
CA GLY A 73 -6.02 -2.58 -8.58
C GLY A 73 -6.89 -1.62 -9.39
N THR A 74 -6.95 -0.38 -8.91
CA THR A 74 -7.74 0.64 -9.59
C THR A 74 -6.83 1.54 -10.44
N ARG A 75 -7.46 2.23 -11.38
CA ARG A 75 -6.74 3.12 -12.25
C ARG A 75 -6.73 4.55 -11.68
N THR A 76 -7.71 4.81 -10.83
CA THR A 76 -7.85 6.12 -10.22
C THR A 76 -8.32 5.98 -8.77
N ILE A 77 -7.86 6.89 -7.94
CA ILE A 77 -8.22 6.89 -6.54
C ILE A 77 -8.22 8.32 -5.99
N PHE A 78 -8.18 8.43 -4.68
CA PHE A 78 -8.16 9.73 -4.03
C PHE A 78 -6.97 9.85 -3.08
N ARG A 79 -6.21 10.93 -3.27
CA ARG A 79 -5.05 11.17 -2.45
C ARG A 79 -5.43 11.19 -0.96
N MET A 80 -6.71 11.45 -0.72
CA MET A 80 -7.22 11.51 0.63
C MET A 80 -7.82 10.15 1.05
N LYS A 81 -7.82 9.23 0.10
CA LYS A 81 -8.35 7.89 0.35
C LYS A 81 -7.19 6.91 0.47
N VAL A 82 -6.03 7.34 0.00
CA VAL A 82 -4.85 6.50 0.05
C VAL A 82 -4.74 5.85 1.43
N TYR A 83 -4.65 6.71 2.45
CA TYR A 83 -4.55 6.23 3.82
C TYR A 83 -5.59 5.15 4.11
N ASP A 84 -6.86 5.53 3.96
CA ASP A 84 -7.95 4.62 4.21
C ASP A 84 -7.74 3.35 3.37
N LEU A 85 -7.54 3.56 2.07
CA LEU A 85 -7.32 2.45 1.17
C LEU A 85 -6.43 1.41 1.83
N LEU A 86 -5.45 1.91 2.58
CA LEU A 86 -4.52 1.03 3.27
C LEU A 86 -5.23 0.38 4.46
N GLU A 87 -5.76 -0.80 4.21
CA GLU A 87 -6.47 -1.54 5.24
C GLU A 87 -6.33 -3.05 5.02
N LYS A 88 -6.63 -3.45 3.80
CA LYS A 88 -6.54 -4.86 3.43
C LYS A 88 -5.08 -5.22 3.16
N HIS A 89 -4.22 -4.23 3.31
CA HIS A 89 -2.80 -4.43 3.09
C HIS A 89 -2.06 -4.46 4.44
N TYR A 90 -2.78 -4.89 5.46
CA TYR A 90 -2.22 -4.98 6.79
C TYR A 90 -2.89 -6.07 7.61
N LYS A 91 -2.15 -6.61 8.56
CA LYS A 91 -2.66 -7.66 9.42
C LYS A 91 -3.46 -7.04 10.56
N GLU A 92 -3.61 -5.73 10.49
CA GLU A 92 -4.35 -5.00 11.52
C GLU A 92 -5.74 -4.63 11.00
N ASN A 93 -6.55 -5.65 10.79
CA ASN A 93 -7.91 -5.44 10.31
C ASN A 93 -8.58 -6.80 10.10
N GLN A 94 -9.59 -7.06 10.92
CA GLN A 94 -10.33 -8.30 10.84
C GLN A 94 -11.67 -8.17 11.53
N ASP A 95 -12.68 -8.80 10.94
CA ASP A 95 -14.02 -8.76 11.49
C ASP A 95 -15.00 -9.36 10.48
N SER A 96 -14.98 -8.81 9.28
CA SER A 96 -15.85 -9.28 8.23
C SER A 96 -15.31 -8.85 6.85
N GLY A 97 -15.70 -9.60 5.83
CA GLY A 97 -15.27 -9.31 4.48
C GLY A 97 -15.37 -10.55 3.60
N PRO A 98 -15.00 -10.36 2.29
CA PRO A 98 -14.56 -9.06 1.83
C PRO A 98 -15.74 -8.09 1.67
N SER A 99 -16.64 -8.46 0.77
CA SER A 99 -17.82 -7.63 0.52
C SER A 99 -18.76 -8.36 -0.44
N SER A 100 -19.99 -8.58 0.03
CA SER A 100 -20.99 -9.26 -0.77
C SER A 100 -20.44 -10.59 -1.28
N GLY A 101 -21.31 -11.35 -1.91
CA GLY A 101 -20.93 -12.64 -2.45
C GLY A 101 -20.71 -12.56 -3.97
N GLY A 1 21.98 -5.03 -5.00
CA GLY A 1 20.66 -5.58 -4.71
C GLY A 1 20.71 -6.47 -3.46
N SER A 2 19.82 -7.45 -3.45
CA SER A 2 19.74 -8.37 -2.32
C SER A 2 20.04 -9.79 -2.79
N SER A 3 20.14 -10.69 -1.82
CA SER A 3 20.43 -12.08 -2.12
C SER A 3 19.12 -12.87 -2.19
N GLY A 4 18.41 -12.89 -1.08
CA GLY A 4 17.14 -13.61 -1.01
C GLY A 4 17.30 -14.91 -0.22
N SER A 5 16.25 -15.24 0.51
CA SER A 5 16.26 -16.46 1.31
C SER A 5 14.82 -16.97 1.49
N SER A 6 14.64 -18.25 1.18
CA SER A 6 13.33 -18.87 1.30
C SER A 6 13.09 -19.30 2.74
N GLY A 7 11.84 -19.59 3.04
CA GLY A 7 11.46 -20.02 4.38
C GLY A 7 10.04 -20.60 4.39
N LYS A 8 9.31 -20.25 5.44
CA LYS A 8 7.95 -20.72 5.59
C LYS A 8 6.98 -19.64 5.13
N ARG A 9 6.29 -19.92 4.04
CA ARG A 9 5.33 -18.97 3.49
C ARG A 9 3.99 -19.08 4.22
N PHE A 10 3.58 -17.98 4.81
CA PHE A 10 2.33 -17.94 5.54
C PHE A 10 1.50 -16.71 5.15
N GLU A 11 0.33 -16.61 5.77
CA GLU A 11 -0.56 -15.48 5.50
C GLU A 11 0.23 -14.17 5.49
N PHE A 12 0.08 -13.43 4.41
CA PHE A 12 0.77 -12.15 4.27
C PHE A 12 2.28 -12.34 4.36
N VAL A 13 3.00 -11.46 3.67
CA VAL A 13 4.45 -11.51 3.65
C VAL A 13 4.99 -10.62 4.76
N GLY A 14 4.96 -11.15 5.98
CA GLY A 14 5.45 -10.41 7.13
C GLY A 14 4.29 -9.85 7.96
N TRP A 15 4.14 -8.54 7.89
CA TRP A 15 3.08 -7.87 8.62
C TRP A 15 2.06 -7.34 7.61
N GLY A 16 2.58 -6.92 6.47
CA GLY A 16 1.74 -6.38 5.41
C GLY A 16 1.66 -7.35 4.23
N SER A 17 0.63 -7.16 3.41
CA SER A 17 0.45 -8.01 2.24
C SER A 17 1.41 -7.60 1.13
N ARG A 18 1.80 -8.59 0.35
CA ARG A 18 2.72 -8.35 -0.76
C ARG A 18 2.35 -7.04 -1.47
N GLN A 19 1.08 -6.94 -1.83
CA GLN A 19 0.59 -5.76 -2.52
C GLN A 19 1.24 -4.50 -1.94
N LEU A 20 1.31 -4.46 -0.62
CA LEU A 20 1.91 -3.32 0.06
C LEU A 20 3.41 -3.54 0.18
N ILE A 21 3.78 -4.66 0.79
CA ILE A 21 5.18 -5.00 0.97
C ILE A 21 5.93 -4.79 -0.34
N GLU A 22 5.61 -5.65 -1.31
CA GLU A 22 6.25 -5.57 -2.61
C GLU A 22 6.31 -4.12 -3.09
N PHE A 23 5.15 -3.47 -3.05
CA PHE A 23 5.06 -2.08 -3.47
C PHE A 23 6.08 -1.22 -2.74
N LEU A 24 6.25 -1.51 -1.46
CA LEU A 24 7.19 -0.77 -0.64
C LEU A 24 8.61 -1.24 -0.95
N HIS A 25 8.72 -2.50 -1.36
CA HIS A 25 10.01 -3.07 -1.69
C HIS A 25 10.62 -2.31 -2.87
N SER A 26 9.85 -2.23 -3.94
CA SER A 26 10.30 -1.55 -5.14
C SER A 26 10.74 -0.13 -4.78
N LEU A 27 9.79 0.65 -4.29
CA LEU A 27 10.07 2.03 -3.92
C LEU A 27 11.44 2.09 -3.22
N GLY A 28 11.75 1.03 -2.50
CA GLY A 28 13.01 0.95 -1.79
C GLY A 28 12.80 1.07 -0.27
N LYS A 29 11.57 0.83 0.14
CA LYS A 29 11.22 0.90 1.54
C LYS A 29 11.62 -0.40 2.23
N ASP A 30 11.83 -0.30 3.54
CA ASP A 30 12.21 -1.46 4.33
C ASP A 30 10.99 -2.01 5.06
N THR A 31 10.63 -3.24 4.72
CA THR A 31 9.48 -3.89 5.33
C THR A 31 9.94 -4.91 6.38
N SER A 32 9.74 -4.55 7.64
CA SER A 32 10.13 -5.43 8.73
C SER A 32 9.77 -4.77 10.07
N GLU A 33 10.18 -3.52 10.21
CA GLU A 33 9.91 -2.77 11.43
C GLU A 33 8.48 -2.25 11.43
N MET A 34 7.74 -2.64 10.40
CA MET A 34 6.36 -2.22 10.26
C MET A 34 6.25 -0.70 10.17
N ILE A 35 6.04 -0.21 8.95
CA ILE A 35 5.92 1.21 8.71
C ILE A 35 4.48 1.64 8.96
N SER A 36 4.31 2.53 9.93
CA SER A 36 2.99 3.02 10.27
C SER A 36 2.25 3.45 9.00
N ARG A 37 0.93 3.48 9.11
CA ARG A 37 0.10 3.86 7.98
C ARG A 37 0.44 5.29 7.53
N TYR A 38 0.17 6.24 8.41
CA TYR A 38 0.44 7.64 8.12
C TYR A 38 1.73 7.77 7.30
N ASP A 39 2.69 6.90 7.59
CA ASP A 39 3.95 6.93 6.89
C ASP A 39 3.75 6.46 5.44
N VAL A 40 3.41 5.18 5.32
CA VAL A 40 3.18 4.60 4.01
C VAL A 40 2.38 5.58 3.15
N SER A 41 1.29 6.07 3.73
CA SER A 41 0.44 7.02 3.03
C SER A 41 1.25 8.24 2.60
N ASP A 42 2.02 8.75 3.53
CA ASP A 42 2.86 9.92 3.27
C ASP A 42 3.73 9.64 2.06
N THR A 43 4.26 8.42 2.01
CA THR A 43 5.12 8.02 0.91
C THR A 43 4.32 7.93 -0.39
N ILE A 44 3.06 7.56 -0.25
CA ILE A 44 2.19 7.45 -1.41
C ILE A 44 1.94 8.84 -1.99
N ALA A 45 1.42 9.71 -1.14
CA ALA A 45 1.13 11.08 -1.57
C ALA A 45 2.37 11.68 -2.22
N LYS A 46 3.49 11.56 -1.50
CA LYS A 46 4.74 12.10 -1.99
C LYS A 46 5.09 11.44 -3.34
N TYR A 47 4.92 10.12 -3.37
CA TYR A 47 5.20 9.36 -4.57
C TYR A 47 4.30 9.81 -5.73
N ILE A 48 3.02 9.97 -5.41
CA ILE A 48 2.05 10.39 -6.39
C ILE A 48 2.52 11.69 -7.06
N SER A 49 3.07 12.57 -6.23
CA SER A 49 3.56 13.84 -6.73
C SER A 49 4.98 13.67 -7.28
N LYS A 50 5.64 12.62 -6.83
CA LYS A 50 6.99 12.34 -7.28
C LYS A 50 6.97 11.98 -8.76
N GLU A 51 6.31 10.87 -9.06
CA GLU A 51 6.21 10.41 -10.44
C GLU A 51 5.23 11.29 -11.22
N GLY A 52 4.11 11.58 -10.58
CA GLY A 52 3.09 12.41 -11.21
C GLY A 52 1.82 11.60 -11.48
N LEU A 53 1.33 10.93 -10.43
CA LEU A 53 0.14 10.12 -10.54
C LEU A 53 -1.09 11.03 -10.53
N LEU A 54 -0.92 12.20 -9.92
CA LEU A 54 -2.00 13.16 -9.83
C LEU A 54 -2.72 13.25 -11.17
N ASP A 55 -3.89 13.86 -11.14
CA ASP A 55 -4.69 14.01 -12.34
C ASP A 55 -4.77 15.49 -12.70
N PRO A 56 -4.67 15.77 -14.04
CA PRO A 56 -4.72 17.13 -14.53
C PRO A 56 -6.16 17.66 -14.51
N SER A 57 -7.10 16.73 -14.45
CA SER A 57 -8.51 17.09 -14.42
C SER A 57 -8.91 17.47 -13.00
N ASN A 58 -8.23 16.87 -12.04
CA ASN A 58 -8.52 17.12 -10.63
C ASN A 58 -7.39 16.54 -9.77
N LYS A 59 -6.49 17.42 -9.37
CA LYS A 59 -5.36 17.01 -8.55
C LYS A 59 -5.88 16.24 -7.34
N LYS A 60 -7.04 16.67 -6.85
CA LYS A 60 -7.65 16.04 -5.69
C LYS A 60 -7.70 14.52 -5.92
N LYS A 61 -7.69 14.15 -7.19
CA LYS A 61 -7.73 12.74 -7.55
C LYS A 61 -6.31 12.25 -7.85
N VAL A 62 -6.20 10.95 -8.07
CA VAL A 62 -4.91 10.35 -8.38
C VAL A 62 -5.09 9.30 -9.48
N VAL A 63 -4.11 9.28 -10.38
CA VAL A 63 -4.14 8.34 -11.49
C VAL A 63 -3.05 7.29 -11.30
N CYS A 64 -3.49 6.06 -11.07
CA CYS A 64 -2.56 4.95 -10.87
C CYS A 64 -1.51 5.00 -11.98
N ASP A 65 -0.47 4.20 -11.81
CA ASP A 65 0.60 4.14 -12.78
C ASP A 65 0.86 2.68 -13.16
N LYS A 66 1.28 1.91 -12.17
CA LYS A 66 1.56 0.50 -12.39
C LYS A 66 1.70 -0.20 -11.03
N ARG A 67 2.40 0.47 -10.12
CA ARG A 67 2.61 -0.08 -8.79
C ARG A 67 1.32 0.03 -7.96
N LEU A 68 0.78 1.24 -7.92
CA LEU A 68 -0.43 1.48 -7.17
C LEU A 68 -1.46 0.40 -7.50
N VAL A 69 -1.60 0.14 -8.80
CA VAL A 69 -2.55 -0.87 -9.26
C VAL A 69 -2.20 -2.21 -8.61
N LEU A 70 -0.96 -2.62 -8.78
CA LEU A 70 -0.49 -3.87 -8.21
C LEU A 70 -0.76 -3.88 -6.70
N LEU A 71 -0.92 -2.68 -6.16
CA LEU A 71 -1.18 -2.53 -4.74
C LEU A 71 -2.68 -2.61 -4.48
N PHE A 72 -3.38 -1.56 -4.89
CA PHE A 72 -4.82 -1.50 -4.71
C PHE A 72 -5.55 -2.26 -5.83
N GLY A 73 -5.21 -1.89 -7.06
CA GLY A 73 -5.81 -2.53 -8.22
C GLY A 73 -6.83 -1.60 -8.87
N THR A 74 -6.83 -0.36 -8.42
CA THR A 74 -7.75 0.64 -8.95
C THR A 74 -7.02 1.59 -9.90
N ARG A 75 -7.75 2.04 -10.91
CA ARG A 75 -7.18 2.95 -11.90
C ARG A 75 -6.98 4.34 -11.28
N THR A 76 -8.06 4.86 -10.72
CA THR A 76 -8.02 6.18 -10.09
C THR A 76 -8.44 6.08 -8.62
N ILE A 77 -7.80 6.90 -7.81
CA ILE A 77 -8.10 6.92 -6.38
C ILE A 77 -7.94 8.35 -5.85
N PHE A 78 -8.28 8.51 -4.59
CA PHE A 78 -8.18 9.82 -3.95
C PHE A 78 -6.98 9.88 -3.00
N ARG A 79 -6.08 10.81 -3.31
CA ARG A 79 -4.89 10.98 -2.50
C ARG A 79 -5.21 10.80 -1.02
N MET A 80 -6.45 11.15 -0.67
CA MET A 80 -6.89 11.03 0.70
C MET A 80 -7.29 9.59 1.03
N LYS A 81 -8.11 9.02 0.15
CA LYS A 81 -8.57 7.66 0.32
C LYS A 81 -7.37 6.74 0.55
N VAL A 82 -6.22 7.21 0.10
CA VAL A 82 -4.99 6.44 0.25
C VAL A 82 -4.98 5.77 1.63
N TYR A 83 -5.12 6.59 2.65
CA TYR A 83 -5.13 6.10 4.02
C TYR A 83 -6.10 4.92 4.16
N ASP A 84 -7.34 5.17 3.78
CA ASP A 84 -8.37 4.15 3.87
C ASP A 84 -7.95 2.93 3.04
N LEU A 85 -7.56 3.21 1.80
CA LEU A 85 -7.14 2.16 0.89
C LEU A 85 -6.29 1.15 1.66
N LEU A 86 -5.38 1.67 2.48
CA LEU A 86 -4.50 0.83 3.27
C LEU A 86 -5.33 0.09 4.32
N GLU A 87 -4.77 0.01 5.52
CA GLU A 87 -5.44 -0.66 6.61
C GLU A 87 -5.56 -2.16 6.32
N LYS A 88 -6.37 -2.47 5.32
CA LYS A 88 -6.59 -3.85 4.93
C LYS A 88 -5.27 -4.43 4.39
N HIS A 89 -4.33 -3.54 4.14
CA HIS A 89 -3.03 -3.94 3.62
C HIS A 89 -2.06 -4.16 4.79
N TYR A 90 -2.57 -4.78 5.84
CA TYR A 90 -1.77 -5.04 7.02
C TYR A 90 -2.24 -6.32 7.73
N LYS A 91 -1.49 -6.68 8.77
CA LYS A 91 -1.83 -7.87 9.54
C LYS A 91 -1.30 -7.71 10.97
N GLU A 92 -2.22 -7.83 11.91
CA GLU A 92 -1.85 -7.70 13.32
C GLU A 92 -2.74 -8.61 14.18
N ASN A 93 -2.31 -8.79 15.43
CA ASN A 93 -3.06 -9.62 16.35
C ASN A 93 -4.55 -9.38 16.17
N GLN A 94 -5.23 -10.41 15.66
CA GLN A 94 -6.65 -10.33 15.42
C GLN A 94 -7.42 -10.64 16.71
N ASP A 95 -7.85 -9.57 17.38
CA ASP A 95 -8.59 -9.71 18.61
C ASP A 95 -9.91 -8.95 18.51
N SER A 96 -11.00 -9.69 18.68
CA SER A 96 -12.32 -9.10 18.60
C SER A 96 -12.81 -8.72 20.00
N GLY A 97 -13.58 -7.64 20.05
CA GLY A 97 -14.12 -7.16 21.31
C GLY A 97 -15.00 -8.22 21.98
N PRO A 98 -16.20 -8.42 21.37
CA PRO A 98 -16.57 -7.67 20.19
C PRO A 98 -16.96 -6.23 20.56
N SER A 99 -17.27 -5.44 19.53
CA SER A 99 -17.65 -4.06 19.74
C SER A 99 -16.71 -3.40 20.75
N SER A 100 -15.59 -2.91 20.24
CA SER A 100 -14.61 -2.25 21.10
C SER A 100 -13.70 -1.36 20.25
N GLY A 101 -13.58 -0.12 20.70
CA GLY A 101 -12.74 0.84 19.98
C GLY A 101 -13.13 2.28 20.36
N GLY A 1 26.44 -9.56 -10.72
CA GLY A 1 26.14 -9.56 -9.31
C GLY A 1 24.63 -9.59 -9.05
N SER A 2 24.07 -8.42 -8.87
CA SER A 2 22.64 -8.29 -8.61
C SER A 2 22.27 -9.04 -7.33
N SER A 3 21.09 -8.73 -6.82
CA SER A 3 20.60 -9.36 -5.61
C SER A 3 19.08 -9.49 -5.65
N GLY A 4 18.62 -10.59 -6.24
CA GLY A 4 17.20 -10.84 -6.35
C GLY A 4 16.51 -10.67 -5.00
N SER A 5 15.19 -10.47 -5.07
CA SER A 5 14.40 -10.30 -3.86
C SER A 5 13.10 -11.10 -3.96
N SER A 6 13.03 -12.14 -3.14
CA SER A 6 11.85 -12.99 -3.13
C SER A 6 11.75 -13.73 -1.79
N GLY A 7 10.80 -13.29 -0.99
CA GLY A 7 10.58 -13.90 0.32
C GLY A 7 9.39 -14.86 0.29
N LYS A 8 8.22 -14.29 0.47
CA LYS A 8 7.00 -15.08 0.48
C LYS A 8 7.13 -16.22 1.49
N ARG A 9 6.65 -15.95 2.69
CA ARG A 9 6.71 -16.94 3.76
C ARG A 9 5.64 -16.64 4.82
N PHE A 10 4.79 -17.65 5.05
CA PHE A 10 3.72 -17.50 6.02
C PHE A 10 2.76 -16.39 5.62
N GLU A 11 1.60 -16.39 6.28
CA GLU A 11 0.59 -15.38 6.01
C GLU A 11 1.24 -14.01 5.84
N PHE A 12 0.77 -13.28 4.85
CA PHE A 12 1.29 -11.95 4.57
C PHE A 12 2.81 -11.98 4.40
N VAL A 13 3.34 -10.89 3.89
CA VAL A 13 4.78 -10.77 3.67
C VAL A 13 5.38 -9.86 4.74
N GLY A 14 5.55 -10.43 5.92
CA GLY A 14 6.12 -9.69 7.03
C GLY A 14 5.02 -9.19 7.97
N TRP A 15 4.57 -7.97 7.72
CA TRP A 15 3.53 -7.36 8.54
C TRP A 15 2.38 -6.97 7.61
N GLY A 16 2.75 -6.33 6.51
CA GLY A 16 1.76 -5.90 5.54
C GLY A 16 1.62 -6.90 4.40
N SER A 17 0.50 -6.81 3.71
CA SER A 17 0.23 -7.71 2.60
C SER A 17 1.29 -7.54 1.51
N ARG A 18 1.47 -8.59 0.73
CA ARG A 18 2.46 -8.57 -0.34
C ARG A 18 2.28 -7.33 -1.20
N GLN A 19 1.03 -7.05 -1.54
CA GLN A 19 0.71 -5.90 -2.36
C GLN A 19 1.45 -4.66 -1.85
N LEU A 20 1.09 -4.24 -0.64
CA LEU A 20 1.71 -3.09 -0.03
C LEU A 20 3.22 -3.28 0.01
N ILE A 21 3.63 -4.40 0.60
CA ILE A 21 5.04 -4.72 0.70
C ILE A 21 5.72 -4.45 -0.64
N GLU A 22 5.14 -5.03 -1.68
CA GLU A 22 5.69 -4.87 -3.02
C GLU A 22 5.87 -3.38 -3.34
N PHE A 23 4.78 -2.64 -3.22
CA PHE A 23 4.82 -1.22 -3.49
C PHE A 23 5.95 -0.54 -2.72
N LEU A 24 6.07 -0.91 -1.46
CA LEU A 24 7.10 -0.34 -0.61
C LEU A 24 8.48 -0.86 -1.07
N HIS A 25 8.50 -2.14 -1.40
CA HIS A 25 9.74 -2.77 -1.85
C HIS A 25 10.32 -1.98 -3.03
N SER A 26 9.53 -1.91 -4.10
CA SER A 26 9.94 -1.19 -5.29
C SER A 26 10.50 0.18 -4.90
N LEU A 27 9.63 0.99 -4.30
CA LEU A 27 10.01 2.32 -3.87
C LEU A 27 11.40 2.26 -3.21
N GLY A 28 11.69 1.11 -2.63
CA GLY A 28 12.96 0.91 -1.97
C GLY A 28 12.84 1.16 -0.46
N LYS A 29 11.61 1.01 0.03
CA LYS A 29 11.34 1.21 1.45
C LYS A 29 12.08 0.15 2.26
N ASP A 30 12.50 0.55 3.45
CA ASP A 30 13.23 -0.35 4.33
C ASP A 30 12.34 -1.53 4.69
N THR A 31 11.05 -1.24 4.85
CA THR A 31 10.09 -2.27 5.20
C THR A 31 10.67 -3.21 6.25
N SER A 32 11.49 -2.65 7.12
CA SER A 32 12.11 -3.42 8.18
C SER A 32 11.09 -3.71 9.28
N GLU A 33 10.77 -2.67 10.04
CA GLU A 33 9.81 -2.81 11.12
C GLU A 33 8.43 -2.30 10.68
N MET A 34 7.41 -2.91 11.25
CA MET A 34 6.04 -2.53 10.93
C MET A 34 5.90 -1.01 10.87
N ILE A 35 5.55 -0.53 9.67
CA ILE A 35 5.38 0.90 9.47
C ILE A 35 3.91 1.27 9.74
N SER A 36 3.71 2.54 10.05
CA SER A 36 2.37 3.03 10.32
C SER A 36 1.69 3.44 9.02
N ARG A 37 0.36 3.37 9.03
CA ARG A 37 -0.42 3.71 7.87
C ARG A 37 -0.02 5.09 7.34
N TYR A 38 0.07 6.04 8.27
CA TYR A 38 0.45 7.40 7.92
C TYR A 38 1.72 7.41 7.05
N ASP A 39 2.71 6.66 7.52
CA ASP A 39 3.97 6.57 6.81
C ASP A 39 3.71 6.19 5.35
N VAL A 40 3.29 4.96 5.17
CA VAL A 40 2.99 4.46 3.83
C VAL A 40 2.27 5.54 3.04
N SER A 41 1.14 5.97 3.57
CA SER A 41 0.33 7.01 2.92
C SER A 41 1.23 8.18 2.53
N ASP A 42 1.81 8.81 3.54
CA ASP A 42 2.69 9.94 3.31
C ASP A 42 3.60 9.65 2.12
N THR A 43 4.20 8.47 2.15
CA THR A 43 5.09 8.06 1.09
C THR A 43 4.36 8.04 -0.25
N ILE A 44 3.14 7.51 -0.21
CA ILE A 44 2.32 7.41 -1.41
C ILE A 44 2.07 8.82 -1.95
N ALA A 45 1.57 9.68 -1.07
CA ALA A 45 1.27 11.05 -1.46
C ALA A 45 2.51 11.67 -2.12
N LYS A 46 3.65 11.45 -1.48
CA LYS A 46 4.90 11.98 -2.00
C LYS A 46 5.20 11.33 -3.35
N TYR A 47 5.19 10.01 -3.35
CA TYR A 47 5.46 9.26 -4.57
C TYR A 47 4.57 9.74 -5.72
N ILE A 48 3.29 9.89 -5.40
CA ILE A 48 2.34 10.35 -6.40
C ILE A 48 2.89 11.57 -7.13
N SER A 49 3.27 12.57 -6.34
CA SER A 49 3.82 13.80 -6.90
C SER A 49 5.20 13.51 -7.52
N LYS A 50 5.93 12.63 -6.86
CA LYS A 50 7.26 12.27 -7.33
C LYS A 50 7.19 11.90 -8.82
N GLU A 51 6.40 10.87 -9.10
CA GLU A 51 6.25 10.43 -10.47
C GLU A 51 5.26 11.33 -11.21
N GLY A 52 4.11 11.55 -10.60
CA GLY A 52 3.09 12.39 -11.19
C GLY A 52 1.83 11.59 -11.49
N LEU A 53 1.31 10.94 -10.46
CA LEU A 53 0.11 10.14 -10.60
C LEU A 53 -1.12 11.05 -10.54
N LEU A 54 -0.93 12.20 -9.92
CA LEU A 54 -2.01 13.16 -9.79
C LEU A 54 -2.79 13.23 -11.10
N ASP A 55 -4.02 13.72 -11.00
CA ASP A 55 -4.88 13.84 -12.17
C ASP A 55 -5.07 15.32 -12.51
N PRO A 56 -5.00 15.61 -13.83
CA PRO A 56 -5.16 16.97 -14.31
C PRO A 56 -6.63 17.40 -14.26
N SER A 57 -7.50 16.41 -14.15
CA SER A 57 -8.93 16.67 -14.08
C SER A 57 -9.35 16.87 -12.62
N ASN A 58 -8.47 16.49 -11.72
CA ASN A 58 -8.73 16.62 -10.30
C ASN A 58 -7.56 16.06 -9.50
N LYS A 59 -6.73 16.98 -9.01
CA LYS A 59 -5.57 16.59 -8.24
C LYS A 59 -6.01 15.76 -7.03
N LYS A 60 -7.19 16.10 -6.51
CA LYS A 60 -7.74 15.40 -5.36
C LYS A 60 -7.68 13.89 -5.62
N LYS A 61 -7.65 13.54 -6.90
CA LYS A 61 -7.59 12.15 -7.29
C LYS A 61 -6.14 11.77 -7.61
N VAL A 62 -5.93 10.47 -7.79
CA VAL A 62 -4.60 9.97 -8.10
C VAL A 62 -4.72 8.77 -9.03
N VAL A 63 -4.23 8.94 -10.25
CA VAL A 63 -4.28 7.88 -11.24
C VAL A 63 -3.17 6.87 -10.95
N CYS A 64 -3.57 5.60 -10.92
CA CYS A 64 -2.62 4.53 -10.65
C CYS A 64 -1.75 4.34 -11.89
N ASP A 65 -0.48 4.06 -11.65
CA ASP A 65 0.47 3.86 -12.73
C ASP A 65 0.70 2.36 -12.91
N LYS A 66 1.30 1.76 -11.89
CA LYS A 66 1.60 0.33 -11.93
C LYS A 66 1.66 -0.21 -10.49
N ARG A 67 2.51 0.42 -9.70
CA ARG A 67 2.68 0.01 -8.31
C ARG A 67 1.35 0.12 -7.57
N LEU A 68 0.68 1.24 -7.80
CA LEU A 68 -0.61 1.48 -7.16
C LEU A 68 -1.61 0.43 -7.62
N VAL A 69 -1.56 0.12 -8.90
CA VAL A 69 -2.46 -0.86 -9.47
C VAL A 69 -2.22 -2.22 -8.81
N LEU A 70 -0.97 -2.67 -8.88
CA LEU A 70 -0.58 -3.94 -8.29
C LEU A 70 -0.88 -3.90 -6.79
N LEU A 71 -1.04 -2.68 -6.28
CA LEU A 71 -1.32 -2.50 -4.86
C LEU A 71 -2.82 -2.62 -4.62
N PHE A 72 -3.55 -1.66 -5.16
CA PHE A 72 -5.00 -1.65 -5.01
C PHE A 72 -5.67 -2.42 -6.14
N GLY A 73 -5.34 -2.04 -7.37
CA GLY A 73 -5.90 -2.69 -8.53
C GLY A 73 -6.86 -1.75 -9.28
N THR A 74 -6.79 -0.48 -8.91
CA THR A 74 -7.63 0.52 -9.54
C THR A 74 -6.80 1.44 -10.44
N ARG A 75 -7.50 2.14 -11.32
CA ARG A 75 -6.84 3.05 -12.24
C ARG A 75 -6.78 4.46 -11.64
N THR A 76 -7.80 4.79 -10.86
CA THR A 76 -7.89 6.08 -10.22
C THR A 76 -8.27 5.94 -8.76
N ILE A 77 -7.81 6.88 -7.96
CA ILE A 77 -8.10 6.86 -6.53
C ILE A 77 -8.04 8.30 -5.98
N PHE A 78 -8.00 8.39 -4.66
CA PHE A 78 -7.93 9.69 -4.01
C PHE A 78 -6.73 9.77 -3.07
N ARG A 79 -5.87 10.75 -3.35
CA ARG A 79 -4.69 10.94 -2.53
C ARG A 79 -5.00 10.71 -1.06
N MET A 80 -6.25 10.99 -0.70
CA MET A 80 -6.68 10.81 0.68
C MET A 80 -7.07 9.36 0.95
N LYS A 81 -8.00 8.86 0.14
CA LYS A 81 -8.45 7.49 0.29
C LYS A 81 -7.25 6.58 0.53
N VAL A 82 -6.11 7.01 0.01
CA VAL A 82 -4.88 6.24 0.16
C VAL A 82 -4.84 5.65 1.57
N TYR A 83 -4.72 6.53 2.54
CA TYR A 83 -4.66 6.11 3.94
C TYR A 83 -5.66 4.98 4.22
N ASP A 84 -6.93 5.31 4.03
CA ASP A 84 -7.99 4.33 4.25
C ASP A 84 -7.69 3.07 3.44
N LEU A 85 -7.58 3.26 2.14
CA LEU A 85 -7.30 2.14 1.25
C LEU A 85 -6.30 1.20 1.91
N LEU A 86 -5.38 1.80 2.67
CA LEU A 86 -4.36 1.03 3.36
C LEU A 86 -4.95 0.45 4.65
N GLU A 87 -5.41 -0.79 4.55
CA GLU A 87 -5.99 -1.46 5.70
C GLU A 87 -5.82 -2.98 5.57
N LYS A 88 -6.27 -3.49 4.43
CA LYS A 88 -6.19 -4.92 4.18
C LYS A 88 -4.72 -5.31 4.03
N HIS A 89 -3.87 -4.29 3.91
CA HIS A 89 -2.44 -4.52 3.77
C HIS A 89 -1.76 -4.36 5.12
N TYR A 90 -2.37 -4.97 6.13
CA TYR A 90 -1.83 -4.91 7.48
C TYR A 90 -2.41 -6.02 8.35
N LYS A 91 -1.53 -6.65 9.11
CA LYS A 91 -1.94 -7.73 9.99
C LYS A 91 -2.53 -7.15 11.28
N GLU A 92 -2.59 -5.82 11.31
CA GLU A 92 -3.13 -5.13 12.46
C GLU A 92 -4.60 -4.75 12.22
N ASN A 93 -5.05 -3.73 12.94
CA ASN A 93 -6.42 -3.27 12.82
C ASN A 93 -6.75 -3.08 11.34
N GLN A 94 -7.85 -3.69 10.93
CA GLN A 94 -8.30 -3.60 9.55
C GLN A 94 -9.81 -3.83 9.46
N ASP A 95 -10.32 -3.76 8.24
CA ASP A 95 -11.73 -3.95 8.00
C ASP A 95 -11.99 -4.03 6.49
N SER A 96 -12.54 -5.15 6.08
CA SER A 96 -12.85 -5.36 4.67
C SER A 96 -14.21 -4.75 4.33
N GLY A 97 -14.17 -3.75 3.46
CA GLY A 97 -15.39 -3.08 3.04
C GLY A 97 -15.53 -1.72 3.74
N PRO A 98 -16.61 -0.98 3.35
CA PRO A 98 -17.54 -1.49 2.35
C PRO A 98 -16.93 -1.40 0.95
N SER A 99 -16.39 -0.24 0.65
CA SER A 99 -15.78 -0.02 -0.66
C SER A 99 -16.78 -0.32 -1.77
N SER A 100 -17.31 0.74 -2.35
CA SER A 100 -18.28 0.60 -3.43
C SER A 100 -17.77 -0.39 -4.47
N GLY A 101 -18.70 -0.93 -5.25
CA GLY A 101 -18.36 -1.88 -6.29
C GLY A 101 -18.00 -1.17 -7.59
N GLY A 1 31.14 -7.96 7.10
CA GLY A 1 30.59 -9.24 7.52
C GLY A 1 29.27 -9.53 6.80
N SER A 2 28.68 -10.66 7.16
CA SER A 2 27.42 -11.07 6.56
C SER A 2 26.65 -11.97 7.51
N SER A 3 25.41 -12.25 7.15
CA SER A 3 24.56 -13.11 7.97
C SER A 3 23.20 -13.27 7.30
N GLY A 4 22.52 -14.35 7.67
CA GLY A 4 21.21 -14.64 7.11
C GLY A 4 20.87 -16.13 7.27
N SER A 5 19.71 -16.37 7.86
CA SER A 5 19.26 -17.74 8.07
C SER A 5 17.73 -17.76 8.21
N SER A 6 17.18 -18.97 8.16
CA SER A 6 15.75 -19.15 8.29
C SER A 6 15.05 -18.56 7.06
N GLY A 7 13.96 -19.21 6.67
CA GLY A 7 13.19 -18.77 5.52
C GLY A 7 11.93 -19.60 5.34
N LYS A 8 10.80 -19.00 5.68
CA LYS A 8 9.52 -19.67 5.57
C LYS A 8 8.44 -18.65 5.25
N ARG A 9 7.39 -19.13 4.59
CA ARG A 9 6.28 -18.27 4.21
C ARG A 9 5.11 -18.46 5.19
N PHE A 10 4.55 -17.34 5.63
CA PHE A 10 3.44 -17.36 6.55
C PHE A 10 2.44 -16.24 6.24
N GLU A 11 1.32 -16.28 6.95
CA GLU A 11 0.29 -15.27 6.76
C GLU A 11 0.92 -13.88 6.59
N PHE A 12 0.55 -13.24 5.49
CA PHE A 12 1.07 -11.91 5.20
C PHE A 12 2.60 -11.93 5.11
N VAL A 13 3.13 -10.98 4.36
CA VAL A 13 4.56 -10.87 4.18
C VAL A 13 5.14 -10.00 5.30
N GLY A 14 5.38 -10.63 6.44
CA GLY A 14 5.93 -9.92 7.58
C GLY A 14 4.82 -9.29 8.43
N TRP A 15 4.46 -8.07 8.05
CA TRP A 15 3.41 -7.34 8.76
C TRP A 15 2.33 -6.97 7.74
N GLY A 16 2.78 -6.44 6.61
CA GLY A 16 1.86 -6.05 5.56
C GLY A 16 1.82 -7.08 4.44
N SER A 17 0.78 -6.99 3.63
CA SER A 17 0.61 -7.91 2.52
C SER A 17 1.65 -7.62 1.44
N ARG A 18 1.98 -8.66 0.68
CA ARG A 18 2.95 -8.53 -0.39
C ARG A 18 2.63 -7.31 -1.25
N GLN A 19 1.36 -7.19 -1.60
CA GLN A 19 0.91 -6.08 -2.42
C GLN A 19 1.58 -4.78 -1.97
N LEU A 20 1.21 -4.35 -0.77
CA LEU A 20 1.76 -3.12 -0.21
C LEU A 20 3.28 -3.26 -0.10
N ILE A 21 3.70 -4.31 0.58
CA ILE A 21 5.12 -4.57 0.77
C ILE A 21 5.86 -4.26 -0.54
N GLU A 22 5.54 -5.03 -1.57
CA GLU A 22 6.15 -4.86 -2.86
C GLU A 22 6.24 -3.37 -3.21
N PHE A 23 5.07 -2.75 -3.32
CA PHE A 23 5.00 -1.34 -3.66
C PHE A 23 5.99 -0.53 -2.81
N LEU A 24 6.13 -0.94 -1.56
CA LEU A 24 7.03 -0.27 -0.64
C LEU A 24 8.47 -0.70 -0.95
N HIS A 25 8.60 -1.94 -1.37
CA HIS A 25 9.91 -2.49 -1.69
C HIS A 25 10.56 -1.64 -2.80
N SER A 26 9.94 -1.67 -3.96
CA SER A 26 10.44 -0.92 -5.10
C SER A 26 10.88 0.48 -4.64
N LEU A 27 9.91 1.25 -4.19
CA LEU A 27 10.19 2.59 -3.72
C LEU A 27 11.48 2.60 -2.90
N GLY A 28 11.70 1.48 -2.22
CA GLY A 28 12.90 1.34 -1.40
C GLY A 28 12.56 1.52 0.09
N LYS A 29 11.28 1.39 0.40
CA LYS A 29 10.82 1.55 1.76
C LYS A 29 11.24 0.32 2.58
N ASP A 30 12.41 0.42 3.18
CA ASP A 30 12.94 -0.66 4.00
C ASP A 30 11.81 -1.23 4.87
N THR A 31 11.24 -2.32 4.40
CA THR A 31 10.16 -2.96 5.13
C THR A 31 10.72 -3.91 6.19
N SER A 32 11.60 -3.36 7.02
CA SER A 32 12.21 -4.14 8.08
C SER A 32 11.29 -4.19 9.30
N GLU A 33 10.96 -3.00 9.79
CA GLU A 33 10.09 -2.89 10.94
C GLU A 33 8.70 -2.41 10.52
N MET A 34 7.70 -3.15 10.96
CA MET A 34 6.32 -2.81 10.64
C MET A 34 6.11 -1.29 10.67
N ILE A 35 5.95 -0.72 9.48
CA ILE A 35 5.74 0.71 9.36
C ILE A 35 4.28 1.04 9.71
N SER A 36 4.06 2.31 10.01
CA SER A 36 2.73 2.76 10.36
C SER A 36 1.98 3.20 9.11
N ARG A 37 0.72 2.79 9.04
CA ARG A 37 -0.11 3.14 7.90
C ARG A 37 0.11 4.60 7.49
N TYR A 38 0.24 5.44 8.50
CA TYR A 38 0.47 6.85 8.26
C TYR A 38 1.69 7.08 7.38
N ASP A 39 2.77 6.38 7.72
CA ASP A 39 4.01 6.49 6.97
C ASP A 39 3.74 6.13 5.51
N VAL A 40 3.36 4.89 5.30
CA VAL A 40 3.08 4.41 3.96
C VAL A 40 2.31 5.49 3.18
N SER A 41 1.15 5.84 3.71
CA SER A 41 0.32 6.85 3.08
C SER A 41 1.19 8.03 2.63
N ASP A 42 1.78 8.69 3.62
CA ASP A 42 2.63 9.83 3.34
C ASP A 42 3.54 9.52 2.14
N THR A 43 4.19 8.37 2.23
CA THR A 43 5.08 7.94 1.16
C THR A 43 4.33 7.86 -0.17
N ILE A 44 3.10 7.37 -0.09
CA ILE A 44 2.27 7.23 -1.27
C ILE A 44 1.98 8.63 -1.84
N ALA A 45 1.59 9.53 -0.94
CA ALA A 45 1.28 10.89 -1.34
C ALA A 45 2.51 11.52 -2.00
N LYS A 46 3.67 11.21 -1.44
CA LYS A 46 4.91 11.75 -1.96
C LYS A 46 5.19 11.12 -3.34
N TYR A 47 5.14 9.80 -3.36
CA TYR A 47 5.38 9.07 -4.60
C TYR A 47 4.49 9.59 -5.72
N ILE A 48 3.21 9.77 -5.39
CA ILE A 48 2.25 10.26 -6.36
C ILE A 48 2.82 11.49 -7.08
N SER A 49 3.20 12.46 -6.28
CA SER A 49 3.76 13.69 -6.82
C SER A 49 5.10 13.40 -7.50
N LYS A 50 5.82 12.44 -6.93
CA LYS A 50 7.12 12.05 -7.46
C LYS A 50 6.98 11.76 -8.96
N GLU A 51 6.27 10.68 -9.25
CA GLU A 51 6.05 10.29 -10.63
C GLU A 51 5.07 11.24 -11.32
N GLY A 52 3.91 11.40 -10.69
CA GLY A 52 2.89 12.28 -11.23
C GLY A 52 1.59 11.51 -11.46
N LEU A 53 1.14 10.83 -10.43
CA LEU A 53 -0.09 10.05 -10.51
C LEU A 53 -1.29 11.01 -10.51
N LEU A 54 -1.06 12.19 -9.95
CA LEU A 54 -2.11 13.19 -9.89
C LEU A 54 -2.86 13.23 -11.22
N ASP A 55 -4.04 13.82 -11.17
CA ASP A 55 -4.87 13.93 -12.36
C ASP A 55 -5.02 15.39 -12.75
N PRO A 56 -4.97 15.65 -14.09
CA PRO A 56 -5.09 17.01 -14.59
C PRO A 56 -6.54 17.48 -14.54
N SER A 57 -7.45 16.51 -14.42
CA SER A 57 -8.87 16.82 -14.37
C SER A 57 -9.28 17.06 -12.91
N ASN A 58 -8.39 16.69 -12.00
CA ASN A 58 -8.65 16.87 -10.58
C ASN A 58 -7.45 16.35 -9.78
N LYS A 59 -6.70 17.29 -9.24
CA LYS A 59 -5.52 16.95 -8.45
C LYS A 59 -5.96 16.15 -7.22
N LYS A 60 -7.21 16.35 -6.84
CA LYS A 60 -7.77 15.67 -5.68
C LYS A 60 -7.71 14.16 -5.92
N LYS A 61 -7.69 13.79 -7.20
CA LYS A 61 -7.64 12.38 -7.56
C LYS A 61 -6.18 11.99 -7.84
N VAL A 62 -5.98 10.69 -8.00
CA VAL A 62 -4.65 10.17 -8.27
C VAL A 62 -4.76 8.97 -9.21
N VAL A 63 -4.25 9.16 -10.41
CA VAL A 63 -4.29 8.10 -11.42
C VAL A 63 -3.16 7.10 -11.14
N CYS A 64 -3.53 5.83 -11.15
CA CYS A 64 -2.56 4.77 -10.91
C CYS A 64 -1.43 4.90 -11.94
N ASP A 65 -0.33 4.22 -11.65
CA ASP A 65 0.82 4.26 -12.53
C ASP A 65 1.16 2.83 -12.96
N LYS A 66 1.17 1.93 -11.98
CA LYS A 66 1.48 0.54 -12.25
C LYS A 66 1.52 -0.23 -10.91
N ARG A 67 2.24 0.35 -9.96
CA ARG A 67 2.37 -0.26 -8.65
C ARG A 67 1.06 -0.13 -7.88
N LEU A 68 0.57 1.09 -7.81
CA LEU A 68 -0.67 1.36 -7.10
C LEU A 68 -1.72 0.31 -7.49
N VAL A 69 -1.74 0.00 -8.77
CA VAL A 69 -2.69 -0.98 -9.30
C VAL A 69 -2.44 -2.33 -8.59
N LEU A 70 -1.21 -2.79 -8.68
CA LEU A 70 -0.84 -4.06 -8.07
C LEU A 70 -1.23 -4.02 -6.59
N LEU A 71 -1.39 -2.82 -6.07
CA LEU A 71 -1.75 -2.64 -4.67
C LEU A 71 -3.28 -2.68 -4.54
N PHE A 72 -3.92 -1.62 -5.01
CA PHE A 72 -5.37 -1.53 -4.96
C PHE A 72 -6.01 -2.30 -6.11
N GLY A 73 -5.57 -1.97 -7.32
CA GLY A 73 -6.10 -2.62 -8.51
C GLY A 73 -6.99 -1.66 -9.31
N THR A 74 -7.15 -0.46 -8.76
CA THR A 74 -7.96 0.55 -9.42
C THR A 74 -7.10 1.43 -10.32
N ARG A 75 -7.77 2.13 -11.23
CA ARG A 75 -7.07 3.00 -12.16
C ARG A 75 -6.92 4.39 -11.55
N THR A 76 -8.02 4.92 -11.04
CA THR A 76 -8.01 6.23 -10.42
C THR A 76 -8.43 6.15 -8.95
N ILE A 77 -7.83 6.99 -8.14
CA ILE A 77 -8.15 7.01 -6.72
C ILE A 77 -8.09 8.46 -6.22
N PHE A 78 -8.24 8.60 -4.91
CA PHE A 78 -8.20 9.92 -4.29
C PHE A 78 -7.02 10.03 -3.31
N ARG A 79 -6.29 11.12 -3.47
CA ARG A 79 -5.13 11.36 -2.61
C ARG A 79 -5.57 11.40 -1.14
N MET A 80 -6.86 11.57 -0.94
CA MET A 80 -7.41 11.63 0.41
C MET A 80 -8.09 10.30 0.77
N LYS A 81 -7.86 9.30 -0.07
CA LYS A 81 -8.44 7.99 0.16
C LYS A 81 -7.32 6.95 0.21
N VAL A 82 -6.10 7.44 0.16
CA VAL A 82 -4.93 6.57 0.20
C VAL A 82 -4.87 5.88 1.57
N TYR A 83 -4.61 6.68 2.59
CA TYR A 83 -4.52 6.17 3.94
C TYR A 83 -5.61 5.14 4.21
N ASP A 84 -6.86 5.56 4.00
CA ASP A 84 -7.99 4.68 4.22
C ASP A 84 -7.83 3.43 3.34
N LEU A 85 -7.62 3.67 2.06
CA LEU A 85 -7.45 2.57 1.11
C LEU A 85 -6.57 1.49 1.75
N LEU A 86 -5.67 1.94 2.62
CA LEU A 86 -4.77 1.02 3.29
C LEU A 86 -5.49 0.40 4.50
N GLU A 87 -5.72 -0.90 4.40
CA GLU A 87 -6.39 -1.62 5.46
C GLU A 87 -6.16 -3.14 5.31
N LYS A 88 -6.34 -3.61 4.09
CA LYS A 88 -6.15 -5.02 3.79
C LYS A 88 -4.67 -5.30 3.59
N HIS A 89 -3.87 -4.25 3.74
CA HIS A 89 -2.44 -4.37 3.58
C HIS A 89 -1.74 -4.19 4.93
N TYR A 90 -2.43 -4.65 5.98
CA TYR A 90 -1.90 -4.54 7.33
C TYR A 90 -2.57 -5.55 8.26
N LYS A 91 -1.75 -6.18 9.07
CA LYS A 91 -2.24 -7.17 10.02
C LYS A 91 -2.60 -6.49 11.33
N GLU A 92 -2.27 -7.15 12.43
CA GLU A 92 -2.55 -6.61 13.75
C GLU A 92 -3.79 -5.72 13.71
N ASN A 93 -4.90 -6.32 13.29
CA ASN A 93 -6.15 -5.60 13.20
C ASN A 93 -7.16 -6.24 14.16
N GLN A 94 -8.18 -5.45 14.49
CA GLN A 94 -9.22 -5.93 15.39
C GLN A 94 -10.47 -6.30 14.61
N ASP A 95 -10.52 -7.56 14.19
CA ASP A 95 -11.65 -8.05 13.43
C ASP A 95 -11.77 -7.24 12.13
N SER A 96 -12.28 -7.92 11.10
CA SER A 96 -12.47 -7.28 9.81
C SER A 96 -13.10 -8.27 8.83
N GLY A 97 -14.39 -8.07 8.58
CA GLY A 97 -15.11 -8.93 7.66
C GLY A 97 -15.99 -9.93 8.43
N PRO A 98 -16.78 -10.72 7.65
CA PRO A 98 -16.76 -10.59 6.20
C PRO A 98 -17.51 -9.34 5.75
N SER A 99 -17.45 -9.08 4.45
CA SER A 99 -18.11 -7.91 3.88
C SER A 99 -17.65 -6.65 4.60
N SER A 100 -18.16 -5.52 4.13
CA SER A 100 -17.80 -4.23 4.69
C SER A 100 -16.30 -4.19 5.00
N GLY A 101 -15.54 -3.83 3.98
CA GLY A 101 -14.10 -3.74 4.13
C GLY A 101 -13.39 -4.08 2.81
N GLY A 1 18.82 -13.66 -12.15
CA GLY A 1 18.65 -12.60 -11.17
C GLY A 1 17.21 -12.09 -11.15
N SER A 2 16.43 -12.65 -10.24
CA SER A 2 15.04 -12.26 -10.11
C SER A 2 14.61 -12.32 -8.63
N SER A 3 14.55 -11.16 -8.02
CA SER A 3 14.17 -11.07 -6.62
C SER A 3 15.14 -11.87 -5.76
N GLY A 4 15.14 -11.55 -4.47
CA GLY A 4 16.01 -12.22 -3.53
C GLY A 4 15.20 -12.93 -2.44
N SER A 5 15.92 -13.65 -1.59
CA SER A 5 15.28 -14.38 -0.51
C SER A 5 14.32 -15.43 -1.07
N SER A 6 14.45 -16.65 -0.54
CA SER A 6 13.61 -17.74 -0.99
C SER A 6 13.75 -18.92 -0.03
N GLY A 7 12.59 -19.46 0.36
CA GLY A 7 12.58 -20.59 1.27
C GLY A 7 11.24 -20.67 2.03
N LYS A 8 10.32 -21.44 1.46
CA LYS A 8 9.02 -21.60 2.07
C LYS A 8 8.31 -20.25 2.14
N ARG A 9 7.00 -20.30 2.20
CA ARG A 9 6.19 -19.09 2.27
C ARG A 9 5.00 -19.29 3.20
N PHE A 10 4.65 -18.21 3.90
CA PHE A 10 3.53 -18.26 4.83
C PHE A 10 2.60 -17.06 4.63
N GLU A 11 1.47 -17.10 5.31
CA GLU A 11 0.50 -16.02 5.23
C GLU A 11 1.22 -14.67 5.18
N PHE A 12 0.92 -13.91 4.14
CA PHE A 12 1.51 -12.60 3.97
C PHE A 12 3.04 -12.69 3.99
N VAL A 13 3.68 -11.53 3.88
CA VAL A 13 5.13 -11.47 3.88
C VAL A 13 5.59 -10.51 4.97
N GLY A 14 5.53 -10.99 6.20
CA GLY A 14 5.94 -10.18 7.35
C GLY A 14 4.72 -9.68 8.13
N TRP A 15 4.24 -8.51 7.75
CA TRP A 15 3.09 -7.92 8.40
C TRP A 15 2.09 -7.50 7.32
N GLY A 16 2.61 -6.83 6.30
CA GLY A 16 1.77 -6.37 5.20
C GLY A 16 1.77 -7.39 4.06
N SER A 17 0.68 -7.37 3.30
CA SER A 17 0.54 -8.27 2.18
C SER A 17 1.62 -8.00 1.13
N ARG A 18 1.89 -9.01 0.33
CA ARG A 18 2.90 -8.89 -0.71
C ARG A 18 2.65 -7.63 -1.54
N GLN A 19 1.37 -7.35 -1.77
CA GLN A 19 1.00 -6.18 -2.55
C GLN A 19 1.72 -4.94 -2.02
N LEU A 20 1.15 -4.38 -0.95
CA LEU A 20 1.73 -3.19 -0.34
C LEU A 20 3.24 -3.39 -0.18
N ILE A 21 3.60 -4.53 0.38
CA ILE A 21 5.00 -4.85 0.59
C ILE A 21 5.79 -4.53 -0.68
N GLU A 22 5.33 -5.11 -1.78
CA GLU A 22 5.99 -4.90 -3.06
C GLU A 22 6.14 -3.41 -3.34
N PHE A 23 5.02 -2.70 -3.27
CA PHE A 23 5.03 -1.26 -3.50
C PHE A 23 6.07 -0.56 -2.64
N LEU A 24 6.08 -0.92 -1.36
CA LEU A 24 7.03 -0.33 -0.43
C LEU A 24 8.43 -0.81 -0.78
N HIS A 25 8.54 -2.09 -1.07
CA HIS A 25 9.82 -2.68 -1.42
C HIS A 25 10.46 -1.89 -2.56
N SER A 26 9.79 -1.92 -3.71
CA SER A 26 10.27 -1.22 -4.88
C SER A 26 10.77 0.18 -4.48
N LEU A 27 9.83 1.02 -4.06
CA LEU A 27 10.16 2.37 -3.64
C LEU A 27 11.46 2.35 -2.84
N GLY A 28 11.67 1.25 -2.12
CA GLY A 28 12.86 1.10 -1.31
C GLY A 28 12.53 1.23 0.18
N LYS A 29 11.24 1.11 0.49
CA LYS A 29 10.79 1.22 1.86
C LYS A 29 10.90 -0.15 2.53
N ASP A 30 11.90 -0.27 3.39
CA ASP A 30 12.13 -1.51 4.12
C ASP A 30 10.84 -1.91 4.84
N THR A 31 10.36 -3.09 4.52
CA THR A 31 9.15 -3.61 5.14
C THR A 31 9.48 -4.73 6.12
N SER A 32 10.10 -4.34 7.23
CA SER A 32 10.48 -5.31 8.25
C SER A 32 10.07 -4.78 9.63
N GLU A 33 10.49 -3.57 9.92
CA GLU A 33 10.20 -2.94 11.19
C GLU A 33 8.75 -2.43 11.20
N MET A 34 8.06 -2.68 10.10
CA MET A 34 6.67 -2.25 9.97
C MET A 34 6.56 -0.72 10.08
N ILE A 35 6.18 -0.12 8.96
CA ILE A 35 6.04 1.33 8.92
C ILE A 35 4.59 1.70 9.27
N SER A 36 4.47 2.74 10.08
CA SER A 36 3.14 3.20 10.50
C SER A 36 2.31 3.56 9.28
N ARG A 37 1.07 3.09 9.29
CA ARG A 37 0.16 3.36 8.18
C ARG A 37 0.09 4.86 7.90
N TYR A 38 0.50 5.64 8.91
CA TYR A 38 0.49 7.08 8.77
C TYR A 38 1.65 7.57 7.91
N ASP A 39 2.61 6.67 7.71
CA ASP A 39 3.77 6.99 6.90
C ASP A 39 3.56 6.48 5.47
N VAL A 40 3.28 5.20 5.37
CA VAL A 40 3.05 4.58 4.07
C VAL A 40 2.28 5.56 3.17
N SER A 41 1.12 5.97 3.66
CA SER A 41 0.28 6.91 2.92
C SER A 41 1.12 8.10 2.44
N ASP A 42 1.73 8.78 3.40
CA ASP A 42 2.56 9.93 3.09
C ASP A 42 3.48 9.59 1.91
N THR A 43 4.16 8.46 2.05
CA THR A 43 5.07 8.01 1.00
C THR A 43 4.34 7.90 -0.33
N ILE A 44 3.09 7.46 -0.25
CA ILE A 44 2.27 7.30 -1.44
C ILE A 44 1.94 8.68 -2.02
N ALA A 45 1.43 9.54 -1.15
CA ALA A 45 1.06 10.89 -1.56
C ALA A 45 2.28 11.57 -2.20
N LYS A 46 3.44 11.27 -1.64
CA LYS A 46 4.68 11.84 -2.14
C LYS A 46 5.02 11.21 -3.48
N TYR A 47 4.96 9.88 -3.51
CA TYR A 47 5.25 9.15 -4.73
C TYR A 47 4.34 9.58 -5.88
N ILE A 48 3.05 9.70 -5.56
CA ILE A 48 2.07 10.11 -6.56
C ILE A 48 2.59 11.35 -7.29
N SER A 49 3.01 12.33 -6.50
CA SER A 49 3.53 13.56 -7.06
C SER A 49 4.95 13.36 -7.56
N LYS A 50 5.67 12.49 -6.87
CA LYS A 50 7.05 12.20 -7.24
C LYS A 50 7.11 11.88 -8.73
N GLU A 51 6.39 10.83 -9.12
CA GLU A 51 6.35 10.41 -10.50
C GLU A 51 5.42 11.32 -11.31
N GLY A 52 4.19 11.42 -10.83
CA GLY A 52 3.19 12.24 -11.49
C GLY A 52 1.90 11.45 -11.72
N LEU A 53 1.43 10.83 -10.65
CA LEU A 53 0.20 10.05 -10.72
C LEU A 53 -1.00 10.99 -10.69
N LEU A 54 -0.80 12.14 -10.08
CA LEU A 54 -1.85 13.13 -9.97
C LEU A 54 -2.57 13.26 -11.32
N ASP A 55 -3.73 13.89 -11.29
CA ASP A 55 -4.52 14.09 -12.49
C ASP A 55 -4.57 15.58 -12.82
N PRO A 56 -4.54 15.86 -14.15
CA PRO A 56 -4.58 17.24 -14.63
C PRO A 56 -5.99 17.83 -14.48
N SER A 57 -6.97 16.97 -14.72
CA SER A 57 -8.36 17.39 -14.62
C SER A 57 -8.71 17.74 -13.18
N ASN A 58 -8.04 17.05 -12.26
CA ASN A 58 -8.26 17.29 -10.84
C ASN A 58 -7.13 16.65 -10.04
N LYS A 59 -6.26 17.49 -9.51
CA LYS A 59 -5.14 17.03 -8.72
C LYS A 59 -5.65 16.27 -7.49
N LYS A 60 -6.83 16.69 -7.04
CA LYS A 60 -7.44 16.07 -5.87
C LYS A 60 -7.51 14.56 -6.09
N LYS A 61 -7.51 14.16 -7.36
CA LYS A 61 -7.57 12.76 -7.71
C LYS A 61 -6.17 12.24 -8.00
N VAL A 62 -6.08 10.95 -8.22
CA VAL A 62 -4.79 10.31 -8.51
C VAL A 62 -4.98 9.27 -9.62
N VAL A 63 -4.01 9.24 -10.51
CA VAL A 63 -4.04 8.31 -11.63
C VAL A 63 -2.95 7.26 -11.44
N CYS A 64 -3.38 6.05 -11.09
CA CYS A 64 -2.45 4.95 -10.88
C CYS A 64 -1.37 5.02 -11.97
N ASP A 65 -0.26 4.38 -11.68
CA ASP A 65 0.86 4.36 -12.61
C ASP A 65 1.15 2.92 -13.01
N LYS A 66 1.19 2.05 -12.00
CA LYS A 66 1.47 0.64 -12.24
C LYS A 66 1.50 -0.09 -10.90
N ARG A 67 2.30 0.44 -9.98
CA ARG A 67 2.43 -0.15 -8.66
C ARG A 67 1.11 -0.07 -7.91
N LEU A 68 0.62 1.16 -7.75
CA LEU A 68 -0.64 1.38 -7.07
C LEU A 68 -1.66 0.31 -7.50
N VAL A 69 -1.69 0.07 -8.80
CA VAL A 69 -2.60 -0.91 -9.35
C VAL A 69 -2.33 -2.28 -8.71
N LEU A 70 -1.10 -2.71 -8.84
CA LEU A 70 -0.69 -3.99 -8.26
C LEU A 70 -1.02 -4.01 -6.77
N LEU A 71 -1.16 -2.81 -6.22
CA LEU A 71 -1.47 -2.67 -4.81
C LEU A 71 -2.98 -2.77 -4.60
N PHE A 72 -3.67 -1.73 -5.04
CA PHE A 72 -5.12 -1.68 -4.92
C PHE A 72 -5.79 -2.43 -6.08
N GLY A 73 -5.43 -2.02 -7.28
CA GLY A 73 -5.99 -2.63 -8.48
C GLY A 73 -6.92 -1.66 -9.21
N THR A 74 -7.00 -0.46 -8.67
CA THR A 74 -7.85 0.57 -9.26
C THR A 74 -7.03 1.48 -10.18
N ARG A 75 -7.73 2.18 -11.06
CA ARG A 75 -7.08 3.07 -11.99
C ARG A 75 -6.90 4.46 -11.36
N THR A 76 -7.98 4.94 -10.76
CA THR A 76 -7.96 6.24 -10.12
C THR A 76 -8.33 6.12 -8.64
N ILE A 77 -7.71 6.96 -7.83
CA ILE A 77 -7.96 6.95 -6.40
C ILE A 77 -7.76 8.36 -5.85
N PHE A 78 -8.08 8.51 -4.56
CA PHE A 78 -7.94 9.79 -3.91
C PHE A 78 -6.72 9.81 -2.99
N ARG A 79 -5.79 10.69 -3.30
CA ARG A 79 -4.57 10.82 -2.52
C ARG A 79 -4.89 10.73 -1.03
N MET A 80 -6.11 11.13 -0.69
CA MET A 80 -6.54 11.10 0.69
C MET A 80 -7.00 9.70 1.09
N LYS A 81 -7.92 9.16 0.28
CA LYS A 81 -8.44 7.83 0.54
C LYS A 81 -7.28 6.84 0.70
N VAL A 82 -6.14 7.22 0.15
CA VAL A 82 -4.95 6.40 0.22
C VAL A 82 -4.87 5.77 1.62
N TYR A 83 -4.68 6.63 2.61
CA TYR A 83 -4.59 6.17 3.98
C TYR A 83 -5.66 5.13 4.29
N ASP A 84 -6.89 5.46 3.92
CA ASP A 84 -8.01 4.58 4.16
C ASP A 84 -7.79 3.27 3.38
N LEU A 85 -7.53 3.42 2.09
CA LEU A 85 -7.30 2.28 1.24
C LEU A 85 -6.46 1.24 1.98
N LEU A 86 -5.42 1.74 2.64
CA LEU A 86 -4.54 0.86 3.40
C LEU A 86 -5.23 0.44 4.70
N GLU A 87 -5.58 -0.83 4.75
CA GLU A 87 -6.25 -1.37 5.93
C GLU A 87 -6.19 -2.90 5.91
N LYS A 88 -6.57 -3.47 4.77
CA LYS A 88 -6.56 -4.92 4.62
C LYS A 88 -5.14 -5.38 4.26
N HIS A 89 -4.35 -4.43 3.76
CA HIS A 89 -2.99 -4.74 3.37
C HIS A 89 -2.14 -4.95 4.62
N TYR A 90 -2.59 -4.37 5.72
CA TYR A 90 -1.88 -4.49 6.98
C TYR A 90 -2.51 -5.58 7.86
N LYS A 91 -1.65 -6.47 8.34
CA LYS A 91 -2.10 -7.56 9.19
C LYS A 91 -2.00 -7.13 10.66
N GLU A 92 -1.57 -8.09 11.48
CA GLU A 92 -1.43 -7.83 12.90
C GLU A 92 -2.67 -7.12 13.45
N ASN A 93 -3.60 -7.92 13.94
CA ASN A 93 -4.83 -7.39 14.49
C ASN A 93 -4.53 -6.73 15.85
N GLN A 94 -3.65 -7.36 16.60
CA GLN A 94 -3.27 -6.85 17.90
C GLN A 94 -2.42 -5.59 17.75
N ASP A 95 -3.03 -4.46 18.05
CA ASP A 95 -2.35 -3.18 17.95
C ASP A 95 -3.18 -2.10 18.66
N SER A 96 -2.55 -1.48 19.65
CA SER A 96 -3.22 -0.44 20.41
C SER A 96 -4.03 0.46 19.47
N GLY A 97 -5.32 0.52 19.73
CA GLY A 97 -6.21 1.33 18.92
C GLY A 97 -6.08 0.97 17.44
N PRO A 98 -6.92 1.66 16.61
CA PRO A 98 -7.84 2.66 17.13
C PRO A 98 -9.03 1.98 17.83
N SER A 99 -9.88 2.82 18.42
CA SER A 99 -11.05 2.33 19.11
C SER A 99 -12.16 2.00 18.10
N SER A 100 -12.63 3.04 17.43
CA SER A 100 -13.69 2.88 16.45
C SER A 100 -13.15 2.17 15.21
N GLY A 101 -12.16 2.81 14.60
CA GLY A 101 -11.54 2.25 13.40
C GLY A 101 -11.08 3.36 12.45
N GLY A 1 26.11 -2.31 -3.38
CA GLY A 1 24.80 -2.74 -2.92
C GLY A 1 24.80 -4.24 -2.60
N SER A 2 23.70 -4.88 -2.95
CA SER A 2 23.56 -6.31 -2.71
C SER A 2 23.52 -6.58 -1.22
N SER A 3 22.41 -7.19 -0.79
CA SER A 3 22.24 -7.51 0.62
C SER A 3 21.56 -8.88 0.75
N GLY A 4 20.36 -8.97 0.21
CA GLY A 4 19.61 -10.21 0.26
C GLY A 4 19.07 -10.47 1.67
N SER A 5 19.01 -11.74 2.02
CA SER A 5 18.52 -12.13 3.34
C SER A 5 17.07 -11.71 3.50
N SER A 6 16.17 -12.62 3.11
CA SER A 6 14.75 -12.35 3.21
C SER A 6 13.95 -13.52 2.62
N GLY A 7 13.16 -14.14 3.46
CA GLY A 7 12.34 -15.27 3.04
C GLY A 7 11.20 -15.52 4.03
N LYS A 8 9.99 -15.55 3.48
CA LYS A 8 8.80 -15.78 4.29
C LYS A 8 7.85 -16.70 3.54
N ARG A 9 7.75 -17.93 4.03
CA ARG A 9 6.88 -18.91 3.42
C ARG A 9 5.60 -19.06 4.23
N PHE A 10 5.23 -17.98 4.91
CA PHE A 10 4.03 -17.98 5.72
C PHE A 10 3.10 -16.82 5.33
N GLU A 11 1.95 -16.79 5.98
CA GLU A 11 0.98 -15.74 5.71
C GLU A 11 1.67 -14.39 5.59
N PHE A 12 1.14 -13.56 4.70
CA PHE A 12 1.69 -12.24 4.48
C PHE A 12 3.21 -12.31 4.25
N VAL A 13 3.83 -11.14 4.24
CA VAL A 13 5.26 -11.05 4.04
C VAL A 13 5.86 -10.07 5.04
N GLY A 14 5.89 -10.51 6.29
CA GLY A 14 6.44 -9.69 7.36
C GLY A 14 5.32 -9.15 8.27
N TRP A 15 4.79 -8.00 7.88
CA TRP A 15 3.73 -7.38 8.65
C TRP A 15 2.60 -7.02 7.67
N GLY A 16 2.98 -6.38 6.58
CA GLY A 16 2.02 -5.97 5.57
C GLY A 16 1.98 -6.98 4.42
N SER A 17 0.82 -7.05 3.77
CA SER A 17 0.64 -7.95 2.65
C SER A 17 1.62 -7.61 1.53
N ARG A 18 1.84 -8.57 0.66
CA ARG A 18 2.74 -8.39 -0.46
C ARG A 18 2.35 -7.14 -1.25
N GLN A 19 1.10 -7.11 -1.67
CA GLN A 19 0.58 -5.99 -2.44
C GLN A 19 1.16 -4.68 -1.91
N LEU A 20 1.12 -4.54 -0.59
CA LEU A 20 1.63 -3.35 0.05
C LEU A 20 3.16 -3.41 0.09
N ILE A 21 3.66 -4.46 0.72
CA ILE A 21 5.10 -4.65 0.83
C ILE A 21 5.75 -4.35 -0.51
N GLU A 22 5.42 -5.16 -1.50
CA GLU A 22 5.96 -4.99 -2.84
C GLU A 22 6.07 -3.50 -3.18
N PHE A 23 4.91 -2.87 -3.28
CA PHE A 23 4.86 -1.46 -3.60
C PHE A 23 5.94 -0.67 -2.84
N LEU A 24 6.06 -1.00 -1.56
CA LEU A 24 7.04 -0.34 -0.72
C LEU A 24 8.45 -0.81 -1.11
N HIS A 25 8.56 -2.12 -1.32
CA HIS A 25 9.83 -2.70 -1.70
C HIS A 25 10.41 -1.94 -2.89
N SER A 26 9.64 -1.92 -3.98
CA SER A 26 10.06 -1.24 -5.18
C SER A 26 10.57 0.16 -4.84
N LEU A 27 9.67 0.98 -4.33
CA LEU A 27 10.01 2.34 -3.95
C LEU A 27 11.39 2.35 -3.28
N GLY A 28 11.70 1.23 -2.63
CA GLY A 28 12.97 1.10 -1.94
C GLY A 28 12.81 1.27 -0.43
N LYS A 29 11.56 1.12 0.02
CA LYS A 29 11.26 1.25 1.43
C LYS A 29 11.96 0.13 2.20
N ASP A 30 12.53 0.52 3.34
CA ASP A 30 13.24 -0.43 4.17
C ASP A 30 12.31 -1.59 4.52
N THR A 31 11.05 -1.24 4.79
CA THR A 31 10.06 -2.24 5.12
C THR A 31 10.64 -3.27 6.09
N SER A 32 11.38 -2.77 7.06
CA SER A 32 12.01 -3.63 8.06
C SER A 32 11.00 -3.98 9.16
N GLU A 33 10.64 -2.97 9.93
CA GLU A 33 9.69 -3.16 11.01
C GLU A 33 8.32 -2.58 10.62
N MET A 34 7.28 -3.22 11.14
CA MET A 34 5.93 -2.78 10.85
C MET A 34 5.83 -1.25 10.85
N ILE A 35 5.62 -0.71 9.66
CA ILE A 35 5.51 0.73 9.51
C ILE A 35 4.07 1.16 9.81
N SER A 36 3.94 2.43 10.19
CA SER A 36 2.63 2.97 10.51
C SER A 36 1.92 3.41 9.24
N ARG A 37 0.62 3.13 9.20
CA ARG A 37 -0.19 3.48 8.05
C ARG A 37 0.14 4.91 7.58
N TYR A 38 0.05 5.84 8.51
CA TYR A 38 0.34 7.23 8.22
C TYR A 38 1.63 7.37 7.41
N ASP A 39 2.62 6.57 7.81
CA ASP A 39 3.91 6.59 7.14
C ASP A 39 3.71 6.25 5.66
N VAL A 40 3.33 5.01 5.42
CA VAL A 40 3.11 4.55 4.06
C VAL A 40 2.38 5.64 3.27
N SER A 41 1.21 6.00 3.76
CA SER A 41 0.42 7.03 3.11
C SER A 41 1.32 8.17 2.63
N ASP A 42 2.04 8.75 3.58
CA ASP A 42 2.95 9.84 3.27
C ASP A 42 3.81 9.47 2.06
N THR A 43 4.42 8.30 2.14
CA THR A 43 5.26 7.83 1.05
C THR A 43 4.48 7.79 -0.26
N ILE A 44 3.21 7.42 -0.14
CA ILE A 44 2.35 7.34 -1.31
C ILE A 44 2.11 8.76 -1.85
N ALA A 45 1.62 9.62 -0.97
CA ALA A 45 1.34 10.99 -1.34
C ALA A 45 2.57 11.59 -2.04
N LYS A 46 3.73 11.33 -1.44
CA LYS A 46 4.98 11.82 -1.99
C LYS A 46 5.20 11.22 -3.38
N TYR A 47 5.18 9.90 -3.43
CA TYR A 47 5.38 9.19 -4.69
C TYR A 47 4.42 9.70 -5.76
N ILE A 48 3.18 9.92 -5.34
CA ILE A 48 2.16 10.41 -6.27
C ILE A 48 2.67 11.66 -6.97
N SER A 49 3.06 12.64 -6.17
CA SER A 49 3.58 13.89 -6.71
C SER A 49 4.87 13.63 -7.48
N LYS A 50 5.64 12.69 -6.97
CA LYS A 50 6.90 12.33 -7.61
C LYS A 50 6.64 11.85 -9.03
N GLU A 51 5.82 10.82 -9.13
CA GLU A 51 5.48 10.25 -10.42
C GLU A 51 4.31 11.02 -11.05
N GLY A 52 3.91 12.09 -10.37
CA GLY A 52 2.82 12.91 -10.83
C GLY A 52 1.60 12.06 -11.18
N LEU A 53 1.15 11.30 -10.19
CA LEU A 53 0.00 10.44 -10.38
C LEU A 53 -1.28 11.30 -10.38
N LEU A 54 -1.13 12.52 -9.90
CA LEU A 54 -2.25 13.44 -9.83
C LEU A 54 -3.04 13.37 -11.14
N ASP A 55 -4.25 13.88 -11.10
CA ASP A 55 -5.11 13.89 -12.27
C ASP A 55 -5.34 15.33 -12.73
N PRO A 56 -5.21 15.53 -14.07
CA PRO A 56 -5.40 16.84 -14.66
C PRO A 56 -6.88 17.22 -14.70
N SER A 57 -7.71 16.25 -14.36
CA SER A 57 -9.15 16.46 -14.36
C SER A 57 -9.65 16.70 -12.94
N ASN A 58 -8.76 16.45 -11.98
CA ASN A 58 -9.09 16.63 -10.58
C ASN A 58 -7.90 16.21 -9.72
N LYS A 59 -7.09 17.19 -9.35
CA LYS A 59 -5.92 16.94 -8.53
C LYS A 59 -6.34 16.19 -7.27
N LYS A 60 -7.60 16.36 -6.92
CA LYS A 60 -8.15 15.70 -5.74
C LYS A 60 -8.03 14.19 -5.90
N LYS A 61 -7.89 13.77 -7.15
CA LYS A 61 -7.77 12.35 -7.45
C LYS A 61 -6.30 12.01 -7.73
N VAL A 62 -6.03 10.73 -7.86
CA VAL A 62 -4.69 10.26 -8.13
C VAL A 62 -4.73 9.07 -9.07
N VAL A 63 -4.20 9.26 -10.27
CA VAL A 63 -4.18 8.22 -11.27
C VAL A 63 -3.04 7.24 -10.95
N CYS A 64 -3.37 5.96 -11.01
CA CYS A 64 -2.39 4.92 -10.73
C CYS A 64 -1.23 5.08 -11.72
N ASP A 65 -0.09 4.55 -11.32
CA ASP A 65 1.10 4.62 -12.16
C ASP A 65 1.44 3.24 -12.69
N LYS A 66 1.46 2.27 -11.77
CA LYS A 66 1.77 0.90 -12.15
C LYS A 66 1.84 0.05 -10.88
N ARG A 67 2.55 0.57 -9.89
CA ARG A 67 2.70 -0.13 -8.62
C ARG A 67 1.40 -0.10 -7.83
N LEU A 68 0.84 1.10 -7.74
CA LEU A 68 -0.41 1.28 -7.02
C LEU A 68 -1.43 0.23 -7.48
N VAL A 69 -1.46 0.03 -8.78
CA VAL A 69 -2.38 -0.93 -9.37
C VAL A 69 -2.16 -2.29 -8.70
N LEU A 70 -0.94 -2.77 -8.78
CA LEU A 70 -0.59 -4.05 -8.19
C LEU A 70 -0.98 -4.06 -6.71
N LEU A 71 -1.06 -2.85 -6.16
CA LEU A 71 -1.42 -2.69 -4.75
C LEU A 71 -2.94 -2.72 -4.62
N PHE A 72 -3.57 -1.67 -5.12
CA PHE A 72 -5.01 -1.57 -5.05
C PHE A 72 -5.68 -2.37 -6.17
N GLY A 73 -5.34 -2.00 -7.40
CA GLY A 73 -5.89 -2.68 -8.56
C GLY A 73 -6.79 -1.75 -9.36
N THR A 74 -6.88 -0.51 -8.90
CA THR A 74 -7.71 0.49 -9.56
C THR A 74 -6.84 1.40 -10.42
N ARG A 75 -7.50 2.13 -11.32
CA ARG A 75 -6.81 3.04 -12.20
C ARG A 75 -6.69 4.42 -11.56
N THR A 76 -7.81 4.91 -11.06
CA THR A 76 -7.84 6.21 -10.41
C THR A 76 -8.25 6.07 -8.95
N ILE A 77 -7.67 6.91 -8.11
CA ILE A 77 -7.98 6.89 -6.69
C ILE A 77 -8.00 8.33 -6.16
N PHE A 78 -8.09 8.44 -4.85
CA PHE A 78 -8.11 9.74 -4.20
C PHE A 78 -6.96 9.88 -3.21
N ARG A 79 -6.22 10.98 -3.37
CA ARG A 79 -5.09 11.26 -2.50
C ARG A 79 -5.52 11.18 -1.03
N MET A 80 -6.79 11.45 -0.80
CA MET A 80 -7.34 11.42 0.54
C MET A 80 -7.99 10.08 0.84
N LYS A 81 -7.75 9.13 -0.06
CA LYS A 81 -8.31 7.80 0.09
C LYS A 81 -7.17 6.80 0.36
N VAL A 82 -6.00 7.15 -0.15
CA VAL A 82 -4.84 6.30 0.03
C VAL A 82 -4.83 5.72 1.44
N TYR A 83 -4.56 6.59 2.40
CA TYR A 83 -4.52 6.18 3.79
C TYR A 83 -5.63 5.16 4.09
N ASP A 84 -6.84 5.53 3.71
CA ASP A 84 -8.00 4.67 3.94
C ASP A 84 -7.79 3.35 3.19
N LEU A 85 -7.53 3.46 1.90
CA LEU A 85 -7.30 2.29 1.07
C LEU A 85 -6.48 1.28 1.84
N LEU A 86 -5.50 1.79 2.59
CA LEU A 86 -4.64 0.94 3.38
C LEU A 86 -5.38 0.51 4.65
N GLU A 87 -5.65 -0.79 4.73
CA GLU A 87 -6.34 -1.33 5.88
C GLU A 87 -6.15 -2.85 5.94
N LYS A 88 -6.65 -3.51 4.91
CA LYS A 88 -6.54 -4.96 4.84
C LYS A 88 -5.07 -5.35 4.59
N HIS A 89 -4.45 -4.63 3.68
CA HIS A 89 -3.06 -4.88 3.34
C HIS A 89 -2.25 -5.08 4.63
N TYR A 90 -2.72 -4.44 5.68
CA TYR A 90 -2.05 -4.54 6.97
C TYR A 90 -2.62 -5.68 7.80
N LYS A 91 -1.73 -6.40 8.46
CA LYS A 91 -2.13 -7.52 9.29
C LYS A 91 -2.71 -7.00 10.60
N GLU A 92 -2.33 -7.66 11.69
CA GLU A 92 -2.80 -7.27 13.01
C GLU A 92 -4.33 -7.38 13.08
N ASN A 93 -4.77 -8.50 13.65
CA ASN A 93 -6.19 -8.76 13.78
C ASN A 93 -6.86 -7.53 14.41
N GLN A 94 -8.05 -7.22 13.90
CA GLN A 94 -8.81 -6.08 14.40
C GLN A 94 -10.17 -6.53 14.92
N ASP A 95 -10.77 -5.67 15.72
CA ASP A 95 -12.07 -5.97 16.29
C ASP A 95 -12.60 -4.72 17.01
N SER A 96 -13.79 -4.30 16.60
CA SER A 96 -14.42 -3.14 17.20
C SER A 96 -15.89 -3.07 16.80
N GLY A 97 -16.74 -2.91 17.80
CA GLY A 97 -18.17 -2.83 17.57
C GLY A 97 -18.94 -3.72 18.54
N PRO A 98 -20.29 -3.68 18.42
CA PRO A 98 -20.93 -2.84 17.42
C PRO A 98 -20.89 -1.36 17.85
N SER A 99 -20.38 -0.53 16.94
CA SER A 99 -20.28 0.88 17.20
C SER A 99 -19.92 1.63 15.91
N SER A 100 -20.21 2.93 15.92
CA SER A 100 -19.92 3.77 14.76
C SER A 100 -20.68 3.23 13.54
N GLY A 101 -21.63 4.03 13.08
CA GLY A 101 -22.43 3.66 11.93
C GLY A 101 -22.48 4.80 10.91
#